data_1Z4R
# 
_entry.id   1Z4R 
# 
_audit_conform.dict_name       mmcif_pdbx.dic 
_audit_conform.dict_version    5.376 
_audit_conform.dict_location   http://mmcif.pdb.org/dictionaries/ascii/mmcif_pdbx.dic 
# 
loop_
_database_2.database_id 
_database_2.database_code 
_database_2.pdbx_database_accession 
_database_2.pdbx_DOI 
PDB   1Z4R         pdb_00001z4r 10.2210/pdb1z4r/pdb 
RCSB  RCSB032296   ?            ?                   
WWPDB D_1000032296 ?            ?                   
# 
_pdbx_database_status.status_code                     REL 
_pdbx_database_status.entry_id                        1Z4R 
_pdbx_database_status.recvd_initial_deposition_date   2005-03-16 
_pdbx_database_status.deposit_site                    RCSB 
_pdbx_database_status.process_site                    RCSB 
_pdbx_database_status.status_code_sf                  REL 
_pdbx_database_status.status_code_mr                  ? 
_pdbx_database_status.SG_entry                        Y 
_pdbx_database_status.pdb_format_compatible           Y 
_pdbx_database_status.status_code_cs                  ? 
_pdbx_database_status.status_code_nmr_data            ? 
_pdbx_database_status.methods_development_category    ? 
# 
loop_
_audit_author.name 
_audit_author.pdbx_ordinal 
'Dong, A.'                             1  
'Bernstein, G.'                        2  
'Schuetz, A.'                          3  
'Antoshenko, T.'                       4  
'Wu, H.'                               5  
'Loppnau, P.'                          6  
'Sundstrom, M.'                        7  
'Arrowsmith, C.'                       8  
'Edwards, A.'                          9  
'Bochkarev, A.'                        10 
'Plotnikov, A.'                        11 
'Structural Genomics Consortium (SGC)' 12 
# 
_citation.id                        primary 
_citation.title                     
'Crystal structure of a binary complex between human GCN5 histone acetyltransferase domain and acetyl coenzyme A' 
_citation.journal_abbrev            Proteins 
_citation.journal_volume            68 
_citation.page_first                403 
_citation.page_last                 407 
_citation.year                      2007 
_citation.journal_id_ASTM           PSFGEY 
_citation.country                   US 
_citation.journal_id_ISSN           0887-3585 
_citation.journal_id_CSD            0867 
_citation.book_publisher            ? 
_citation.pdbx_database_id_PubMed   17410582 
_citation.pdbx_database_id_DOI      10.1002/prot.21407 
# 
loop_
_citation_author.citation_id 
_citation_author.name 
_citation_author.ordinal 
_citation_author.identifier_ORCID 
primary 'Schuetz, A.'     1 ? 
primary 'Bernstein, G.'   2 ? 
primary 'Dong, A.'        3 ? 
primary 'Antoshenko, T.'  4 ? 
primary 'Wu, H.'          5 ? 
primary 'Loppnau, P.'     6 ? 
primary 'Bochkarev, A.'   7 ? 
primary 'Plotnikov, A.N.' 8 ? 
# 
_cell.entry_id           1Z4R 
_cell.length_a           38.090 
_cell.length_b           38.090 
_cell.length_c           186.340 
_cell.angle_alpha        90.00 
_cell.angle_beta         90.00 
_cell.angle_gamma        120.00 
_cell.Z_PDB              6 
_cell.pdbx_unique_axis   ? 
_cell.length_a_esd       ? 
_cell.length_b_esd       ? 
_cell.length_c_esd       ? 
_cell.angle_alpha_esd    ? 
_cell.angle_beta_esd     ? 
_cell.angle_gamma_esd    ? 
# 
_symmetry.entry_id                         1Z4R 
_symmetry.space_group_name_H-M             'P 61' 
_symmetry.pdbx_full_space_group_name_H-M   ? 
_symmetry.cell_setting                     ? 
_symmetry.Int_Tables_number                169 
_symmetry.space_group_name_Hall            ? 
# 
loop_
_entity.id 
_entity.type 
_entity.src_method 
_entity.pdbx_description 
_entity.formula_weight 
_entity.pdbx_number_of_molecules 
_entity.pdbx_ec 
_entity.pdbx_mutation 
_entity.pdbx_fragment 
_entity.details 
1 polymer     man 'General control of amino acid synthesis protein 5-like 2' 19406.660 1   2.3.1.48 ? 'Residues 497-662' ? 
2 non-polymer syn 'ACETYL COENZYME *A'                                       809.571   1   ?        ? ?                  ? 
3 water       nat water                                                      18.015    131 ?        ? ?                  ? 
# 
_entity_name_com.entity_id   1 
_entity_name_com.name        'Histone acetyltransferase GCN5, hsGCN5, STAF97' 
# 
_entity_poly.entity_id                      1 
_entity_poly.type                           'polypeptide(L)' 
_entity_poly.nstd_linkage                   no 
_entity_poly.nstd_monomer                   no 
_entity_poly.pdbx_seq_one_letter_code       
;GSGIIEFHVIGNSLTPKANRRVLLWLVGLQNVFSHQLPRMPKEYIARLVFDPKHKTLALIKDGRVIGGICFRMFPTQGFT
EIVFCAVTSNEQVKGYGTHLMNHLKEYHIKHNILYFLTYADEYAIGYFKKQGFSKDIKVPKSRYLGYIKDYEGATLMECE
LNPRIPYT
;
_entity_poly.pdbx_seq_one_letter_code_can   
;GSGIIEFHVIGNSLTPKANRRVLLWLVGLQNVFSHQLPRMPKEYIARLVFDPKHKTLALIKDGRVIGGICFRMFPTQGFT
EIVFCAVTSNEQVKGYGTHLMNHLKEYHIKHNILYFLTYADEYAIGYFKKQGFSKDIKVPKSRYLGYIKDYEGATLMECE
LNPRIPYT
;
_entity_poly.pdbx_strand_id                 A 
_entity_poly.pdbx_target_identifier         ? 
# 
loop_
_entity_poly_seq.entity_id 
_entity_poly_seq.num 
_entity_poly_seq.mon_id 
_entity_poly_seq.hetero 
1 1   GLY n 
1 2   SER n 
1 3   GLY n 
1 4   ILE n 
1 5   ILE n 
1 6   GLU n 
1 7   PHE n 
1 8   HIS n 
1 9   VAL n 
1 10  ILE n 
1 11  GLY n 
1 12  ASN n 
1 13  SER n 
1 14  LEU n 
1 15  THR n 
1 16  PRO n 
1 17  LYS n 
1 18  ALA n 
1 19  ASN n 
1 20  ARG n 
1 21  ARG n 
1 22  VAL n 
1 23  LEU n 
1 24  LEU n 
1 25  TRP n 
1 26  LEU n 
1 27  VAL n 
1 28  GLY n 
1 29  LEU n 
1 30  GLN n 
1 31  ASN n 
1 32  VAL n 
1 33  PHE n 
1 34  SER n 
1 35  HIS n 
1 36  GLN n 
1 37  LEU n 
1 38  PRO n 
1 39  ARG n 
1 40  MET n 
1 41  PRO n 
1 42  LYS n 
1 43  GLU n 
1 44  TYR n 
1 45  ILE n 
1 46  ALA n 
1 47  ARG n 
1 48  LEU n 
1 49  VAL n 
1 50  PHE n 
1 51  ASP n 
1 52  PRO n 
1 53  LYS n 
1 54  HIS n 
1 55  LYS n 
1 56  THR n 
1 57  LEU n 
1 58  ALA n 
1 59  LEU n 
1 60  ILE n 
1 61  LYS n 
1 62  ASP n 
1 63  GLY n 
1 64  ARG n 
1 65  VAL n 
1 66  ILE n 
1 67  GLY n 
1 68  GLY n 
1 69  ILE n 
1 70  CYS n 
1 71  PHE n 
1 72  ARG n 
1 73  MET n 
1 74  PHE n 
1 75  PRO n 
1 76  THR n 
1 77  GLN n 
1 78  GLY n 
1 79  PHE n 
1 80  THR n 
1 81  GLU n 
1 82  ILE n 
1 83  VAL n 
1 84  PHE n 
1 85  CYS n 
1 86  ALA n 
1 87  VAL n 
1 88  THR n 
1 89  SER n 
1 90  ASN n 
1 91  GLU n 
1 92  GLN n 
1 93  VAL n 
1 94  LYS n 
1 95  GLY n 
1 96  TYR n 
1 97  GLY n 
1 98  THR n 
1 99  HIS n 
1 100 LEU n 
1 101 MET n 
1 102 ASN n 
1 103 HIS n 
1 104 LEU n 
1 105 LYS n 
1 106 GLU n 
1 107 TYR n 
1 108 HIS n 
1 109 ILE n 
1 110 LYS n 
1 111 HIS n 
1 112 ASN n 
1 113 ILE n 
1 114 LEU n 
1 115 TYR n 
1 116 PHE n 
1 117 LEU n 
1 118 THR n 
1 119 TYR n 
1 120 ALA n 
1 121 ASP n 
1 122 GLU n 
1 123 TYR n 
1 124 ALA n 
1 125 ILE n 
1 126 GLY n 
1 127 TYR n 
1 128 PHE n 
1 129 LYS n 
1 130 LYS n 
1 131 GLN n 
1 132 GLY n 
1 133 PHE n 
1 134 SER n 
1 135 LYS n 
1 136 ASP n 
1 137 ILE n 
1 138 LYS n 
1 139 VAL n 
1 140 PRO n 
1 141 LYS n 
1 142 SER n 
1 143 ARG n 
1 144 TYR n 
1 145 LEU n 
1 146 GLY n 
1 147 TYR n 
1 148 ILE n 
1 149 LYS n 
1 150 ASP n 
1 151 TYR n 
1 152 GLU n 
1 153 GLY n 
1 154 ALA n 
1 155 THR n 
1 156 LEU n 
1 157 MET n 
1 158 GLU n 
1 159 CYS n 
1 160 GLU n 
1 161 LEU n 
1 162 ASN n 
1 163 PRO n 
1 164 ARG n 
1 165 ILE n 
1 166 PRO n 
1 167 TYR n 
1 168 THR n 
# 
_entity_src_gen.entity_id                          1 
_entity_src_gen.pdbx_src_id                        1 
_entity_src_gen.pdbx_alt_source_flag               sample 
_entity_src_gen.pdbx_seq_type                      ? 
_entity_src_gen.pdbx_beg_seq_num                   ? 
_entity_src_gen.pdbx_end_seq_num                   ? 
_entity_src_gen.gene_src_common_name               human 
_entity_src_gen.gene_src_genus                     Homo 
_entity_src_gen.pdbx_gene_src_gene                 GCN5 
_entity_src_gen.gene_src_species                   ? 
_entity_src_gen.gene_src_strain                    ? 
_entity_src_gen.gene_src_tissue                    ? 
_entity_src_gen.gene_src_tissue_fraction           ? 
_entity_src_gen.gene_src_details                   ? 
_entity_src_gen.pdbx_gene_src_fragment             ? 
_entity_src_gen.pdbx_gene_src_scientific_name      'Homo sapiens' 
_entity_src_gen.pdbx_gene_src_ncbi_taxonomy_id     9606 
_entity_src_gen.pdbx_gene_src_variant              ? 
_entity_src_gen.pdbx_gene_src_cell_line            ? 
_entity_src_gen.pdbx_gene_src_atcc                 ? 
_entity_src_gen.pdbx_gene_src_organ                ? 
_entity_src_gen.pdbx_gene_src_organelle            ? 
_entity_src_gen.pdbx_gene_src_cell                 ? 
_entity_src_gen.pdbx_gene_src_cellular_location    ? 
_entity_src_gen.host_org_common_name               ? 
_entity_src_gen.pdbx_host_org_scientific_name      'Escherichia coli' 
_entity_src_gen.pdbx_host_org_ncbi_taxonomy_id     562 
_entity_src_gen.host_org_genus                     Escherichia 
_entity_src_gen.pdbx_host_org_gene                 ? 
_entity_src_gen.pdbx_host_org_organ                ? 
_entity_src_gen.host_org_species                   ? 
_entity_src_gen.pdbx_host_org_tissue               ? 
_entity_src_gen.pdbx_host_org_tissue_fraction      ? 
_entity_src_gen.pdbx_host_org_strain               ? 
_entity_src_gen.pdbx_host_org_variant              ? 
_entity_src_gen.pdbx_host_org_cell_line            ? 
_entity_src_gen.pdbx_host_org_atcc                 ? 
_entity_src_gen.pdbx_host_org_culture_collection   ? 
_entity_src_gen.pdbx_host_org_cell                 ? 
_entity_src_gen.pdbx_host_org_organelle            ? 
_entity_src_gen.pdbx_host_org_cellular_location    ? 
_entity_src_gen.pdbx_host_org_vector_type          ? 
_entity_src_gen.pdbx_host_org_vector               ? 
_entity_src_gen.host_org_details                   ? 
_entity_src_gen.expression_system_id               ? 
_entity_src_gen.plasmid_name                       ? 
_entity_src_gen.plasmid_details                    ? 
_entity_src_gen.pdbx_description                   ? 
# 
_struct_ref.id                         1 
_struct_ref.db_name                    UNP 
_struct_ref.db_code                    GCNL2_HUMAN 
_struct_ref.pdbx_db_accession          Q92830 
_struct_ref.entity_id                  1 
_struct_ref.pdbx_seq_one_letter_code   
;GIIEFHVIGNSLTPKANRRVLLWLVGLQNVFSHQLPRMPKEYIARLVFDPKHKTLALIKDGRVIGGICFRMFPTQGFTEI
VFCAVTSNEQVKGYGTHLMNHLKEYHIKHNILYFLTYADEYAIGYFKKQGFSKDIKVPKSRYLGYIKDYEGATLMECELN
PRIPYT
;
_struct_ref.pdbx_align_begin           497 
_struct_ref.pdbx_db_isoform            ? 
# 
_struct_ref_seq.align_id                      1 
_struct_ref_seq.ref_id                        1 
_struct_ref_seq.pdbx_PDB_id_code              1Z4R 
_struct_ref_seq.pdbx_strand_id                A 
_struct_ref_seq.seq_align_beg                 3 
_struct_ref_seq.pdbx_seq_align_beg_ins_code   ? 
_struct_ref_seq.seq_align_end                 168 
_struct_ref_seq.pdbx_seq_align_end_ins_code   ? 
_struct_ref_seq.pdbx_db_accession             Q92830 
_struct_ref_seq.db_align_beg                  497 
_struct_ref_seq.pdbx_db_align_beg_ins_code    ? 
_struct_ref_seq.db_align_end                  662 
_struct_ref_seq.pdbx_db_align_end_ins_code    ? 
_struct_ref_seq.pdbx_auth_seq_align_beg       497 
_struct_ref_seq.pdbx_auth_seq_align_end       662 
# 
loop_
_struct_ref_seq_dif.align_id 
_struct_ref_seq_dif.pdbx_pdb_id_code 
_struct_ref_seq_dif.mon_id 
_struct_ref_seq_dif.pdbx_pdb_strand_id 
_struct_ref_seq_dif.seq_num 
_struct_ref_seq_dif.pdbx_pdb_ins_code 
_struct_ref_seq_dif.pdbx_seq_db_name 
_struct_ref_seq_dif.pdbx_seq_db_accession_code 
_struct_ref_seq_dif.db_mon_id 
_struct_ref_seq_dif.pdbx_seq_db_seq_num 
_struct_ref_seq_dif.details 
_struct_ref_seq_dif.pdbx_auth_seq_num 
_struct_ref_seq_dif.pdbx_ordinal 
1 1Z4R GLY A 1 ? UNP Q92830 ? ? 'cloning artifact' 495 1 
1 1Z4R SER A 2 ? UNP Q92830 ? ? 'cloning artifact' 496 2 
# 
loop_
_chem_comp.id 
_chem_comp.type 
_chem_comp.mon_nstd_flag 
_chem_comp.name 
_chem_comp.pdbx_synonyms 
_chem_comp.formula 
_chem_comp.formula_weight 
ACO non-polymer         . 'ACETYL COENZYME *A' ? 'C23 H38 N7 O17 P3 S' 809.571 
ALA 'L-peptide linking' y ALANINE              ? 'C3 H7 N O2'          89.093  
ARG 'L-peptide linking' y ARGININE             ? 'C6 H15 N4 O2 1'      175.209 
ASN 'L-peptide linking' y ASPARAGINE           ? 'C4 H8 N2 O3'         132.118 
ASP 'L-peptide linking' y 'ASPARTIC ACID'      ? 'C4 H7 N O4'          133.103 
CYS 'L-peptide linking' y CYSTEINE             ? 'C3 H7 N O2 S'        121.158 
GLN 'L-peptide linking' y GLUTAMINE            ? 'C5 H10 N2 O3'        146.144 
GLU 'L-peptide linking' y 'GLUTAMIC ACID'      ? 'C5 H9 N O4'          147.129 
GLY 'peptide linking'   y GLYCINE              ? 'C2 H5 N O2'          75.067  
HIS 'L-peptide linking' y HISTIDINE            ? 'C6 H10 N3 O2 1'      156.162 
HOH non-polymer         . WATER                ? 'H2 O'                18.015  
ILE 'L-peptide linking' y ISOLEUCINE           ? 'C6 H13 N O2'         131.173 
LEU 'L-peptide linking' y LEUCINE              ? 'C6 H13 N O2'         131.173 
LYS 'L-peptide linking' y LYSINE               ? 'C6 H15 N2 O2 1'      147.195 
MET 'L-peptide linking' y METHIONINE           ? 'C5 H11 N O2 S'       149.211 
PHE 'L-peptide linking' y PHENYLALANINE        ? 'C9 H11 N O2'         165.189 
PRO 'L-peptide linking' y PROLINE              ? 'C5 H9 N O2'          115.130 
SER 'L-peptide linking' y SERINE               ? 'C3 H7 N O3'          105.093 
THR 'L-peptide linking' y THREONINE            ? 'C4 H9 N O3'          119.119 
TRP 'L-peptide linking' y TRYPTOPHAN           ? 'C11 H12 N2 O2'       204.225 
TYR 'L-peptide linking' y TYROSINE             ? 'C9 H11 N O3'         181.189 
VAL 'L-peptide linking' y VALINE               ? 'C5 H11 N O2'         117.146 
# 
_exptl.entry_id          1Z4R 
_exptl.method            'X-RAY DIFFRACTION' 
_exptl.crystals_number   1 
# 
_exptl_crystal.id                    1 
_exptl_crystal.density_meas          ? 
_exptl_crystal.density_Matthews      2.5 
_exptl_crystal.density_percent_sol   50 
_exptl_crystal.description           ? 
_exptl_crystal.F_000                 ? 
_exptl_crystal.preparation           ? 
# 
_exptl_crystal_grow.crystal_id      1 
_exptl_crystal_grow.method          'VAPOR DIFFUSION' 
_exptl_crystal_grow.temp            300 
_exptl_crystal_grow.temp_details    ? 
_exptl_crystal_grow.pH              7.0 
_exptl_crystal_grow.pdbx_details    '15% (v/v) ethanol, 100 mM Tris, pH 7.0, VAPOR DIFFUSION, temperature 300K' 
_exptl_crystal_grow.pdbx_pH_range   . 
# 
_diffrn.id                     1 
_diffrn.ambient_temp           100 
_diffrn.ambient_temp_details   ? 
_diffrn.crystal_id             1 
# 
_diffrn_detector.diffrn_id              1 
_diffrn_detector.detector               'IMAGE PLATE' 
_diffrn_detector.type                   'RIGAKU RAXIS IV' 
_diffrn_detector.pdbx_collection_date   2005-03-08 
_diffrn_detector.details                VeriMax 
# 
_diffrn_radiation.diffrn_id                        1 
_diffrn_radiation.wavelength_id                    1 
_diffrn_radiation.pdbx_monochromatic_or_laue_m_l   M 
_diffrn_radiation.monochromator                    ? 
_diffrn_radiation.pdbx_diffrn_protocol             'SINGLE WAVELENGTH' 
_diffrn_radiation.pdbx_scattering_type             x-ray 
# 
_diffrn_radiation_wavelength.id           1 
_diffrn_radiation_wavelength.wavelength   1.5418 
_diffrn_radiation_wavelength.wt           1.0 
# 
_diffrn_source.diffrn_id                   1 
_diffrn_source.source                      'ROTATING ANODE' 
_diffrn_source.type                        'RIGAKU FR-E' 
_diffrn_source.pdbx_synchrotron_site       ? 
_diffrn_source.pdbx_synchrotron_beamline   ? 
_diffrn_source.pdbx_wavelength             1.5418 
_diffrn_source.pdbx_wavelength_list        ? 
# 
_reflns.entry_id                     1Z4R 
_reflns.observed_criterion_sigma_I   -3 
_reflns.observed_criterion_sigma_F   0 
_reflns.d_resolution_low             32.98 
_reflns.d_resolution_high            1.68 
_reflns.number_obs                   15315 
_reflns.number_all                   ? 
_reflns.percent_possible_obs         87.2 
_reflns.pdbx_Rmerge_I_obs            0.056 
_reflns.pdbx_Rsym_value              0.056 
_reflns.pdbx_netI_over_sigmaI        19.7 
_reflns.B_iso_Wilson_estimate        20.9 
_reflns.pdbx_redundancy              6.71 
_reflns.R_free_details               ? 
_reflns.limit_h_max                  ? 
_reflns.limit_h_min                  ? 
_reflns.limit_k_max                  ? 
_reflns.limit_k_min                  ? 
_reflns.limit_l_max                  ? 
_reflns.limit_l_min                  ? 
_reflns.observed_criterion_F_max     ? 
_reflns.observed_criterion_F_min     ? 
_reflns.pdbx_chi_squared             ? 
_reflns.pdbx_scaling_rejects         ? 
_reflns.pdbx_diffrn_id               1 
_reflns.pdbx_ordinal                 1 
# 
_reflns_shell.d_res_high             1.68 
_reflns_shell.d_res_low              1.74 
_reflns_shell.percent_possible_all   87.2 
_reflns_shell.Rmerge_I_obs           0.169 
_reflns_shell.pdbx_Rsym_value        0.169 
_reflns_shell.meanI_over_sigI_obs    3.3 
_reflns_shell.pdbx_redundancy        1.73 
_reflns_shell.percent_possible_obs   ? 
_reflns_shell.number_unique_all      1792 
_reflns_shell.number_measured_all    ? 
_reflns_shell.number_measured_obs    ? 
_reflns_shell.number_unique_obs      ? 
_reflns_shell.pdbx_chi_squared       ? 
_reflns_shell.pdbx_diffrn_id         ? 
_reflns_shell.pdbx_ordinal           1 
# 
_refine.entry_id                                 1Z4R 
_refine.ls_number_reflns_obs                     14729 
_refine.ls_number_reflns_all                     ? 
_refine.pdbx_ls_sigma_I                          0 
_refine.pdbx_ls_sigma_F                          0.0 
_refine.pdbx_data_cutoff_high_absF               762661.16 
_refine.pdbx_data_cutoff_low_absF                0.000000 
_refine.pdbx_data_cutoff_high_rms_absF           ? 
_refine.ls_d_res_low                             32.98 
_refine.ls_d_res_high                            1.74 
_refine.ls_percent_reflns_obs                    94.3 
_refine.ls_R_factor_obs                          0.197 
_refine.ls_R_factor_all                          0.197 
_refine.ls_R_factor_R_work                       0.197 
_refine.ls_R_factor_R_free                       0.24 
_refine.ls_R_factor_R_free_error                 0.010 
_refine.ls_R_factor_R_free_error_details         ? 
_refine.ls_percent_reflns_R_free                 4.0 
_refine.ls_number_reflns_R_free                  592 
_refine.ls_number_parameters                     ? 
_refine.ls_number_restraints                     ? 
_refine.occupancy_min                            ? 
_refine.occupancy_max                            ? 
_refine.correlation_coeff_Fo_to_Fc               ? 
_refine.correlation_coeff_Fo_to_Fc_free          ? 
_refine.B_iso_mean                               22.9 
_refine.aniso_B[1][1]                            3.09 
_refine.aniso_B[2][2]                            3.09 
_refine.aniso_B[3][3]                            -6.19 
_refine.aniso_B[1][2]                            2.58 
_refine.aniso_B[1][3]                            0.00 
_refine.aniso_B[2][3]                            0.00 
_refine.solvent_model_details                    'FLAT MODEL' 
_refine.solvent_model_param_ksol                 0.3745 
_refine.solvent_model_param_bsol                 47.6544 
_refine.pdbx_solvent_vdw_probe_radii             ? 
_refine.pdbx_solvent_ion_probe_radii             ? 
_refine.pdbx_solvent_shrinkage_radii             ? 
_refine.pdbx_ls_cross_valid_method               THROUGHOUT 
_refine.details                                  ? 
_refine.pdbx_starting_model                      1YGH 
_refine.pdbx_method_to_determine_struct          'MOLECULAR REPLACEMENT' 
_refine.pdbx_isotropic_thermal_model             RESTRAINED 
_refine.pdbx_stereochemistry_target_values       ? 
_refine.pdbx_stereochem_target_val_spec_case     ? 
_refine.pdbx_R_Free_selection_details            RANDOM 
_refine.pdbx_overall_ESU_R                       ? 
_refine.pdbx_overall_ESU_R_Free                  ? 
_refine.overall_SU_ML                            ? 
_refine.overall_SU_B                             ? 
_refine.ls_redundancy_reflns_obs                 ? 
_refine.B_iso_min                                ? 
_refine.B_iso_max                                ? 
_refine.overall_SU_R_Cruickshank_DPI             ? 
_refine.overall_SU_R_free                        ? 
_refine.ls_wR_factor_R_free                      ? 
_refine.ls_wR_factor_R_work                      ? 
_refine.overall_FOM_free_R_set                   ? 
_refine.overall_FOM_work_R_set                   ? 
_refine.pdbx_overall_phase_error                 ? 
_refine.pdbx_refine_id                           'X-RAY DIFFRACTION' 
_refine.pdbx_diffrn_id                           1 
_refine.pdbx_TLS_residual_ADP_flag               ? 
_refine.pdbx_overall_SU_R_free_Cruickshank_DPI   ? 
_refine.pdbx_overall_SU_R_Blow_DPI               ? 
_refine.pdbx_overall_SU_R_free_Blow_DPI          ? 
# 
_refine_analyze.entry_id                        1Z4R 
_refine_analyze.Luzzati_coordinate_error_obs    0.20 
_refine_analyze.Luzzati_sigma_a_obs             0.13 
_refine_analyze.Luzzati_d_res_low_obs           5.00 
_refine_analyze.Luzzati_coordinate_error_free   0.26 
_refine_analyze.Luzzati_sigma_a_free            0.17 
_refine_analyze.Luzzati_d_res_low_free          ? 
_refine_analyze.number_disordered_residues      ? 
_refine_analyze.occupancy_sum_hydrogen          ? 
_refine_analyze.occupancy_sum_non_hydrogen      ? 
_refine_analyze.pdbx_Luzzati_d_res_high_obs     ? 
_refine_analyze.pdbx_refine_id                  'X-RAY DIFFRACTION' 
# 
_refine_hist.pdbx_refine_id                   'X-RAY DIFFRACTION' 
_refine_hist.cycle_id                         LAST 
_refine_hist.pdbx_number_atoms_protein        1330 
_refine_hist.pdbx_number_atoms_nucleic_acid   0 
_refine_hist.pdbx_number_atoms_ligand         51 
_refine_hist.number_atoms_solvent             131 
_refine_hist.number_atoms_total               1512 
_refine_hist.d_res_high                       1.74 
_refine_hist.d_res_low                        32.98 
# 
loop_
_refine_ls_restr.type 
_refine_ls_restr.dev_ideal 
_refine_ls_restr.dev_ideal_target 
_refine_ls_restr.weight 
_refine_ls_restr.number 
_refine_ls_restr.pdbx_refine_id 
_refine_ls_restr.pdbx_restraint_function 
c_bond_d           0.005 ?    ? ? 'X-RAY DIFFRACTION' ? 
c_angle_deg        1.2   ?    ? ? 'X-RAY DIFFRACTION' ? 
c_dihedral_angle_d 22.9  ?    ? ? 'X-RAY DIFFRACTION' ? 
c_improper_angle_d 0.87  ?    ? ? 'X-RAY DIFFRACTION' ? 
c_mcbond_it        1.25  1.50 ? ? 'X-RAY DIFFRACTION' ? 
c_mcangle_it       1.92  2.00 ? ? 'X-RAY DIFFRACTION' ? 
c_scbond_it        2.16  2.00 ? ? 'X-RAY DIFFRACTION' ? 
c_scangle_it       3.04  2.50 ? ? 'X-RAY DIFFRACTION' ? 
# 
_refine_ls_shell.pdbx_total_number_of_bins_used   6 
_refine_ls_shell.d_res_high                       1.74 
_refine_ls_shell.d_res_low                        1.85 
_refine_ls_shell.number_reflns_R_work             1750 
_refine_ls_shell.R_factor_R_work                  0.275 
_refine_ls_shell.percent_reflns_obs               71.6 
_refine_ls_shell.R_factor_R_free                  0.297 
_refine_ls_shell.R_factor_R_free_error            0.032 
_refine_ls_shell.percent_reflns_R_free            4.7 
_refine_ls_shell.number_reflns_R_free             86 
_refine_ls_shell.number_reflns_obs                ? 
_refine_ls_shell.redundancy_reflns_obs            ? 
_refine_ls_shell.number_reflns_all                ? 
_refine_ls_shell.R_factor_all                     ? 
_refine_ls_shell.pdbx_refine_id                   'X-RAY DIFFRACTION' 
# 
loop_
_pdbx_xplor_file.serial_no 
_pdbx_xplor_file.param_file 
_pdbx_xplor_file.topol_file 
_pdbx_xplor_file.pdbx_refine_id 
1 PROTEIN_REP.PARAM PROTEIN.TOP       'X-RAY DIFFRACTION' 
2 WATER_REP.PARAM   WATER_REP.TOP     'X-RAY DIFFRACTION' 
3 COA_XPLOR_PAR.TXT COA_XPLOR_TOP.TXT 'X-RAY DIFFRACTION' 
# 
_struct.entry_id                  1Z4R 
_struct.title                     'Human GCN5 Acetyltransferase' 
_struct.pdbx_model_details        ? 
_struct.pdbx_CASP_flag            ? 
_struct.pdbx_model_type_details   ? 
# 
_struct_keywords.entry_id        1Z4R 
_struct_keywords.pdbx_keywords   TRANSFERASE 
_struct_keywords.text            'GCN5, Acetyltransferase, SGC, Structural Genomics, Structural Genomics Consortium, TRANSFERASE' 
# 
loop_
_struct_asym.id 
_struct_asym.pdbx_blank_PDB_chainid_flag 
_struct_asym.pdbx_modified 
_struct_asym.entity_id 
_struct_asym.details 
A N N 1 ? 
B N N 2 ? 
C N N 3 ? 
# 
loop_
_struct_conf.conf_type_id 
_struct_conf.id 
_struct_conf.pdbx_PDB_helix_id 
_struct_conf.beg_label_comp_id 
_struct_conf.beg_label_asym_id 
_struct_conf.beg_label_seq_id 
_struct_conf.pdbx_beg_PDB_ins_code 
_struct_conf.end_label_comp_id 
_struct_conf.end_label_asym_id 
_struct_conf.end_label_seq_id 
_struct_conf.pdbx_end_PDB_ins_code 
_struct_conf.beg_auth_comp_id 
_struct_conf.beg_auth_asym_id 
_struct_conf.beg_auth_seq_id 
_struct_conf.end_auth_comp_id 
_struct_conf.end_auth_asym_id 
_struct_conf.end_auth_seq_id 
_struct_conf.pdbx_PDB_helix_class 
_struct_conf.details 
_struct_conf.pdbx_PDB_helix_length 
HELX_P HELX_P1 1 ASN A 19  ? LEU A 37  ? ASN A 513 LEU A 531 1 ? 19 
HELX_P HELX_P2 2 PRO A 41  ? PHE A 50  ? PRO A 535 PHE A 544 1 ? 10 
HELX_P HELX_P3 3 SER A 89  ? GLN A 92  ? SER A 583 GLN A 586 5 ? 4  
HELX_P HELX_P4 4 GLY A 95  ? HIS A 111 ? GLY A 589 HIS A 605 1 ? 17 
HELX_P HELX_P5 5 ASP A 121 ? TYR A 123 ? ASP A 615 TYR A 617 5 ? 3  
HELX_P HELX_P6 6 ALA A 124 ? GLN A 131 ? ALA A 618 GLN A 625 1 ? 8  
HELX_P HELX_P7 7 PRO A 140 ? LEU A 145 ? PRO A 634 LEU A 639 1 ? 6  
# 
_struct_conf_type.id          HELX_P 
_struct_conf_type.criteria    ? 
_struct_conf_type.reference   ? 
# 
_struct_sheet.id               A 
_struct_sheet.type             ? 
_struct_sheet.number_strands   7 
_struct_sheet.details          ? 
# 
loop_
_struct_sheet_order.sheet_id 
_struct_sheet_order.range_id_1 
_struct_sheet_order.range_id_2 
_struct_sheet_order.offset 
_struct_sheet_order.sense 
A 1 2 ? anti-parallel 
A 2 3 ? anti-parallel 
A 3 4 ? anti-parallel 
A 4 5 ? parallel      
A 5 6 ? anti-parallel 
A 6 7 ? anti-parallel 
# 
loop_
_struct_sheet_range.sheet_id 
_struct_sheet_range.id 
_struct_sheet_range.beg_label_comp_id 
_struct_sheet_range.beg_label_asym_id 
_struct_sheet_range.beg_label_seq_id 
_struct_sheet_range.pdbx_beg_PDB_ins_code 
_struct_sheet_range.end_label_comp_id 
_struct_sheet_range.end_label_asym_id 
_struct_sheet_range.end_label_seq_id 
_struct_sheet_range.pdbx_end_PDB_ins_code 
_struct_sheet_range.beg_auth_comp_id 
_struct_sheet_range.beg_auth_asym_id 
_struct_sheet_range.beg_auth_seq_id 
_struct_sheet_range.end_auth_comp_id 
_struct_sheet_range.end_auth_asym_id 
_struct_sheet_range.end_auth_seq_id 
A 1 ILE A 5   ? ILE A 10  ? ILE A 499 ILE A 504 
A 2 LYS A 55  ? LYS A 61  ? LYS A 549 LYS A 555 
A 3 ARG A 64  ? PHE A 74  ? ARG A 558 PHE A 568 
A 4 PHE A 79  ? VAL A 87  ? PHE A 573 VAL A 581 
A 5 TYR A 115 ? ALA A 120 ? TYR A 609 ALA A 614 
A 6 THR A 155 ? GLU A 160 ? THR A 649 GLU A 654 
A 7 PHE A 133 ? SER A 134 ? PHE A 627 SER A 628 
# 
loop_
_pdbx_struct_sheet_hbond.sheet_id 
_pdbx_struct_sheet_hbond.range_id_1 
_pdbx_struct_sheet_hbond.range_id_2 
_pdbx_struct_sheet_hbond.range_1_label_atom_id 
_pdbx_struct_sheet_hbond.range_1_label_comp_id 
_pdbx_struct_sheet_hbond.range_1_label_asym_id 
_pdbx_struct_sheet_hbond.range_1_label_seq_id 
_pdbx_struct_sheet_hbond.range_1_PDB_ins_code 
_pdbx_struct_sheet_hbond.range_1_auth_atom_id 
_pdbx_struct_sheet_hbond.range_1_auth_comp_id 
_pdbx_struct_sheet_hbond.range_1_auth_asym_id 
_pdbx_struct_sheet_hbond.range_1_auth_seq_id 
_pdbx_struct_sheet_hbond.range_2_label_atom_id 
_pdbx_struct_sheet_hbond.range_2_label_comp_id 
_pdbx_struct_sheet_hbond.range_2_label_asym_id 
_pdbx_struct_sheet_hbond.range_2_label_seq_id 
_pdbx_struct_sheet_hbond.range_2_PDB_ins_code 
_pdbx_struct_sheet_hbond.range_2_auth_atom_id 
_pdbx_struct_sheet_hbond.range_2_auth_comp_id 
_pdbx_struct_sheet_hbond.range_2_auth_asym_id 
_pdbx_struct_sheet_hbond.range_2_auth_seq_id 
A 1 2 N HIS A 8   ? N HIS A 502 O ALA A 58  ? O ALA A 552 
A 2 3 N LYS A 55  ? N LYS A 549 O PHE A 71  ? O PHE A 565 
A 3 4 N ARG A 72  ? N ARG A 566 O GLU A 81  ? O GLU A 575 
A 4 5 N ILE A 82  ? N ILE A 576 O LEU A 117 ? O LEU A 611 
A 5 6 N THR A 118 ? N THR A 612 O MET A 157 ? O MET A 651 
A 6 7 O GLU A 158 ? O GLU A 652 N SER A 134 ? N SER A 628 
# 
_struct_site.id                   AC1 
_struct_site.pdbx_evidence_code   Software 
_struct_site.pdbx_auth_asym_id    A 
_struct_site.pdbx_auth_comp_id    ACO 
_struct_site.pdbx_auth_seq_id     401 
_struct_site.pdbx_auth_ins_code   ? 
_struct_site.pdbx_num_residues    34 
_struct_site.details              'BINDING SITE FOR RESIDUE ACO A 401' 
# 
loop_
_struct_site_gen.id 
_struct_site_gen.site_id 
_struct_site_gen.pdbx_num_res 
_struct_site_gen.label_comp_id 
_struct_site_gen.label_asym_id 
_struct_site_gen.label_seq_id 
_struct_site_gen.pdbx_auth_ins_code 
_struct_site_gen.auth_comp_id 
_struct_site_gen.auth_asym_id 
_struct_site_gen.auth_seq_id 
_struct_site_gen.label_atom_id 
_struct_site_gen.label_alt_id 
_struct_site_gen.symmetry 
_struct_site_gen.details 
1  AC1 34 HIS A 8   ? HIS A 502  . ? 5_554 ? 
2  AC1 34 ALA A 18  ? ALA A 512  . ? 5_554 ? 
3  AC1 34 ASN A 19  ? ASN A 513  . ? 5_554 ? 
4  AC1 34 ARG A 21  ? ARG A 515  . ? 5_554 ? 
5  AC1 34 TRP A 25  ? TRP A 519  . ? 5_554 ? 
6  AC1 34 GLN A 36  ? GLN A 530  . ? 1_555 ? 
7  AC1 34 LEU A 37  ? LEU A 531  . ? 1_555 ? 
8  AC1 34 ILE A 82  ? ILE A 576  . ? 1_555 ? 
9  AC1 34 VAL A 83  ? VAL A 577  . ? 1_555 ? 
10 AC1 34 PHE A 84  ? PHE A 578  . ? 1_555 ? 
11 AC1 34 CYS A 85  ? CYS A 579  . ? 1_555 ? 
12 AC1 34 ALA A 86  ? ALA A 580  . ? 1_555 ? 
13 AC1 34 VAL A 87  ? VAL A 581  . ? 1_555 ? 
14 AC1 34 GLN A 92  ? GLN A 586  . ? 1_555 ? 
15 AC1 34 VAL A 93  ? VAL A 587  . ? 1_555 ? 
16 AC1 34 LYS A 94  ? LYS A 588  . ? 1_555 ? 
17 AC1 34 GLY A 95  ? GLY A 589  . ? 1_555 ? 
18 AC1 34 TYR A 96  ? TYR A 590  . ? 1_555 ? 
19 AC1 34 GLY A 97  ? GLY A 591  . ? 1_555 ? 
20 AC1 34 THR A 98  ? THR A 592  . ? 1_555 ? 
21 AC1 34 THR A 118 ? THR A 612  . ? 1_555 ? 
22 AC1 34 TYR A 119 ? TYR A 613  . ? 1_555 ? 
23 AC1 34 ASP A 121 ? ASP A 615  . ? 1_555 ? 
24 AC1 34 TYR A 123 ? TYR A 617  . ? 1_555 ? 
25 AC1 34 GLY A 126 ? GLY A 620  . ? 1_555 ? 
26 AC1 34 TYR A 127 ? TYR A 621  . ? 1_555 ? 
27 AC1 34 LYS A 130 ? LYS A 624  . ? 1_555 ? 
28 AC1 34 HOH C .   ? HOH A 1002 . ? 1_555 ? 
29 AC1 34 HOH C .   ? HOH A 1008 . ? 5_554 ? 
30 AC1 34 HOH C .   ? HOH A 1013 . ? 1_555 ? 
31 AC1 34 HOH C .   ? HOH A 1024 . ? 1_555 ? 
32 AC1 34 HOH C .   ? HOH A 1033 . ? 1_555 ? 
33 AC1 34 HOH C .   ? HOH A 1036 . ? 1_555 ? 
34 AC1 34 HOH C .   ? HOH A 1044 . ? 1_555 ? 
# 
_atom_sites.entry_id                    1Z4R 
_atom_sites.fract_transf_matrix[1][1]   0.01929324 
_atom_sites.fract_transf_matrix[1][2]   0.00487380 
_atom_sites.fract_transf_matrix[1][3]   0.02287038 
_atom_sites.fract_transf_matrix[2][1]   0.00329004 
_atom_sites.fract_transf_matrix[2][2]   -0.02084917 
_atom_sites.fract_transf_matrix[2][3]   0.02175975 
_atom_sites.fract_transf_matrix[3][1]   0.00393060 
_atom_sites.fract_transf_matrix[3][2]   -0.00232358 
_atom_sites.fract_transf_matrix[3][3]   -0.00282065 
_atom_sites.fract_transf_vector[1]      0.167884 
_atom_sites.fract_transf_vector[2]      0.349760 
_atom_sites.fract_transf_vector[3]      0.021104 
# 
loop_
_atom_type.symbol 
C 
N 
O 
P 
S 
# 
loop_
_atom_site.group_PDB 
_atom_site.id 
_atom_site.type_symbol 
_atom_site.label_atom_id 
_atom_site.label_alt_id 
_atom_site.label_comp_id 
_atom_site.label_asym_id 
_atom_site.label_entity_id 
_atom_site.label_seq_id 
_atom_site.pdbx_PDB_ins_code 
_atom_site.Cartn_x 
_atom_site.Cartn_y 
_atom_site.Cartn_z 
_atom_site.occupancy 
_atom_site.B_iso_or_equiv 
_atom_site.pdbx_formal_charge 
_atom_site.auth_seq_id 
_atom_site.auth_comp_id 
_atom_site.auth_asym_id 
_atom_site.auth_atom_id 
_atom_site.pdbx_PDB_model_num 
ATOM   1    N N   . SER A 1 2   ? -1.147  1.485   -25.018 1.00 41.84 ? 496  SER A N   1 
ATOM   2    C CA  . SER A 1 2   ? -1.745  1.719   -23.676 1.00 38.90 ? 496  SER A CA  1 
ATOM   3    C C   . SER A 1 2   ? -2.889  2.728   -23.762 1.00 37.07 ? 496  SER A C   1 
ATOM   4    O O   . SER A 1 2   ? -3.953  2.424   -24.298 1.00 35.97 ? 496  SER A O   1 
ATOM   5    C CB  . SER A 1 2   ? -0.671  2.225   -22.706 1.00 41.35 ? 496  SER A CB  1 
ATOM   6    O OG  . SER A 1 2   ? -0.103  3.448   -23.151 1.00 42.76 ? 496  SER A OG  1 
ATOM   7    N N   . GLY A 1 3   ? -2.663  3.925   -23.230 1.00 34.84 ? 497  GLY A N   1 
ATOM   8    C CA  . GLY A 1 3   ? -3.686  4.955   -23.257 1.00 32.41 ? 497  GLY A CA  1 
ATOM   9    C C   . GLY A 1 3   ? -4.720  4.777   -22.161 1.00 31.17 ? 497  GLY A C   1 
ATOM   10   O O   . GLY A 1 3   ? -5.641  5.586   -22.027 1.00 31.22 ? 497  GLY A O   1 
ATOM   11   N N   . ILE A 1 4   ? -4.568  3.715   -21.376 1.00 28.18 ? 498  ILE A N   1 
ATOM   12   C CA  . ILE A 1 4   ? -5.495  3.422   -20.286 1.00 27.08 ? 498  ILE A CA  1 
ATOM   13   C C   . ILE A 1 4   ? -4.714  3.119   -19.013 1.00 25.98 ? 498  ILE A C   1 
ATOM   14   O O   . ILE A 1 4   ? -3.508  2.874   -19.065 1.00 24.74 ? 498  ILE A O   1 
ATOM   15   C CB  . ILE A 1 4   ? -6.363  2.195   -20.613 1.00 27.55 ? 498  ILE A CB  1 
ATOM   16   C CG1 . ILE A 1 4   ? -5.475  0.955   -20.732 1.00 30.31 ? 498  ILE A CG1 1 
ATOM   17   C CG2 . ILE A 1 4   ? -7.120  2.425   -21.917 1.00 28.21 ? 498  ILE A CG2 1 
ATOM   18   C CD1 . ILE A 1 4   ? -6.242  -0.344  -20.878 1.00 32.46 ? 498  ILE A CD1 1 
ATOM   19   N N   . ILE A 1 5   ? -5.399  3.135   -17.873 1.00 23.76 ? 499  ILE A N   1 
ATOM   20   C CA  . ILE A 1 5   ? -4.739  2.841   -16.608 1.00 22.73 ? 499  ILE A CA  1 
ATOM   21   C C   . ILE A 1 5   ? -4.363  1.369   -16.546 1.00 21.45 ? 499  ILE A C   1 
ATOM   22   O O   . ILE A 1 5   ? -5.053  0.507   -17.100 1.00 22.58 ? 499  ILE A O   1 
ATOM   23   C CB  . ILE A 1 5   ? -5.643  3.151   -15.398 1.00 22.46 ? 499  ILE A CB  1 
ATOM   24   C CG1 . ILE A 1 5   ? -6.929  2.323   -15.489 1.00 23.46 ? 499  ILE A CG1 1 
ATOM   25   C CG2 . ILE A 1 5   ? -5.936  4.646   -15.345 1.00 21.61 ? 499  ILE A CG2 1 
ATOM   26   C CD1 . ILE A 1 5   ? -7.742  2.293   -14.211 1.00 23.86 ? 499  ILE A CD1 1 
ATOM   27   N N   . GLU A 1 6   ? -3.261  1.084   -15.868 1.00 19.52 ? 500  GLU A N   1 
ATOM   28   C CA  . GLU A 1 6   ? -2.793  -0.280  -15.726 1.00 17.68 ? 500  GLU A CA  1 
ATOM   29   C C   . GLU A 1 6   ? -2.339  -0.479  -14.291 1.00 17.70 ? 500  GLU A C   1 
ATOM   30   O O   . GLU A 1 6   ? -1.860  0.456   -13.653 1.00 18.05 ? 500  GLU A O   1 
ATOM   31   C CB  . GLU A 1 6   ? -1.609  -0.545  -16.659 1.00 19.14 ? 500  GLU A CB  1 
ATOM   32   C CG  . GLU A 1 6   ? -1.821  -0.128  -18.107 1.00 22.18 ? 500  GLU A CG  1 
ATOM   33   C CD  . GLU A 1 6   ? -0.643  -0.504  -18.990 1.00 24.59 ? 500  GLU A CD  1 
ATOM   34   O OE1 . GLU A 1 6   ? 0.496   -0.544  -18.473 1.00 23.69 ? 500  GLU A OE1 1 
ATOM   35   O OE2 . GLU A 1 6   ? -0.849  -0.745  -20.200 1.00 24.93 ? 500  GLU A OE2 1 
ATOM   36   N N   . PHE A 1 7   ? -2.506  -1.698  -13.797 1.00 17.36 ? 501  PHE A N   1 
ATOM   37   C CA  . PHE A 1 7   ? -2.101  -2.055  -12.445 1.00 16.99 ? 501  PHE A CA  1 
ATOM   38   C C   . PHE A 1 7   ? -0.872  -2.937  -12.570 1.00 16.87 ? 501  PHE A C   1 
ATOM   39   O O   . PHE A 1 7   ? -0.869  -3.890  -13.349 1.00 16.99 ? 501  PHE A O   1 
ATOM   40   C CB  . PHE A 1 7   ? -3.211  -2.836  -11.736 1.00 15.97 ? 501  PHE A CB  1 
ATOM   41   C CG  . PHE A 1 7   ? -4.366  -1.986  -11.292 1.00 18.22 ? 501  PHE A CG  1 
ATOM   42   C CD1 . PHE A 1 7   ? -4.232  -1.121  -10.208 1.00 18.24 ? 501  PHE A CD1 1 
ATOM   43   C CD2 . PHE A 1 7   ? -5.586  -2.043  -11.959 1.00 18.49 ? 501  PHE A CD2 1 
ATOM   44   C CE1 . PHE A 1 7   ? -5.299  -0.325  -9.794  1.00 21.36 ? 501  PHE A CE1 1 
ATOM   45   C CE2 . PHE A 1 7   ? -6.657  -1.252  -11.556 1.00 23.18 ? 501  PHE A CE2 1 
ATOM   46   C CZ  . PHE A 1 7   ? -6.512  -0.389  -10.469 1.00 21.76 ? 501  PHE A CZ  1 
ATOM   47   N N   . HIS A 1 8   ? 0.168   -2.607  -11.815 1.00 16.93 ? 502  HIS A N   1 
ATOM   48   C CA  . HIS A 1 8   ? 1.402   -3.382  -11.829 1.00 16.37 ? 502  HIS A CA  1 
ATOM   49   C C   . HIS A 1 8   ? 1.896   -3.568  -10.410 1.00 16.87 ? 502  HIS A C   1 
ATOM   50   O O   . HIS A 1 8   ? 2.004   -2.600  -9.665  1.00 17.77 ? 502  HIS A O   1 
ATOM   51   C CB  . HIS A 1 8   ? 2.511   -2.668  -12.607 1.00 16.42 ? 502  HIS A CB  1 
ATOM   52   C CG  . HIS A 1 8   ? 2.261   -2.558  -14.079 1.00 19.94 ? 502  HIS A CG  1 
ATOM   53   N ND1 . HIS A 1 8   ? 1.475   -1.570  -14.630 1.00 21.66 ? 502  HIS A ND1 1 
ATOM   54   C CD2 . HIS A 1 8   ? 2.730   -3.288  -15.117 1.00 19.52 ? 502  HIS A CD2 1 
ATOM   55   C CE1 . HIS A 1 8   ? 1.477   -1.692  -15.945 1.00 18.54 ? 502  HIS A CE1 1 
ATOM   56   N NE2 . HIS A 1 8   ? 2.230   -2.726  -16.267 1.00 23.57 ? 502  HIS A NE2 1 
ATOM   57   N N   . VAL A 1 9   ? 2.173   -4.811  -10.032 1.00 18.11 ? 503  VAL A N   1 
ATOM   58   C CA  . VAL A 1 9   ? 2.718   -5.077  -8.710  1.00 16.94 ? 503  VAL A CA  1 
ATOM   59   C C   . VAL A 1 9   ? 4.217   -5.074  -8.951  1.00 15.76 ? 503  VAL A C   1 
ATOM   60   O O   . VAL A 1 9   ? 4.739   -5.928  -9.675  1.00 15.99 ? 503  VAL A O   1 
ATOM   61   C CB  . VAL A 1 9   ? 2.269   -6.449  -8.165  1.00 18.14 ? 503  VAL A CB  1 
ATOM   62   C CG1 . VAL A 1 9   ? 3.026   -6.768  -6.889  1.00 18.57 ? 503  VAL A CG1 1 
ATOM   63   C CG2 . VAL A 1 9   ? 0.769   -6.421  -7.875  1.00 17.96 ? 503  VAL A CG2 1 
ATOM   64   N N   . ILE A 1 10  ? 4.905   -4.091  -8.382  1.00 16.11 ? 504  ILE A N   1 
ATOM   65   C CA  . ILE A 1 10  ? 6.345   -3.981  -8.575  1.00 15.53 ? 504  ILE A CA  1 
ATOM   66   C C   . ILE A 1 10  ? 7.127   -3.822  -7.276  1.00 16.44 ? 504  ILE A C   1 
ATOM   67   O O   . ILE A 1 10  ? 6.563   -3.854  -6.184  1.00 15.84 ? 504  ILE A O   1 
ATOM   68   C CB  . ILE A 1 10  ? 6.681   -2.797  -9.514  1.00 15.44 ? 504  ILE A CB  1 
ATOM   69   C CG1 . ILE A 1 10  ? 6.109   -1.491  -8.949  1.00 16.22 ? 504  ILE A CG1 1 
ATOM   70   C CG2 . ILE A 1 10  ? 6.089   -3.057  -10.891 1.00 16.42 ? 504  ILE A CG2 1 
ATOM   71   C CD1 . ILE A 1 10  ? 6.481   -0.249  -9.762  1.00 15.15 ? 504  ILE A CD1 1 
ATOM   72   N N   . GLY A 1 11  ? 8.441   -3.670  -7.414  1.00 16.13 ? 505  GLY A N   1 
ATOM   73   C CA  . GLY A 1 11  ? 9.302   -3.507  -6.260  1.00 16.78 ? 505  GLY A CA  1 
ATOM   74   C C   . GLY A 1 11  ? 10.740  -3.831  -6.620  1.00 18.66 ? 505  GLY A C   1 
ATOM   75   O O   . GLY A 1 11  ? 11.069  -4.003  -7.794  1.00 16.25 ? 505  GLY A O   1 
ATOM   76   N N   . ASN A 1 12  ? 11.596  -3.896  -5.608  1.00 19.56 ? 506  ASN A N   1 
ATOM   77   C CA  . ASN A 1 12  ? 13.006  -4.222  -5.802  1.00 21.23 ? 506  ASN A CA  1 
ATOM   78   C C   . ASN A 1 12  ? 13.232  -5.639  -5.280  1.00 22.98 ? 506  ASN A C   1 
ATOM   79   O O   . ASN A 1 12  ? 13.113  -5.882  -4.083  1.00 23.89 ? 506  ASN A O   1 
ATOM   80   C CB  . ASN A 1 12  ? 13.881  -3.227  -5.033  1.00 21.62 ? 506  ASN A CB  1 
ATOM   81   C CG  . ASN A 1 12  ? 15.309  -3.711  -4.869  1.00 23.23 ? 506  ASN A CG  1 
ATOM   82   O OD1 . ASN A 1 12  ? 15.876  -4.322  -5.774  1.00 25.47 ? 506  ASN A OD1 1 
ATOM   83   N ND2 . ASN A 1 12  ? 15.903  -3.426  -3.715  1.00 25.73 ? 506  ASN A ND2 1 
ATOM   84   N N   . SER A 1 13  ? 13.546  -6.572  -6.174  1.00 23.30 ? 507  SER A N   1 
ATOM   85   C CA  . SER A 1 13  ? 13.763  -7.962  -5.772  1.00 24.34 ? 507  SER A CA  1 
ATOM   86   C C   . SER A 1 13  ? 15.146  -8.197  -5.168  1.00 24.58 ? 507  SER A C   1 
ATOM   87   O O   . SER A 1 13  ? 15.330  -9.113  -4.364  1.00 25.41 ? 507  SER A O   1 
ATOM   88   C CB  . SER A 1 13  ? 13.551  -8.899  -6.967  1.00 22.95 ? 507  SER A CB  1 
ATOM   89   O OG  . SER A 1 13  ? 14.473  -8.626  -8.004  1.00 26.16 ? 507  SER A OG  1 
ATOM   90   N N   . LEU A 1 14  ? 16.112  -7.373  -5.565  1.00 24.20 ? 508  LEU A N   1 
ATOM   91   C CA  . LEU A 1 14  ? 17.480  -7.472  -5.053  1.00 24.62 ? 508  LEU A CA  1 
ATOM   92   C C   . LEU A 1 14  ? 18.166  -6.124  -5.242  1.00 24.43 ? 508  LEU A C   1 
ATOM   93   O O   . LEU A 1 14  ? 18.651  -5.512  -4.282  1.00 23.21 ? 508  LEU A O   1 
ATOM   94   C CB  . LEU A 1 14  ? 18.261  -8.548  -5.802  1.00 23.61 ? 508  LEU A CB  1 
ATOM   95   C CG  . LEU A 1 14  ? 19.699  -8.735  -5.308  1.00 24.59 ? 508  LEU A CG  1 
ATOM   96   C CD1 . LEU A 1 14  ? 19.688  -9.119  -3.831  1.00 25.49 ? 508  LEU A CD1 1 
ATOM   97   C CD2 . LEU A 1 14  ? 20.385  -9.803  -6.131  1.00 25.40 ? 508  LEU A CD2 1 
ATOM   98   N N   . THR A 1 15  ? 18.216  -5.689  -6.498  1.00 22.66 ? 509  THR A N   1 
ATOM   99   C CA  . THR A 1 15  ? 18.786  -4.403  -6.870  1.00 22.87 ? 509  THR A CA  1 
ATOM   100  C C   . THR A 1 15  ? 17.833  -3.772  -7.877  1.00 23.61 ? 509  THR A C   1 
ATOM   101  O O   . THR A 1 15  ? 17.351  -4.437  -8.799  1.00 22.44 ? 509  THR A O   1 
ATOM   102  C CB  . THR A 1 15  ? 20.176  -4.525  -7.523  1.00 23.57 ? 509  THR A CB  1 
ATOM   103  O OG1 . THR A 1 15  ? 20.531  -3.256  -8.089  1.00 22.04 ? 509  THR A OG1 1 
ATOM   104  C CG2 . THR A 1 15  ? 20.173  -5.581  -8.620  1.00 19.67 ? 509  THR A CG2 1 
ATOM   105  N N   . PRO A 1 16  ? 17.543  -2.478  -7.714  1.00 23.00 ? 510  PRO A N   1 
ATOM   106  C CA  . PRO A 1 16  ? 16.629  -1.799  -8.632  1.00 24.12 ? 510  PRO A CA  1 
ATOM   107  C C   . PRO A 1 16  ? 17.225  -1.378  -9.974  1.00 23.08 ? 510  PRO A C   1 
ATOM   108  O O   . PRO A 1 16  ? 16.522  -0.817  -10.808 1.00 24.48 ? 510  PRO A O   1 
ATOM   109  C CB  . PRO A 1 16  ? 16.156  -0.606  -7.806  1.00 23.34 ? 510  PRO A CB  1 
ATOM   110  C CG  . PRO A 1 16  ? 17.392  -0.239  -7.051  1.00 24.39 ? 510  PRO A CG  1 
ATOM   111  C CD  . PRO A 1 16  ? 17.935  -1.590  -6.604  1.00 23.51 ? 510  PRO A CD  1 
ATOM   112  N N   . LYS A 1 17  ? 18.504  -1.660  -10.203 1.00 23.11 ? 511  LYS A N   1 
ATOM   113  C CA  . LYS A 1 17  ? 19.124  -1.251  -11.461 1.00 23.89 ? 511  LYS A CA  1 
ATOM   114  C C   . LYS A 1 17  ? 18.838  -2.163  -12.652 1.00 23.49 ? 511  LYS A C   1 
ATOM   115  O O   . LYS A 1 17  ? 18.996  -1.750  -13.799 1.00 26.34 ? 511  LYS A O   1 
ATOM   116  C CB  . LYS A 1 17  ? 20.645  -1.112  -11.288 1.00 25.85 ? 511  LYS A CB  1 
ATOM   117  C CG  . LYS A 1 17  ? 21.405  -2.428  -11.192 1.00 27.03 ? 511  LYS A CG  1 
ATOM   118  C CD  . LYS A 1 17  ? 22.913  -2.183  -11.182 1.00 28.82 ? 511  LYS A CD  1 
ATOM   119  C CE  . LYS A 1 17  ? 23.695  -3.484  -11.307 1.00 28.80 ? 511  LYS A CE  1 
ATOM   120  N NZ  . LYS A 1 17  ? 25.170  -3.252  -11.387 1.00 29.99 ? 511  LYS A NZ  1 
ATOM   121  N N   . ALA A 1 18  ? 18.399  -3.389  -12.382 1.00 20.58 ? 512  ALA A N   1 
ATOM   122  C CA  . ALA A 1 18  ? 18.130  -4.365  -13.435 1.00 19.85 ? 512  ALA A CA  1 
ATOM   123  C C   . ALA A 1 18  ? 17.025  -3.985  -14.421 1.00 19.20 ? 512  ALA A C   1 
ATOM   124  O O   . ALA A 1 18  ? 17.180  -4.162  -15.629 1.00 17.88 ? 512  ALA A O   1 
ATOM   125  C CB  . ALA A 1 18  ? 17.821  -5.711  -12.811 1.00 21.82 ? 512  ALA A CB  1 
ATOM   126  N N   . ASN A 1 19  ? 15.912  -3.469  -13.910 1.00 17.37 ? 513  ASN A N   1 
ATOM   127  C CA  . ASN A 1 19  ? 14.792  -3.078  -14.763 1.00 17.42 ? 513  ASN A CA  1 
ATOM   128  C C   . ASN A 1 19  ? 14.565  -1.574  -14.591 1.00 17.88 ? 513  ASN A C   1 
ATOM   129  O O   . ASN A 1 19  ? 13.994  -1.135  -13.597 1.00 15.96 ? 513  ASN A O   1 
ATOM   130  C CB  . ASN A 1 19  ? 13.534  -3.855  -14.358 1.00 18.82 ? 513  ASN A CB  1 
ATOM   131  C CG  . ASN A 1 19  ? 12.359  -3.591  -15.283 1.00 18.43 ? 513  ASN A CG  1 
ATOM   132  O OD1 . ASN A 1 19  ? 12.161  -2.470  -15.743 1.00 20.11 ? 513  ASN A OD1 1 
ATOM   133  N ND2 . ASN A 1 19  ? 11.560  -4.623  -15.542 1.00 17.93 ? 513  ASN A ND2 1 
ATOM   134  N N   . ARG A 1 20  ? 15.010  -0.793  -15.573 1.00 17.31 ? 514  ARG A N   1 
ATOM   135  C CA  . ARG A 1 20  ? 14.902  0.662   -15.508 1.00 19.51 ? 514  ARG A CA  1 
ATOM   136  C C   . ARG A 1 20  ? 13.471  1.185   -15.549 1.00 17.32 ? 514  ARG A C   1 
ATOM   137  O O   . ARG A 1 20  ? 13.168  2.218   -14.952 1.00 17.76 ? 514  ARG A O   1 
ATOM   138  C CB  . ARG A 1 20  ? 15.727  1.296   -16.633 1.00 20.01 ? 514  ARG A CB  1 
ATOM   139  C CG  . ARG A 1 20  ? 17.129  0.719   -16.763 1.00 24.70 ? 514  ARG A CG  1 
ATOM   140  C CD  . ARG A 1 20  ? 17.940  0.832   -15.470 1.00 26.51 ? 514  ARG A CD  1 
ATOM   141  N NE  . ARG A 1 20  ? 18.227  2.218   -15.112 1.00 29.86 ? 514  ARG A NE  1 
ATOM   142  C CZ  . ARG A 1 20  ? 19.093  2.583   -14.172 1.00 30.77 ? 514  ARG A CZ  1 
ATOM   143  N NH1 . ARG A 1 20  ? 19.765  1.664   -13.492 1.00 29.62 ? 514  ARG A NH1 1 
ATOM   144  N NH2 . ARG A 1 20  ? 19.287  3.868   -13.908 1.00 29.18 ? 514  ARG A NH2 1 
ATOM   145  N N   . ARG A 1 21  ? 12.595  0.480   -16.256 1.00 18.18 ? 515  ARG A N   1 
ATOM   146  C CA  . ARG A 1 21  ? 11.197  0.893   -16.330 1.00 18.94 ? 515  ARG A CA  1 
ATOM   147  C C   . ARG A 1 21  ? 10.610  0.841   -14.925 1.00 17.70 ? 515  ARG A C   1 
ATOM   148  O O   . ARG A 1 21  ? 9.949   1.781   -14.482 1.00 18.16 ? 515  ARG A O   1 
ATOM   149  C CB  . ARG A 1 21  ? 10.414  -0.035  -17.257 1.00 18.59 ? 515  ARG A CB  1 
ATOM   150  C CG  . ARG A 1 21  ? 8.929   0.288   -17.388 1.00 22.89 ? 515  ARG A CG  1 
ATOM   151  C CD  . ARG A 1 21  ? 8.678   1.671   -17.983 1.00 24.96 ? 515  ARG A CD  1 
ATOM   152  N NE  . ARG A 1 21  ? 8.892   2.740   -17.012 1.00 29.21 ? 515  ARG A NE  1 
ATOM   153  C CZ  . ARG A 1 21  ? 8.649   4.025   -17.253 1.00 30.36 ? 515  ARG A CZ  1 
ATOM   154  N NH1 . ARG A 1 21  ? 8.183   4.403   -18.434 1.00 32.59 ? 515  ARG A NH1 1 
ATOM   155  N NH2 . ARG A 1 21  ? 8.863   4.933   -16.311 1.00 32.28 ? 515  ARG A NH2 1 
ATOM   156  N N   . VAL A 1 22  ? 10.865  -0.264  -14.226 1.00 16.64 ? 516  VAL A N   1 
ATOM   157  C CA  . VAL A 1 22  ? 10.375  -0.446  -12.867 1.00 15.42 ? 516  VAL A CA  1 
ATOM   158  C C   . VAL A 1 22  ? 11.044  0.543   -11.914 1.00 16.47 ? 516  VAL A C   1 
ATOM   159  O O   . VAL A 1 22  ? 10.401  1.069   -11.006 1.00 15.12 ? 516  VAL A O   1 
ATOM   160  C CB  . VAL A 1 22  ? 10.608  -1.900  -12.391 1.00 14.49 ? 516  VAL A CB  1 
ATOM   161  C CG1 . VAL A 1 22  ? 10.328  -2.027  -10.897 1.00 16.12 ? 516  VAL A CG1 1 
ATOM   162  C CG2 . VAL A 1 22  ? 9.696   -2.841  -13.171 1.00 15.29 ? 516  VAL A CG2 1 
ATOM   163  N N   . LEU A 1 23  ? 12.335  0.795   -12.118 1.00 16.12 ? 517  LEU A N   1 
ATOM   164  C CA  . LEU A 1 23  ? 13.055  1.745   -11.282 1.00 17.36 ? 517  LEU A CA  1 
ATOM   165  C C   . LEU A 1 23  ? 12.399  3.121   -11.415 1.00 16.45 ? 517  LEU A C   1 
ATOM   166  O O   . LEU A 1 23  ? 12.170  3.810   -10.420 1.00 17.37 ? 517  LEU A O   1 
ATOM   167  C CB  . LEU A 1 23  ? 14.526  1.824   -11.709 1.00 19.22 ? 517  LEU A CB  1 
ATOM   168  C CG  . LEU A 1 23  ? 15.415  2.873   -11.026 1.00 22.36 ? 517  LEU A CG  1 
ATOM   169  C CD1 . LEU A 1 23  ? 15.368  2.718   -9.516  1.00 24.20 ? 517  LEU A CD1 1 
ATOM   170  C CD2 . LEU A 1 23  ? 16.846  2.715   -11.532 1.00 22.86 ? 517  LEU A CD2 1 
ATOM   171  N N   . LEU A 1 24  ? 12.082  3.512   -12.645 1.00 15.93 ? 518  LEU A N   1 
ATOM   172  C CA  . LEU A 1 24  ? 11.452  4.806   -12.886 1.00 16.46 ? 518  LEU A CA  1 
ATOM   173  C C   . LEU A 1 24  ? 10.098  4.885   -12.193 1.00 15.45 ? 518  LEU A C   1 
ATOM   174  O O   . LEU A 1 24  ? 9.714   5.933   -11.667 1.00 15.16 ? 518  LEU A O   1 
ATOM   175  C CB  . LEU A 1 24  ? 11.282  5.046   -14.386 1.00 18.62 ? 518  LEU A CB  1 
ATOM   176  C CG  . LEU A 1 24  ? 12.571  5.315   -15.169 1.00 21.79 ? 518  LEU A CG  1 
ATOM   177  C CD1 . LEU A 1 24  ? 12.236  5.468   -16.644 1.00 19.36 ? 518  LEU A CD1 1 
ATOM   178  C CD2 . LEU A 1 24  ? 13.250  6.572   -14.635 1.00 20.40 ? 518  LEU A CD2 1 
ATOM   179  N N   . TRP A 1 25  ? 9.371   3.775   -12.195 1.00 15.57 ? 519  TRP A N   1 
ATOM   180  C CA  . TRP A 1 25  ? 8.070   3.741   -11.542 1.00 15.70 ? 519  TRP A CA  1 
ATOM   181  C C   . TRP A 1 25  ? 8.229   3.793   -10.022 1.00 16.47 ? 519  TRP A C   1 
ATOM   182  O O   . TRP A 1 25  ? 7.429   4.429   -9.332  1.00 15.00 ? 519  TRP A O   1 
ATOM   183  C CB  . TRP A 1 25  ? 7.299   2.488   -11.957 1.00 14.68 ? 519  TRP A CB  1 
ATOM   184  C CG  . TRP A 1 25  ? 6.742   2.563   -13.353 1.00 17.56 ? 519  TRP A CG  1 
ATOM   185  C CD1 . TRP A 1 25  ? 6.443   3.696   -14.057 1.00 16.63 ? 519  TRP A CD1 1 
ATOM   186  C CD2 . TRP A 1 25  ? 6.341   1.462   -14.179 1.00 18.18 ? 519  TRP A CD2 1 
ATOM   187  N NE1 . TRP A 1 25  ? 5.878   3.370   -15.268 1.00 18.93 ? 519  TRP A NE1 1 
ATOM   188  C CE2 . TRP A 1 25  ? 5.802   2.005   -15.369 1.00 18.58 ? 519  TRP A CE2 1 
ATOM   189  C CE3 . TRP A 1 25  ? 6.381   0.069   -14.030 1.00 18.97 ? 519  TRP A CE3 1 
ATOM   190  C CZ2 . TRP A 1 25  ? 5.306   1.201   -16.403 1.00 20.19 ? 519  TRP A CZ2 1 
ATOM   191  C CZ3 . TRP A 1 25  ? 5.887   -0.731  -15.060 1.00 20.67 ? 519  TRP A CZ3 1 
ATOM   192  C CH2 . TRP A 1 25  ? 5.358   -0.158  -16.231 1.00 20.01 ? 519  TRP A CH2 1 
ATOM   193  N N   . LEU A 1 26  ? 9.264   3.137   -9.499  1.00 15.87 ? 520  LEU A N   1 
ATOM   194  C CA  . LEU A 1 26  ? 9.498   3.147   -8.060  1.00 15.05 ? 520  LEU A CA  1 
ATOM   195  C C   . LEU A 1 26  ? 9.844   4.564   -7.594  1.00 15.38 ? 520  LEU A C   1 
ATOM   196  O O   . LEU A 1 26  ? 9.380   5.008   -6.543  1.00 15.49 ? 520  LEU A O   1 
ATOM   197  C CB  . LEU A 1 26  ? 10.611  2.151   -7.692  1.00 15.97 ? 520  LEU A CB  1 
ATOM   198  C CG  . LEU A 1 26  ? 10.226  0.673   -7.857  1.00 15.72 ? 520  LEU A CG  1 
ATOM   199  C CD1 . LEU A 1 26  ? 11.433  -0.222  -7.618  1.00 16.30 ? 520  LEU A CD1 1 
ATOM   200  C CD2 . LEU A 1 26  ? 9.106   0.332   -6.883  1.00 18.14 ? 520  LEU A CD2 1 
ATOM   201  N N   . VAL A 1 27  ? 10.647  5.280   -8.380  1.00 15.09 ? 521  VAL A N   1 
ATOM   202  C CA  . VAL A 1 27  ? 10.997  6.649   -8.030  1.00 16.78 ? 521  VAL A CA  1 
ATOM   203  C C   . VAL A 1 27  ? 9.727   7.494   -8.116  1.00 15.98 ? 521  VAL A C   1 
ATOM   204  O O   . VAL A 1 27  ? 9.496   8.376   -7.284  1.00 15.51 ? 521  VAL A O   1 
ATOM   205  C CB  . VAL A 1 27  ? 12.075  7.221   -8.979  1.00 16.86 ? 521  VAL A CB  1 
ATOM   206  C CG1 . VAL A 1 27  ? 12.281  8.706   -8.703  1.00 19.83 ? 521  VAL A CG1 1 
ATOM   207  C CG2 . VAL A 1 27  ? 13.390  6.466   -8.778  1.00 18.12 ? 521  VAL A CG2 1 
ATOM   208  N N   . GLY A 1 28  ? 8.901   7.206   -9.119  1.00 16.75 ? 522  GLY A N   1 
ATOM   209  C CA  . GLY A 1 28  ? 7.651   7.934   -9.280  1.00 16.90 ? 522  GLY A CA  1 
ATOM   210  C C   . GLY A 1 28  ? 6.740   7.714   -8.084  1.00 18.77 ? 522  GLY A C   1 
ATOM   211  O O   . GLY A 1 28  ? 6.083   8.645   -7.614  1.00 17.94 ? 522  GLY A O   1 
ATOM   212  N N   . LEU A 1 29  ? 6.699   6.477   -7.591  1.00 17.65 ? 523  LEU A N   1 
ATOM   213  C CA  . LEU A 1 29  ? 5.879   6.129   -6.429  1.00 17.20 ? 523  LEU A CA  1 
ATOM   214  C C   . LEU A 1 29  ? 6.421   6.831   -5.192  1.00 18.03 ? 523  LEU A C   1 
ATOM   215  O O   . LEU A 1 29  ? 5.666   7.383   -4.389  1.00 17.98 ? 523  LEU A O   1 
ATOM   216  C CB  . LEU A 1 29  ? 5.892   4.615   -6.201  1.00 18.76 ? 523  LEU A CB  1 
ATOM   217  C CG  . LEU A 1 29  ? 5.043   3.807   -7.186  1.00 18.01 ? 523  LEU A CG  1 
ATOM   218  C CD1 . LEU A 1 29  ? 5.429   2.333   -7.119  1.00 18.70 ? 523  LEU A CD1 1 
ATOM   219  C CD2 . LEU A 1 29  ? 3.564   4.002   -6.852  1.00 18.61 ? 523  LEU A CD2 1 
ATOM   220  N N   . GLN A 1 30  ? 7.738   6.788   -5.040  1.00 16.60 ? 524  GLN A N   1 
ATOM   221  C CA  . GLN A 1 30  ? 8.401   7.439   -3.919  1.00 19.27 ? 524  GLN A CA  1 
ATOM   222  C C   . GLN A 1 30  ? 8.003   8.916   -3.890  1.00 18.52 ? 524  GLN A C   1 
ATOM   223  O O   . GLN A 1 30  ? 7.667   9.465   -2.834  1.00 17.43 ? 524  GLN A O   1 
ATOM   224  C CB  . GLN A 1 30  ? 9.911   7.307   -4.092  1.00 20.44 ? 524  GLN A CB  1 
ATOM   225  C CG  . GLN A 1 30  ? 10.738  8.144   -3.151  1.00 26.08 ? 524  GLN A CG  1 
ATOM   226  C CD  . GLN A 1 30  ? 12.200  8.117   -3.533  1.00 29.27 ? 524  GLN A CD  1 
ATOM   227  O OE1 . GLN A 1 30  ? 12.821  7.055   -3.584  1.00 29.98 ? 524  GLN A OE1 1 
ATOM   228  N NE2 . GLN A 1 30  ? 12.759  9.287   -3.814  1.00 32.63 ? 524  GLN A NE2 1 
ATOM   229  N N   . ASN A 1 31  ? 8.034   9.558   -5.053  1.00 18.60 ? 525  ASN A N   1 
ATOM   230  C CA  . ASN A 1 31  ? 7.677   10.972  -5.127  1.00 18.90 ? 525  ASN A CA  1 
ATOM   231  C C   . ASN A 1 31  ? 6.204   11.226  -4.828  1.00 18.61 ? 525  ASN A C   1 
ATOM   232  O O   . ASN A 1 31  ? 5.866   12.157  -4.095  1.00 17.14 ? 525  ASN A O   1 
ATOM   233  C CB  . ASN A 1 31  ? 8.057   11.550  -6.491  1.00 22.15 ? 525  ASN A CB  1 
ATOM   234  C CG  . ASN A 1 31  ? 9.559   11.674  -6.667  1.00 22.52 ? 525  ASN A CG  1 
ATOM   235  O OD1 . ASN A 1 31  ? 10.297  11.822  -5.689  1.00 28.08 ? 525  ASN A OD1 1 
ATOM   236  N ND2 . ASN A 1 31  ? 10.022  11.625  -7.909  1.00 24.90 ? 525  ASN A ND2 1 
ATOM   237  N N   . VAL A 1 32  ? 5.325   10.402  -5.385  1.00 18.07 ? 526  VAL A N   1 
ATOM   238  C CA  . VAL A 1 32  ? 3.897   10.562  -5.127  1.00 18.24 ? 526  VAL A CA  1 
ATOM   239  C C   . VAL A 1 32  ? 3.626   10.339  -3.639  1.00 17.17 ? 526  VAL A C   1 
ATOM   240  O O   . VAL A 1 32  ? 2.910   11.116  -3.011  1.00 19.15 ? 526  VAL A O   1 
ATOM   241  C CB  . VAL A 1 32  ? 3.058   9.568   -5.961  1.00 18.32 ? 526  VAL A CB  1 
ATOM   242  C CG1 . VAL A 1 32  ? 1.610   9.574   -5.485  1.00 18.47 ? 526  VAL A CG1 1 
ATOM   243  C CG2 . VAL A 1 32  ? 3.127   9.949   -7.432  1.00 20.73 ? 526  VAL A CG2 1 
ATOM   244  N N   . PHE A 1 33  ? 4.204   9.283   -3.074  1.00 16.98 ? 527  PHE A N   1 
ATOM   245  C CA  . PHE A 1 33  ? 4.016   9.001   -1.652  1.00 16.81 ? 527  PHE A CA  1 
ATOM   246  C C   . PHE A 1 33  ? 4.516   10.170  -0.808  1.00 16.97 ? 527  PHE A C   1 
ATOM   247  O O   . PHE A 1 33  ? 3.849   10.601  0.127   1.00 18.05 ? 527  PHE A O   1 
ATOM   248  C CB  . PHE A 1 33  ? 4.764   7.728   -1.239  1.00 16.52 ? 527  PHE A CB  1 
ATOM   249  C CG  . PHE A 1 33  ? 4.117   6.450   -1.707  1.00 14.61 ? 527  PHE A CG  1 
ATOM   250  C CD1 . PHE A 1 33  ? 2.729   6.316   -1.727  1.00 15.66 ? 527  PHE A CD1 1 
ATOM   251  C CD2 . PHE A 1 33  ? 4.898   5.359   -2.070  1.00 16.68 ? 527  PHE A CD2 1 
ATOM   252  C CE1 . PHE A 1 33  ? 2.134   5.110   -2.101  1.00 15.22 ? 527  PHE A CE1 1 
ATOM   253  C CE2 . PHE A 1 33  ? 4.314   4.149   -2.443  1.00 15.97 ? 527  PHE A CE2 1 
ATOM   254  C CZ  . PHE A 1 33  ? 2.926   4.024   -2.458  1.00 17.50 ? 527  PHE A CZ  1 
ATOM   255  N N   . SER A 1 34  ? 5.693   10.689  -1.142  1.00 18.86 ? 528  SER A N   1 
ATOM   256  C CA  . SER A 1 34  ? 6.256   11.809  -0.394  1.00 19.39 ? 528  SER A CA  1 
ATOM   257  C C   . SER A 1 34  ? 5.365   13.048  -0.460  1.00 19.56 ? 528  SER A C   1 
ATOM   258  O O   . SER A 1 34  ? 5.142   13.720  0.550   1.00 20.49 ? 528  SER A O   1 
ATOM   259  C CB  . SER A 1 34  ? 7.648   12.154  -0.930  1.00 21.53 ? 528  SER A CB  1 
ATOM   260  O OG  . SER A 1 34  ? 8.204   13.232  -0.196  1.00 28.29 ? 528  SER A OG  1 
ATOM   261  N N   . HIS A 1 35  ? 4.851   13.338  -1.651  1.00 19.32 ? 529  HIS A N   1 
ATOM   262  C CA  . HIS A 1 35  ? 3.994   14.500  -1.864  1.00 19.75 ? 529  HIS A CA  1 
ATOM   263  C C   . HIS A 1 35  ? 2.646   14.413  -1.158  1.00 20.58 ? 529  HIS A C   1 
ATOM   264  O O   . HIS A 1 35  ? 2.167   15.407  -0.609  1.00 18.47 ? 529  HIS A O   1 
ATOM   265  C CB  . HIS A 1 35  ? 3.772   14.711  -3.365  1.00 24.86 ? 529  HIS A CB  1 
ATOM   266  C CG  . HIS A 1 35  ? 4.995   15.178  -4.095  1.00 29.73 ? 529  HIS A CG  1 
ATOM   267  N ND1 . HIS A 1 35  ? 5.064   15.237  -5.470  1.00 32.45 ? 529  HIS A ND1 1 
ATOM   268  C CD2 . HIS A 1 35  ? 6.189   15.625  -3.638  1.00 32.02 ? 529  HIS A CD2 1 
ATOM   269  C CE1 . HIS A 1 35  ? 6.249   15.699  -5.829  1.00 32.62 ? 529  HIS A CE1 1 
ATOM   270  N NE2 . HIS A 1 35  ? 6.950   15.941  -4.737  1.00 33.11 ? 529  HIS A NE2 1 
ATOM   271  N N   . GLN A 1 36  ? 2.037   13.230  -1.166  1.00 20.17 ? 530  GLN A N   1 
ATOM   272  C CA  . GLN A 1 36  ? 0.735   13.043  -0.528  1.00 21.08 ? 530  GLN A CA  1 
ATOM   273  C C   . GLN A 1 36  ? 0.858   12.649  0.950   1.00 21.79 ? 530  GLN A C   1 
ATOM   274  O O   . GLN A 1 36  ? -0.137  12.597  1.673   1.00 20.62 ? 530  GLN A O   1 
ATOM   275  C CB  . GLN A 1 36  ? -0.081  11.981  -1.276  1.00 20.34 ? 530  GLN A CB  1 
ATOM   276  C CG  . GLN A 1 36  ? -0.168  12.157  -2.799  1.00 20.45 ? 530  GLN A CG  1 
ATOM   277  C CD  . GLN A 1 36  ? -0.694  13.517  -3.244  1.00 19.77 ? 530  GLN A CD  1 
ATOM   278  O OE1 . GLN A 1 36  ? -1.560  14.113  -2.604  1.00 21.30 ? 530  GLN A OE1 1 
ATOM   279  N NE2 . GLN A 1 36  ? -0.183  13.998  -4.364  1.00 18.00 ? 530  GLN A NE2 1 
ATOM   280  N N   . LEU A 1 37  ? 2.081   12.361  1.386   1.00 21.73 ? 531  LEU A N   1 
ATOM   281  C CA  . LEU A 1 37  ? 2.359   11.996  2.776   1.00 22.35 ? 531  LEU A CA  1 
ATOM   282  C C   . LEU A 1 37  ? 3.488   12.918  3.255   1.00 22.16 ? 531  LEU A C   1 
ATOM   283  O O   . LEU A 1 37  ? 4.574   12.463  3.614   1.00 22.30 ? 531  LEU A O   1 
ATOM   284  C CB  . LEU A 1 37  ? 2.797   10.525  2.865   1.00 22.99 ? 531  LEU A CB  1 
ATOM   285  C CG  . LEU A 1 37  ? 1.775   9.465   2.429   1.00 24.94 ? 531  LEU A CG  1 
ATOM   286  C CD1 . LEU A 1 37  ? 2.425   8.085   2.367   1.00 23.83 ? 531  LEU A CD1 1 
ATOM   287  C CD2 . LEU A 1 37  ? 0.611   9.460   3.399   1.00 23.63 ? 531  LEU A CD2 1 
ATOM   288  N N   . PRO A 1 38  ? 3.231   14.237  3.277   1.00 24.35 ? 532  PRO A N   1 
ATOM   289  C CA  . PRO A 1 38  ? 4.215   15.241  3.698   1.00 24.05 ? 532  PRO A CA  1 
ATOM   290  C C   . PRO A 1 38  ? 4.834   15.086  5.087   1.00 25.41 ? 532  PRO A C   1 
ATOM   291  O O   . PRO A 1 38  ? 5.938   15.577  5.328   1.00 24.86 ? 532  PRO A O   1 
ATOM   292  C CB  . PRO A 1 38  ? 3.454   16.558  3.535   1.00 23.65 ? 532  PRO A CB  1 
ATOM   293  C CG  . PRO A 1 38  ? 2.038   16.163  3.797   1.00 23.22 ? 532  PRO A CG  1 
ATOM   294  C CD  . PRO A 1 38  ? 1.915   14.861  3.046   1.00 21.45 ? 532  PRO A CD  1 
ATOM   295  N N   . ARG A 1 39  ? 4.141   14.412  6.001   1.00 25.97 ? 533  ARG A N   1 
ATOM   296  C CA  . ARG A 1 39  ? 4.680   14.227  7.342   1.00 28.41 ? 533  ARG A CA  1 
ATOM   297  C C   . ARG A 1 39  ? 5.605   13.014  7.450   1.00 30.15 ? 533  ARG A C   1 
ATOM   298  O O   . ARG A 1 39  ? 6.180   12.761  8.510   1.00 29.99 ? 533  ARG A O   1 
ATOM   299  C CB  . ARG A 1 39  ? 3.552   14.101  8.366   1.00 30.00 ? 533  ARG A CB  1 
ATOM   300  C CG  . ARG A 1 39  ? 2.736   15.368  8.556   1.00 34.08 ? 533  ARG A CG  1 
ATOM   301  C CD  . ARG A 1 39  ? 1.899   15.283  9.823   1.00 37.28 ? 533  ARG A CD  1 
ATOM   302  N NE  . ARG A 1 39  ? 0.994   14.139  9.797   1.00 41.05 ? 533  ARG A NE  1 
ATOM   303  C CZ  . ARG A 1 39  ? 0.310   13.700  10.850  1.00 43.05 ? 533  ARG A CZ  1 
ATOM   304  N NH1 . ARG A 1 39  ? 0.428   14.309  12.021  1.00 44.18 ? 533  ARG A NH1 1 
ATOM   305  N NH2 . ARG A 1 39  ? -0.492  12.651  10.731  1.00 44.54 ? 533  ARG A NH2 1 
ATOM   306  N N   . MET A 1 40  ? 5.743   12.270  6.357   1.00 30.00 ? 534  MET A N   1 
ATOM   307  C CA  . MET A 1 40  ? 6.608   11.090  6.327   1.00 30.38 ? 534  MET A CA  1 
ATOM   308  C C   . MET A 1 40  ? 7.971   11.458  5.754   1.00 30.45 ? 534  MET A C   1 
ATOM   309  O O   . MET A 1 40  ? 8.057   12.044  4.676   1.00 31.59 ? 534  MET A O   1 
ATOM   310  C CB  . MET A 1 40  ? 5.981   9.989   5.459   1.00 30.54 ? 534  MET A CB  1 
ATOM   311  C CG  . MET A 1 40  ? 4.799   9.269   6.089   1.00 32.72 ? 534  MET A CG  1 
ATOM   312  S SD  . MET A 1 40  ? 5.279   7.868   7.127   1.00 31.21 ? 534  MET A SD  1 
ATOM   313  C CE  . MET A 1 40  ? 3.848   6.806   6.933   1.00 33.67 ? 534  MET A CE  1 
ATOM   314  N N   . PRO A 1 41  ? 9.058   11.123  6.470   1.00 30.72 ? 535  PRO A N   1 
ATOM   315  C CA  . PRO A 1 41  ? 10.408  11.436  5.987   1.00 30.26 ? 535  PRO A CA  1 
ATOM   316  C C   . PRO A 1 41  ? 10.613  10.848  4.592   1.00 29.82 ? 535  PRO A C   1 
ATOM   317  O O   . PRO A 1 41  ? 10.293  9.685   4.355   1.00 29.40 ? 535  PRO A O   1 
ATOM   318  C CB  . PRO A 1 41  ? 11.306  10.774  7.027   1.00 29.92 ? 535  PRO A CB  1 
ATOM   319  C CG  . PRO A 1 41  ? 10.484  10.852  8.280   1.00 30.61 ? 535  PRO A CG  1 
ATOM   320  C CD  . PRO A 1 41  ? 9.111   10.464  7.788   1.00 29.55 ? 535  PRO A CD  1 
ATOM   321  N N   . LYS A 1 42  ? 11.142  11.642  3.667   1.00 30.36 ? 536  LYS A N   1 
ATOM   322  C CA  . LYS A 1 42  ? 11.350  11.146  2.313   1.00 30.88 ? 536  LYS A CA  1 
ATOM   323  C C   . LYS A 1 42  ? 12.318  9.968   2.291   1.00 29.70 ? 536  LYS A C   1 
ATOM   324  O O   . LYS A 1 42  ? 12.123  9.011   1.537   1.00 28.23 ? 536  LYS A O   1 
ATOM   325  C CB  . LYS A 1 42  ? 11.863  12.259  1.398   1.00 33.39 ? 536  LYS A CB  1 
ATOM   326  C CG  . LYS A 1 42  ? 11.844  11.887  -0.082  1.00 36.53 ? 536  LYS A CG  1 
ATOM   327  C CD  . LYS A 1 42  ? 12.248  13.063  -0.961  1.00 39.98 ? 536  LYS A CD  1 
ATOM   328  C CE  . LYS A 1 42  ? 12.253  12.681  -2.435  1.00 41.64 ? 536  LYS A CE  1 
ATOM   329  N NZ  . LYS A 1 42  ? 10.911  12.246  -2.911  1.00 40.87 ? 536  LYS A NZ  1 
ATOM   330  N N   . GLU A 1 43  ? 13.355  10.031  3.121   1.00 28.75 ? 537  GLU A N   1 
ATOM   331  C CA  . GLU A 1 43  ? 14.334  8.951   3.176   1.00 28.70 ? 537  GLU A CA  1 
ATOM   332  C C   . GLU A 1 43  ? 13.644  7.675   3.656   1.00 25.84 ? 537  GLU A C   1 
ATOM   333  O O   . GLU A 1 43  ? 13.960  6.578   3.199   1.00 24.88 ? 537  GLU A O   1 
ATOM   334  C CB  . GLU A 1 43  ? 15.487  9.315   4.121   1.00 30.78 ? 537  GLU A CB  1 
ATOM   335  C CG  . GLU A 1 43  ? 16.711  8.412   3.973   1.00 37.67 ? 537  GLU A CG  1 
ATOM   336  C CD  . GLU A 1 43  ? 17.896  8.871   4.807   1.00 41.03 ? 537  GLU A CD  1 
ATOM   337  O OE1 . GLU A 1 43  ? 18.261  10.064  4.720   1.00 42.93 ? 537  GLU A OE1 1 
ATOM   338  O OE2 . GLU A 1 43  ? 18.471  8.037   5.542   1.00 43.00 ? 537  GLU A OE2 1 
ATOM   339  N N   . TYR A 1 44  ? 12.695  7.830   4.574   1.00 24.84 ? 538  TYR A N   1 
ATOM   340  C CA  . TYR A 1 44  ? 11.947  6.698   5.114   1.00 22.93 ? 538  TYR A CA  1 
ATOM   341  C C   . TYR A 1 44  ? 11.097  6.036   4.027   1.00 22.80 ? 538  TYR A C   1 
ATOM   342  O O   . TYR A 1 44  ? 11.063  4.811   3.907   1.00 21.72 ? 538  TYR A O   1 
ATOM   343  C CB  . TYR A 1 44  ? 11.047  7.166   6.256   1.00 23.81 ? 538  TYR A CB  1 
ATOM   344  C CG  . TYR A 1 44  ? 10.272  6.050   6.913   1.00 25.81 ? 538  TYR A CG  1 
ATOM   345  C CD1 . TYR A 1 44  ? 10.928  5.053   7.637   1.00 26.42 ? 538  TYR A CD1 1 
ATOM   346  C CD2 . TYR A 1 44  ? 8.885   5.974   6.793   1.00 25.47 ? 538  TYR A CD2 1 
ATOM   347  C CE1 . TYR A 1 44  ? 10.223  4.008   8.226   1.00 25.88 ? 538  TYR A CE1 1 
ATOM   348  C CE2 . TYR A 1 44  ? 8.167   4.929   7.376   1.00 26.52 ? 538  TYR A CE2 1 
ATOM   349  C CZ  . TYR A 1 44  ? 8.843   3.951   8.091   1.00 28.15 ? 538  TYR A CZ  1 
ATOM   350  O OH  . TYR A 1 44  ? 8.144   2.920   8.670   1.00 26.47 ? 538  TYR A OH  1 
ATOM   351  N N   . ILE A 1 45  ? 10.400  6.853   3.246   1.00 21.68 ? 539  ILE A N   1 
ATOM   352  C CA  . ILE A 1 45  ? 9.568   6.344   2.164   1.00 20.74 ? 539  ILE A CA  1 
ATOM   353  C C   . ILE A 1 45  ? 10.442  5.609   1.150   1.00 20.16 ? 539  ILE A C   1 
ATOM   354  O O   . ILE A 1 45  ? 10.104  4.512   0.709   1.00 17.51 ? 539  ILE A O   1 
ATOM   355  C CB  . ILE A 1 45  ? 8.818   7.495   1.458   1.00 21.74 ? 539  ILE A CB  1 
ATOM   356  C CG1 . ILE A 1 45  ? 7.753   8.065   2.399   1.00 20.85 ? 539  ILE A CG1 1 
ATOM   357  C CG2 . ILE A 1 45  ? 8.190   6.996   0.154   1.00 20.84 ? 539  ILE A CG2 1 
ATOM   358  C CD1 . ILE A 1 45  ? 7.084   9.322   1.887   1.00 20.49 ? 539  ILE A CD1 1 
ATOM   359  N N   . ALA A 1 46  ? 11.568  6.217   0.790   1.00 19.32 ? 540  ALA A N   1 
ATOM   360  C CA  . ALA A 1 46  ? 12.492  5.610   -0.164  1.00 20.36 ? 540  ALA A CA  1 
ATOM   361  C C   . ALA A 1 46  ? 12.989  4.256   0.345   1.00 20.30 ? 540  ALA A C   1 
ATOM   362  O O   . ALA A 1 46  ? 13.038  3.280   -0.402  1.00 20.94 ? 540  ALA A O   1 
ATOM   363  C CB  . ALA A 1 46  ? 13.680  6.545   -0.407  1.00 22.34 ? 540  ALA A CB  1 
ATOM   364  N N   . ARG A 1 47  ? 13.354  4.199   1.621   1.00 21.16 ? 541  ARG A N   1 
ATOM   365  C CA  . ARG A 1 47  ? 13.857  2.967   2.220   1.00 21.93 ? 541  ARG A CA  1 
ATOM   366  C C   . ARG A 1 47  ? 12.865  1.811   2.114   1.00 21.80 ? 541  ARG A C   1 
ATOM   367  O O   . ARG A 1 47  ? 13.237  0.686   1.774   1.00 20.54 ? 541  ARG A O   1 
ATOM   368  C CB  . ARG A 1 47  ? 14.219  3.211   3.690   1.00 25.89 ? 541  ARG A CB  1 
ATOM   369  C CG  . ARG A 1 47  ? 14.659  1.966   4.443   1.00 31.48 ? 541  ARG A CG  1 
ATOM   370  C CD  . ARG A 1 47  ? 15.761  2.283   5.446   1.00 36.95 ? 541  ARG A CD  1 
ATOM   371  N NE  . ARG A 1 47  ? 15.388  3.343   6.382   1.00 41.58 ? 541  ARG A NE  1 
ATOM   372  C CZ  . ARG A 1 47  ? 14.434  3.236   7.299   1.00 42.58 ? 541  ARG A CZ  1 
ATOM   373  N NH1 . ARG A 1 47  ? 13.742  2.109   7.415   1.00 44.23 ? 541  ARG A NH1 1 
ATOM   374  N NH2 . ARG A 1 47  ? 14.174  4.257   8.107   1.00 43.79 ? 541  ARG A NH2 1 
ATOM   375  N N   . LEU A 1 48  ? 11.600  2.089   2.401   1.00 20.11 ? 542  LEU A N   1 
ATOM   376  C CA  . LEU A 1 48  ? 10.580  1.053   2.347   1.00 19.67 ? 542  LEU A CA  1 
ATOM   377  C C   . LEU A 1 48  ? 10.160  0.692   0.929   1.00 18.91 ? 542  LEU A C   1 
ATOM   378  O O   . LEU A 1 48  ? 10.007  -0.486  0.608   1.00 18.73 ? 542  LEU A O   1 
ATOM   379  C CB  . LEU A 1 48  ? 9.357   1.478   3.164   1.00 20.68 ? 542  LEU A CB  1 
ATOM   380  C CG  . LEU A 1 48  ? 9.595   1.489   4.675   1.00 20.67 ? 542  LEU A CG  1 
ATOM   381  C CD1 . LEU A 1 48  ? 8.333   1.915   5.400   1.00 24.46 ? 542  LEU A CD1 1 
ATOM   382  C CD2 . LEU A 1 48  ? 10.020  0.094   5.128   1.00 24.22 ? 542  LEU A CD2 1 
ATOM   383  N N   . VAL A 1 49  ? 9.979   1.697   0.077   1.00 17.49 ? 543  VAL A N   1 
ATOM   384  C CA  . VAL A 1 49  ? 9.567   1.441   -1.302  1.00 16.34 ? 543  VAL A CA  1 
ATOM   385  C C   . VAL A 1 49  ? 10.577  0.569   -2.030  1.00 16.32 ? 543  VAL A C   1 
ATOM   386  O O   . VAL A 1 49  ? 10.210  -0.251  -2.871  1.00 16.18 ? 543  VAL A O   1 
ATOM   387  C CB  . VAL A 1 49  ? 9.369   2.763   -2.087  1.00 15.84 ? 543  VAL A CB  1 
ATOM   388  C CG1 . VAL A 1 49  ? 9.219   2.480   -3.582  1.00 17.66 ? 543  VAL A CG1 1 
ATOM   389  C CG2 . VAL A 1 49  ? 8.124   3.475   -1.576  1.00 15.61 ? 543  VAL A CG2 1 
ATOM   390  N N   . PHE A 1 50  ? 11.852  0.741   -1.687  1.00 17.42 ? 544  PHE A N   1 
ATOM   391  C CA  . PHE A 1 50  ? 12.921  -0.027  -2.315  1.00 16.60 ? 544  PHE A CA  1 
ATOM   392  C C   . PHE A 1 50  ? 13.379  -1.248  -1.524  1.00 16.38 ? 544  PHE A C   1 
ATOM   393  O O   . PHE A 1 50  ? 14.348  -1.901  -1.902  1.00 16.16 ? 544  PHE A O   1 
ATOM   394  C CB  . PHE A 1 50  ? 14.115  0.887   -2.598  1.00 16.56 ? 544  PHE A CB  1 
ATOM   395  C CG  . PHE A 1 50  ? 13.918  1.768   -3.796  1.00 17.25 ? 544  PHE A CG  1 
ATOM   396  C CD1 . PHE A 1 50  ? 14.151  1.280   -5.079  1.00 17.62 ? 544  PHE A CD1 1 
ATOM   397  C CD2 . PHE A 1 50  ? 13.445  3.069   -3.651  1.00 17.83 ? 544  PHE A CD2 1 
ATOM   398  C CE1 . PHE A 1 50  ? 13.912  2.073   -6.199  1.00 20.82 ? 544  PHE A CE1 1 
ATOM   399  C CE2 . PHE A 1 50  ? 13.202  3.869   -4.768  1.00 20.28 ? 544  PHE A CE2 1 
ATOM   400  C CZ  . PHE A 1 50  ? 13.437  3.367   -6.045  1.00 17.84 ? 544  PHE A CZ  1 
ATOM   401  N N   . ASP A 1 51  ? 12.687  -1.557  -0.432  1.00 16.68 ? 545  ASP A N   1 
ATOM   402  C CA  . ASP A 1 51  ? 13.041  -2.722  0.372   1.00 18.80 ? 545  ASP A CA  1 
ATOM   403  C C   . ASP A 1 51  ? 12.506  -3.980  -0.302  1.00 19.19 ? 545  ASP A C   1 
ATOM   404  O O   . ASP A 1 51  ? 11.314  -4.080  -0.591  1.00 18.27 ? 545  ASP A O   1 
ATOM   405  C CB  . ASP A 1 51  ? 12.447  -2.622  1.777   1.00 18.99 ? 545  ASP A CB  1 
ATOM   406  C CG  . ASP A 1 51  ? 12.760  -3.846  2.619   1.00 20.81 ? 545  ASP A CG  1 
ATOM   407  O OD1 . ASP A 1 51  ? 13.947  -4.044  2.960   1.00 21.92 ? 545  ASP A OD1 1 
ATOM   408  O OD2 . ASP A 1 51  ? 11.826  -4.614  2.925   1.00 20.03 ? 545  ASP A OD2 1 
ATOM   409  N N   . PRO A 1 52  ? 13.380  -4.967  -0.546  1.00 21.16 ? 546  PRO A N   1 
ATOM   410  C CA  . PRO A 1 52  ? 12.988  -6.222  -1.193  1.00 22.62 ? 546  PRO A CA  1 
ATOM   411  C C   . PRO A 1 52  ? 11.800  -6.963  -0.577  1.00 22.38 ? 546  PRO A C   1 
ATOM   412  O O   . PRO A 1 52  ? 11.127  -7.725  -1.268  1.00 22.10 ? 546  PRO A O   1 
ATOM   413  C CB  . PRO A 1 52  ? 14.274  -7.046  -1.144  1.00 24.78 ? 546  PRO A CB  1 
ATOM   414  C CG  . PRO A 1 52  ? 15.331  -6.002  -1.250  1.00 23.13 ? 546  PRO A CG  1 
ATOM   415  C CD  . PRO A 1 52  ? 14.832  -4.947  -0.292  1.00 22.50 ? 546  PRO A CD  1 
ATOM   416  N N   . LYS A 1 53  ? 11.535  -6.740  0.708   1.00 20.80 ? 547  LYS A N   1 
ATOM   417  C CA  . LYS A 1 53  ? 10.422  -7.418  1.375   1.00 20.22 ? 547  LYS A CA  1 
ATOM   418  C C   . LYS A 1 53  ? 9.105   -6.682  1.205   1.00 18.68 ? 547  LYS A C   1 
ATOM   419  O O   . LYS A 1 53  ? 8.056   -7.168  1.626   1.00 19.57 ? 547  LYS A O   1 
ATOM   420  C CB  . LYS A 1 53  ? 10.723  -7.600  2.863   1.00 22.60 ? 547  LYS A CB  1 
ATOM   421  C CG  . LYS A 1 53  ? 11.872  -8.557  3.135   1.00 25.20 ? 547  LYS A CG  1 
ATOM   422  C CD  . LYS A 1 53  ? 12.303  -8.494  4.587   1.00 31.49 ? 547  LYS A CD  1 
ATOM   423  C CE  . LYS A 1 53  ? 13.390  -9.515  4.883   1.00 34.04 ? 547  LYS A CE  1 
ATOM   424  N NZ  . LYS A 1 53  ? 12.891  -10.909 4.727   1.00 37.62 ? 547  LYS A NZ  1 
ATOM   425  N N   . HIS A 1 54  ? 9.165   -5.509  0.591   1.00 18.52 ? 548  HIS A N   1 
ATOM   426  C CA  . HIS A 1 54  ? 7.971   -4.714  0.343   1.00 18.35 ? 548  HIS A CA  1 
ATOM   427  C C   . HIS A 1 54  ? 7.653   -4.688  -1.147  1.00 18.61 ? 548  HIS A C   1 
ATOM   428  O O   . HIS A 1 54  ? 8.555   -4.671  -1.986  1.00 19.96 ? 548  HIS A O   1 
ATOM   429  C CB  . HIS A 1 54  ? 8.160   -3.272  0.823   1.00 15.92 ? 548  HIS A CB  1 
ATOM   430  C CG  . HIS A 1 54  ? 8.183   -3.122  2.313   1.00 18.56 ? 548  HIS A CG  1 
ATOM   431  N ND1 . HIS A 1 54  ? 9.233   -3.561  3.090   1.00 17.31 ? 548  HIS A ND1 1 
ATOM   432  C CD2 . HIS A 1 54  ? 7.281   -2.584  3.168   1.00 17.33 ? 548  HIS A CD2 1 
ATOM   433  C CE1 . HIS A 1 54  ? 8.978   -3.298  4.360   1.00 19.53 ? 548  HIS A CE1 1 
ATOM   434  N NE2 . HIS A 1 54  ? 7.800   -2.705  4.434   1.00 18.55 ? 548  HIS A NE2 1 
ATOM   435  N N   . LYS A 1 55  ? 6.367   -4.697  -1.472  1.00 16.97 ? 549  LYS A N   1 
ATOM   436  C CA  . LYS A 1 55  ? 5.940   -4.618  -2.862  1.00 16.57 ? 549  LYS A CA  1 
ATOM   437  C C   . LYS A 1 55  ? 5.044   -3.393  -2.939  1.00 15.15 ? 549  LYS A C   1 
ATOM   438  O O   . LYS A 1 55  ? 4.571   -2.896  -1.913  1.00 14.84 ? 549  LYS A O   1 
ATOM   439  C CB  . LYS A 1 55  ? 5.103   -5.835  -3.269  1.00 17.22 ? 549  LYS A CB  1 
ATOM   440  C CG  . LYS A 1 55  ? 5.758   -7.185  -3.098  1.00 20.06 ? 549  LYS A CG  1 
ATOM   441  C CD  . LYS A 1 55  ? 4.839   -8.275  -3.641  1.00 19.68 ? 549  LYS A CD  1 
ATOM   442  C CE  . LYS A 1 55  ? 5.478   -9.648  -3.541  1.00 21.42 ? 549  LYS A CE  1 
ATOM   443  N NZ  . LYS A 1 55  ? 4.600   -10.706 -4.115  1.00 21.55 ? 549  LYS A NZ  1 
ATOM   444  N N   . THR A 1 56  ? 4.815   -2.896  -4.146  1.00 15.67 ? 550  THR A N   1 
ATOM   445  C CA  . THR A 1 56  ? 3.917   -1.763  -4.301  1.00 13.70 ? 550  THR A CA  1 
ATOM   446  C C   . THR A 1 56  ? 3.004   -2.027  -5.491  1.00 15.22 ? 550  THR A C   1 
ATOM   447  O O   . THR A 1 56  ? 3.472   -2.381  -6.577  1.00 16.38 ? 550  THR A O   1 
ATOM   448  C CB  . THR A 1 56  ? 4.665   -0.424  -4.548  1.00 14.48 ? 550  THR A CB  1 
ATOM   449  O OG1 . THR A 1 56  ? 5.603   -0.174  -3.490  1.00 15.38 ? 550  THR A OG1 1 
ATOM   450  C CG2 . THR A 1 56  ? 3.667   0.723   -4.589  1.00 17.62 ? 550  THR A CG2 1 
ATOM   451  N N   . LEU A 1 57  ? 1.702   -1.879  -5.274  1.00 13.37 ? 551  LEU A N   1 
ATOM   452  C CA  . LEU A 1 57  ? 0.730   -2.044  -6.342  1.00 14.19 ? 551  LEU A CA  1 
ATOM   453  C C   . LEU A 1 57  ? 0.668   -0.648  -6.939  1.00 15.21 ? 551  LEU A C   1 
ATOM   454  O O   . LEU A 1 57  ? 0.190   0.281   -6.292  1.00 16.81 ? 551  LEU A O   1 
ATOM   455  C CB  . LEU A 1 57  ? -0.637  -2.428  -5.777  1.00 12.36 ? 551  LEU A CB  1 
ATOM   456  C CG  . LEU A 1 57  ? -1.790  -2.408  -6.782  1.00 13.38 ? 551  LEU A CG  1 
ATOM   457  C CD1 . LEU A 1 57  ? -1.495  -3.365  -7.934  1.00 13.65 ? 551  LEU A CD1 1 
ATOM   458  C CD2 . LEU A 1 57  ? -3.085  -2.804  -6.080  1.00 13.09 ? 551  LEU A CD2 1 
ATOM   459  N N   . ALA A 1 58  ? 1.166   -0.499  -8.162  1.00 14.74 ? 552  ALA A N   1 
ATOM   460  C CA  . ALA A 1 58  ? 1.193   0.803   -8.814  1.00 14.83 ? 552  ALA A CA  1 
ATOM   461  C C   . ALA A 1 58  ? 0.072   1.006   -9.819  1.00 16.34 ? 552  ALA A C   1 
ATOM   462  O O   . ALA A 1 58  ? -0.274  0.097   -10.574 1.00 14.89 ? 552  ALA A O   1 
ATOM   463  C CB  . ALA A 1 58  ? 2.551   1.010   -9.508  1.00 15.37 ? 552  ALA A CB  1 
ATOM   464  N N   . LEU A 1 59  ? -0.494  2.210   -9.805  1.00 16.67 ? 553  LEU A N   1 
ATOM   465  C CA  . LEU A 1 59  ? -1.548  2.592   -10.738 1.00 17.62 ? 553  LEU A CA  1 
ATOM   466  C C   . LEU A 1 59  ? -0.850  3.517   -11.724 1.00 17.40 ? 553  LEU A C   1 
ATOM   467  O O   . LEU A 1 59  ? -0.428  4.615   -11.363 1.00 16.28 ? 553  LEU A O   1 
ATOM   468  C CB  . LEU A 1 59  ? -2.672  3.339   -10.018 1.00 18.04 ? 553  LEU A CB  1 
ATOM   469  C CG  . LEU A 1 59  ? -3.787  3.863   -10.930 1.00 16.49 ? 553  LEU A CG  1 
ATOM   470  C CD1 . LEU A 1 59  ? -4.467  2.695   -11.642 1.00 20.32 ? 553  LEU A CD1 1 
ATOM   471  C CD2 . LEU A 1 59  ? -4.799  4.642   -10.104 1.00 19.61 ? 553  LEU A CD2 1 
ATOM   472  N N   . ILE A 1 60  ? -0.726  3.051   -12.964 1.00 18.80 ? 554  ILE A N   1 
ATOM   473  C CA  . ILE A 1 60  ? -0.036  3.785   -14.016 1.00 20.74 ? 554  ILE A CA  1 
ATOM   474  C C   . ILE A 1 60  ? -0.957  4.187   -15.158 1.00 22.43 ? 554  ILE A C   1 
ATOM   475  O O   . ILE A 1 60  ? -1.740  3.374   -15.640 1.00 21.59 ? 554  ILE A O   1 
ATOM   476  C CB  . ILE A 1 60  ? 1.081   2.915   -14.638 1.00 22.13 ? 554  ILE A CB  1 
ATOM   477  C CG1 . ILE A 1 60  ? 1.907   2.243   -13.540 1.00 22.55 ? 554  ILE A CG1 1 
ATOM   478  C CG2 . ILE A 1 60  ? 1.959   3.764   -15.547 1.00 23.39 ? 554  ILE A CG2 1 
ATOM   479  C CD1 . ILE A 1 60  ? 2.668   3.200   -12.668 1.00 25.19 ? 554  ILE A CD1 1 
ATOM   480  N N   . LYS A 1 61  ? -0.850  5.435   -15.596 1.00 25.35 ? 555  LYS A N   1 
ATOM   481  C CA  . LYS A 1 61  ? -1.646  5.901   -16.724 1.00 29.69 ? 555  LYS A CA  1 
ATOM   482  C C   . LYS A 1 61  ? -0.707  6.647   -17.664 1.00 31.42 ? 555  LYS A C   1 
ATOM   483  O O   . LYS A 1 61  ? -0.073  7.632   -17.279 1.00 31.78 ? 555  LYS A O   1 
ATOM   484  C CB  . LYS A 1 61  ? -2.792  6.810   -16.264 1.00 31.66 ? 555  LYS A CB  1 
ATOM   485  C CG  . LYS A 1 61  ? -2.376  8.151   -15.701 1.00 36.45 ? 555  LYS A CG  1 
ATOM   486  C CD  . LYS A 1 61  ? -3.589  9.052   -15.491 1.00 38.44 ? 555  LYS A CD  1 
ATOM   487  C CE  . LYS A 1 61  ? -4.309  9.333   -16.804 1.00 40.33 ? 555  LYS A CE  1 
ATOM   488  N NZ  . LYS A 1 61  ? -5.456  10.275  -16.633 1.00 41.10 ? 555  LYS A NZ  1 
ATOM   489  N N   . ASP A 1 62  ? -0.606  6.158   -18.895 1.00 34.33 ? 556  ASP A N   1 
ATOM   490  C CA  . ASP A 1 62  ? 0.277   6.761   -19.885 1.00 36.19 ? 556  ASP A CA  1 
ATOM   491  C C   . ASP A 1 62  ? 1.718   6.726   -19.392 1.00 35.01 ? 556  ASP A C   1 
ATOM   492  O O   . ASP A 1 62  ? 2.427   7.729   -19.439 1.00 35.57 ? 556  ASP A O   1 
ATOM   493  C CB  . ASP A 1 62  ? -0.141  8.205   -20.171 1.00 38.47 ? 556  ASP A CB  1 
ATOM   494  C CG  . ASP A 1 62  ? -1.417  8.290   -20.979 1.00 41.76 ? 556  ASP A CG  1 
ATOM   495  O OD1 . ASP A 1 62  ? -1.452  7.714   -22.090 1.00 43.21 ? 556  ASP A OD1 1 
ATOM   496  O OD2 . ASP A 1 62  ? -2.382  8.929   -20.507 1.00 43.43 ? 556  ASP A OD2 1 
ATOM   497  N N   . GLY A 1 63  ? 2.135   5.561   -18.905 1.00 34.84 ? 557  GLY A N   1 
ATOM   498  C CA  . GLY A 1 63  ? 3.492   5.387   -18.420 1.00 33.19 ? 557  GLY A CA  1 
ATOM   499  C C   . GLY A 1 63  ? 3.861   6.124   -17.147 1.00 32.61 ? 557  GLY A C   1 
ATOM   500  O O   . GLY A 1 63  ? 4.974   5.965   -16.648 1.00 32.87 ? 557  GLY A O   1 
ATOM   501  N N   . ARG A 1 64  ? 2.941   6.923   -16.611 1.00 31.54 ? 558  ARG A N   1 
ATOM   502  C CA  . ARG A 1 64  ? 3.215   7.680   -15.395 1.00 29.73 ? 558  ARG A CA  1 
ATOM   503  C C   . ARG A 1 64  ? 2.477   7.156   -14.165 1.00 26.33 ? 558  ARG A C   1 
ATOM   504  O O   . ARG A 1 64  ? 1.317   6.768   -14.241 1.00 24.98 ? 558  ARG A O   1 
ATOM   505  C CB  . ARG A 1 64  ? 2.868   9.155   -15.610 1.00 32.79 ? 558  ARG A CB  1 
ATOM   506  C CG  . ARG A 1 64  ? 3.132   10.035  -14.405 1.00 37.33 ? 558  ARG A CG  1 
ATOM   507  C CD  . ARG A 1 64  ? 3.164   11.502  -14.804 1.00 41.89 ? 558  ARG A CD  1 
ATOM   508  N NE  . ARG A 1 64  ? 4.321   11.808  -15.642 1.00 46.18 ? 558  ARG A NE  1 
ATOM   509  C CZ  . ARG A 1 64  ? 5.581   11.794  -15.214 1.00 48.32 ? 558  ARG A CZ  1 
ATOM   510  N NH1 . ARG A 1 64  ? 5.852   11.491  -13.951 1.00 49.95 ? 558  ARG A NH1 1 
ATOM   511  N NH2 . ARG A 1 64  ? 6.572   12.078  -16.048 1.00 49.55 ? 558  ARG A NH2 1 
ATOM   512  N N   . VAL A 1 65  ? 3.169   7.145   -13.032 1.00 23.33 ? 559  VAL A N   1 
ATOM   513  C CA  . VAL A 1 65  ? 2.584   6.679   -11.781 1.00 21.95 ? 559  VAL A CA  1 
ATOM   514  C C   . VAL A 1 65  ? 1.612   7.727   -11.250 1.00 20.69 ? 559  VAL A C   1 
ATOM   515  O O   . VAL A 1 65  ? 1.990   8.882   -11.070 1.00 21.28 ? 559  VAL A O   1 
ATOM   516  C CB  . VAL A 1 65  ? 3.678   6.449   -10.707 1.00 21.41 ? 559  VAL A CB  1 
ATOM   517  C CG1 . VAL A 1 65  ? 3.035   6.166   -9.353  1.00 22.30 ? 559  VAL A CG1 1 
ATOM   518  C CG2 . VAL A 1 65  ? 4.581   5.296   -11.122 1.00 23.78 ? 559  VAL A CG2 1 
ATOM   519  N N   . ILE A 1 66  ? 0.362   7.336   -11.012 1.00 19.21 ? 560  ILE A N   1 
ATOM   520  C CA  . ILE A 1 66  ? -0.607  8.282   -10.472 1.00 18.99 ? 560  ILE A CA  1 
ATOM   521  C C   . ILE A 1 66  ? -1.125  7.852   -9.109  1.00 15.36 ? 560  ILE A C   1 
ATOM   522  O O   . ILE A 1 66  ? -1.949  8.529   -8.512  1.00 14.65 ? 560  ILE A O   1 
ATOM   523  C CB  . ILE A 1 66  ? -1.811  8.504   -11.413 1.00 20.35 ? 560  ILE A CB  1 
ATOM   524  C CG1 . ILE A 1 66  ? -2.551  7.192   -11.662 1.00 20.25 ? 560  ILE A CG1 1 
ATOM   525  C CG2 . ILE A 1 66  ? -1.330  9.129   -12.713 1.00 21.03 ? 560  ILE A CG2 1 
ATOM   526  C CD1 . ILE A 1 66  ? -3.862  7.376   -12.410 1.00 23.52 ? 560  ILE A CD1 1 
ATOM   527  N N   . GLY A 1 67  ? -0.629  6.726   -8.614  1.00 15.08 ? 561  GLY A N   1 
ATOM   528  C CA  . GLY A 1 67  ? -1.059  6.256   -7.308  1.00 14.02 ? 561  GLY A CA  1 
ATOM   529  C C   . GLY A 1 67  ? -0.511  4.885   -7.003  1.00 13.65 ? 561  GLY A C   1 
ATOM   530  O O   . GLY A 1 67  ? 0.052   4.224   -7.876  1.00 12.61 ? 561  GLY A O   1 
ATOM   531  N N   . GLY A 1 68  ? -0.668  4.450   -5.759  1.00 13.70 ? 562  GLY A N   1 
ATOM   532  C CA  . GLY A 1 68  ? -0.184  3.134   -5.402  1.00 13.66 ? 562  GLY A CA  1 
ATOM   533  C C   . GLY A 1 68  ? -0.360  2.802   -3.940  1.00 14.72 ? 562  GLY A C   1 
ATOM   534  O O   . GLY A 1 68  ? -0.695  3.663   -3.124  1.00 14.09 ? 562  GLY A O   1 
ATOM   535  N N   . ILE A 1 69  ? -0.170  1.529   -3.624  1.00 13.83 ? 563  ILE A N   1 
ATOM   536  C CA  . ILE A 1 69  ? -0.258  1.052   -2.257  1.00 13.18 ? 563  ILE A CA  1 
ATOM   537  C C   . ILE A 1 69  ? 0.989   0.209   -2.021  1.00 12.83 ? 563  ILE A C   1 
ATOM   538  O O   . ILE A 1 69  ? 1.211   -0.791  -2.709  1.00 13.09 ? 563  ILE A O   1 
ATOM   539  C CB  . ILE A 1 69  ? -1.502  0.165   -2.018  1.00 12.99 ? 563  ILE A CB  1 
ATOM   540  C CG1 . ILE A 1 69  ? -2.782  0.978   -2.229  1.00 11.54 ? 563  ILE A CG1 1 
ATOM   541  C CG2 . ILE A 1 69  ? -1.480  -0.379  -0.584  1.00 14.69 ? 563  ILE A CG2 1 
ATOM   542  C CD1 . ILE A 1 69  ? -4.053  0.162   -2.096  1.00 13.94 ? 563  ILE A CD1 1 
ATOM   543  N N   . CYS A 1 70  ? 1.809   0.642   -1.072  1.00 11.93 ? 564  CYS A N   1 
ATOM   544  C CA  . CYS A 1 70  ? 3.022   -0.080  -0.717  1.00 11.72 ? 564  CYS A CA  1 
ATOM   545  C C   . CYS A 1 70  ? 2.604   -1.018  0.405   1.00 13.08 ? 564  CYS A C   1 
ATOM   546  O O   . CYS A 1 70  ? 1.946   -0.595  1.356   1.00 13.25 ? 564  CYS A O   1 
ATOM   547  C CB  . CYS A 1 70  ? 4.101   0.891   -0.224  1.00 13.96 ? 564  CYS A CB  1 
ATOM   548  S SG  . CYS A 1 70  ? 5.668   0.090   0.163   1.00 16.94 ? 564  CYS A SG  1 
ATOM   549  N N   . PHE A 1 71  ? 2.962   -2.291  0.289   1.00 13.23 ? 565  PHE A N   1 
ATOM   550  C CA  . PHE A 1 71  ? 2.573   -3.262  1.301   1.00 15.61 ? 565  PHE A CA  1 
ATOM   551  C C   . PHE A 1 71  ? 3.621   -4.333  1.547   1.00 15.86 ? 565  PHE A C   1 
ATOM   552  O O   . PHE A 1 71  ? 4.582   -4.475  0.795   1.00 16.53 ? 565  PHE A O   1 
ATOM   553  C CB  . PHE A 1 71  ? 1.248   -3.929  0.894   1.00 14.34 ? 565  PHE A CB  1 
ATOM   554  C CG  . PHE A 1 71  ? 1.321   -4.708  -0.394  1.00 14.18 ? 565  PHE A CG  1 
ATOM   555  C CD1 . PHE A 1 71  ? 1.486   -6.094  -0.381  1.00 13.78 ? 565  PHE A CD1 1 
ATOM   556  C CD2 . PHE A 1 71  ? 1.214   -4.059  -1.620  1.00 14.26 ? 565  PHE A CD2 1 
ATOM   557  C CE1 . PHE A 1 71  ? 1.541   -6.819  -1.568  1.00 14.03 ? 565  PHE A CE1 1 
ATOM   558  C CE2 . PHE A 1 71  ? 1.268   -4.772  -2.818  1.00 14.35 ? 565  PHE A CE2 1 
ATOM   559  C CZ  . PHE A 1 71  ? 1.432   -6.154  -2.795  1.00 14.20 ? 565  PHE A CZ  1 
ATOM   560  N N   . ARG A 1 72  ? 3.430   -5.081  2.625   1.00 16.89 ? 566  ARG A N   1 
ATOM   561  C CA  . ARG A 1 72  ? 4.329   -6.169  2.950   1.00 17.68 ? 566  ARG A CA  1 
ATOM   562  C C   . ARG A 1 72  ? 3.493   -7.376  3.341   1.00 17.70 ? 566  ARG A C   1 
ATOM   563  O O   . ARG A 1 72  ? 2.659   -7.306  4.249   1.00 16.74 ? 566  ARG A O   1 
ATOM   564  C CB  . ARG A 1 72  ? 5.277   -5.799  4.088   1.00 17.84 ? 566  ARG A CB  1 
ATOM   565  C CG  . ARG A 1 72  ? 6.198   -6.954  4.412   1.00 20.18 ? 566  ARG A CG  1 
ATOM   566  C CD  . ARG A 1 72  ? 7.264   -6.612  5.404   1.00 23.35 ? 566  ARG A CD  1 
ATOM   567  N NE  . ARG A 1 72  ? 8.064   -7.801  5.675   1.00 25.36 ? 566  ARG A NE  1 
ATOM   568  C CZ  . ARG A 1 72  ? 9.087   -7.842  6.520   1.00 28.78 ? 566  ARG A CZ  1 
ATOM   569  N NH1 . ARG A 1 72  ? 9.445   -6.754  7.189   1.00 28.92 ? 566  ARG A NH1 1 
ATOM   570  N NH2 . ARG A 1 72  ? 9.753   -8.975  6.686   1.00 26.74 ? 566  ARG A NH2 1 
ATOM   571  N N   . MET A 1 73  ? 3.720   -8.477  2.634   1.00 16.27 ? 567  MET A N   1 
ATOM   572  C CA  . MET A 1 73  ? 2.990   -9.712  2.861   1.00 16.33 ? 567  MET A CA  1 
ATOM   573  C C   . MET A 1 73  ? 3.625   -10.542 3.970   1.00 16.92 ? 567  MET A C   1 
ATOM   574  O O   . MET A 1 73  ? 4.840   -10.715 4.009   1.00 17.31 ? 567  MET A O   1 
ATOM   575  C CB  . MET A 1 73  ? 2.943   -10.530 1.565   1.00 16.46 ? 567  MET A CB  1 
ATOM   576  C CG  . MET A 1 73  ? 2.444   -9.743  0.353   1.00 17.07 ? 567  MET A CG  1 
ATOM   577  S SD  . MET A 1 73  ? 2.475   -10.672 -1.208  1.00 18.49 ? 567  MET A SD  1 
ATOM   578  C CE  . MET A 1 73  ? 0.847   -11.431 -1.188  1.00 20.01 ? 567  MET A CE  1 
ATOM   579  N N   . PHE A 1 74  ? 2.787   -11.041 4.874   1.00 18.36 ? 568  PHE A N   1 
ATOM   580  C CA  . PHE A 1 74  ? 3.234   -11.885 5.981   1.00 20.35 ? 568  PHE A CA  1 
ATOM   581  C C   . PHE A 1 74  ? 2.394   -13.161 5.905   1.00 20.95 ? 568  PHE A C   1 
ATOM   582  O O   . PHE A 1 74  ? 1.536   -13.404 6.755   1.00 22.15 ? 568  PHE A O   1 
ATOM   583  C CB  . PHE A 1 74  ? 3.000   -11.179 7.320   1.00 19.81 ? 568  PHE A CB  1 
ATOM   584  C CG  . PHE A 1 74  ? 3.934   -10.020 7.580   1.00 20.43 ? 568  PHE A CG  1 
ATOM   585  C CD1 . PHE A 1 74  ? 5.250   -10.243 7.986   1.00 20.08 ? 568  PHE A CD1 1 
ATOM   586  C CD2 . PHE A 1 74  ? 3.491   -8.708  7.453   1.00 18.78 ? 568  PHE A CD2 1 
ATOM   587  C CE1 . PHE A 1 74  ? 6.109   -9.170  8.265   1.00 18.47 ? 568  PHE A CE1 1 
ATOM   588  C CE2 . PHE A 1 74  ? 4.339   -7.632  7.729   1.00 19.31 ? 568  PHE A CE2 1 
ATOM   589  C CZ  . PHE A 1 74  ? 5.650   -7.864  8.136   1.00 17.88 ? 568  PHE A CZ  1 
ATOM   590  N N   . PRO A 1 75  ? 2.638   -13.992 4.878   1.00 22.29 ? 569  PRO A N   1 
ATOM   591  C CA  . PRO A 1 75  ? 1.918   -15.249 4.645   1.00 25.01 ? 569  PRO A CA  1 
ATOM   592  C C   . PRO A 1 75  ? 1.749   -16.171 5.847   1.00 26.74 ? 569  PRO A C   1 
ATOM   593  O O   . PRO A 1 75  ? 0.663   -16.706 6.072   1.00 27.91 ? 569  PRO A O   1 
ATOM   594  C CB  . PRO A 1 75  ? 2.715   -15.900 3.510   1.00 24.01 ? 569  PRO A CB  1 
ATOM   595  C CG  . PRO A 1 75  ? 4.088   -15.360 3.705   1.00 25.33 ? 569  PRO A CG  1 
ATOM   596  C CD  . PRO A 1 75  ? 3.816   -13.909 3.999   1.00 23.31 ? 569  PRO A CD  1 
ATOM   597  N N   . THR A 1 76  ? 2.808   -16.364 6.622   1.00 28.40 ? 570  THR A N   1 
ATOM   598  C CA  . THR A 1 76  ? 2.698   -17.241 7.779   1.00 29.18 ? 570  THR A CA  1 
ATOM   599  C C   . THR A 1 76  ? 1.824   -16.619 8.861   1.00 28.55 ? 570  THR A C   1 
ATOM   600  O O   . THR A 1 76  ? 1.039   -17.317 9.505   1.00 29.70 ? 570  THR A O   1 
ATOM   601  C CB  . THR A 1 76  ? 4.080   -17.585 8.366   1.00 30.48 ? 570  THR A CB  1 
ATOM   602  O OG1 . THR A 1 76  ? 4.784   -16.381 8.699   1.00 34.83 ? 570  THR A OG1 1 
ATOM   603  C CG2 . THR A 1 76  ? 4.887   -18.385 7.359   1.00 31.18 ? 570  THR A CG2 1 
ATOM   604  N N   . GLN A 1 77  ? 1.947   -15.308 9.044   1.00 25.23 ? 571  GLN A N   1 
ATOM   605  C CA  . GLN A 1 77  ? 1.157   -14.601 10.048  1.00 24.41 ? 571  GLN A CA  1 
ATOM   606  C C   . GLN A 1 77  ? -0.302  -14.452 9.617   1.00 23.36 ? 571  GLN A C   1 
ATOM   607  O O   . GLN A 1 77  ? -1.168  -14.135 10.434  1.00 22.19 ? 571  GLN A O   1 
ATOM   608  C CB  . GLN A 1 77  ? 1.745   -13.217 10.327  1.00 24.54 ? 571  GLN A CB  1 
ATOM   609  C CG  . GLN A 1 77  ? 3.158   -13.220 10.892  1.00 25.77 ? 571  GLN A CG  1 
ATOM   610  C CD  . GLN A 1 77  ? 3.327   -14.189 12.044  1.00 27.74 ? 571  GLN A CD  1 
ATOM   611  O OE1 . GLN A 1 77  ? 3.562   -15.379 11.837  1.00 29.20 ? 571  GLN A OE1 1 
ATOM   612  N NE2 . GLN A 1 77  ? 3.197   -13.687 13.268  1.00 26.70 ? 571  GLN A NE2 1 
ATOM   613  N N   . GLY A 1 78  ? -0.566  -14.675 8.333   1.00 20.71 ? 572  GLY A N   1 
ATOM   614  C CA  . GLY A 1 78  ? -1.925  -14.583 7.821   1.00 19.93 ? 572  GLY A CA  1 
ATOM   615  C C   . GLY A 1 78  ? -2.427  -13.185 7.509   1.00 17.88 ? 572  GLY A C   1 
ATOM   616  O O   . GLY A 1 78  ? -3.631  -12.952 7.465   1.00 17.45 ? 572  GLY A O   1 
ATOM   617  N N   . PHE A 1 79  ? -1.518  -12.241 7.295   1.00 17.27 ? 573  PHE A N   1 
ATOM   618  C CA  . PHE A 1 79  ? -1.949  -10.889 6.981   1.00 16.31 ? 573  PHE A CA  1 
ATOM   619  C C   . PHE A 1 79  ? -0.918  -10.121 6.182   1.00 15.57 ? 573  PHE A C   1 
ATOM   620  O O   . PHE A 1 79  ? 0.208   -10.575 5.980   1.00 16.27 ? 573  PHE A O   1 
ATOM   621  C CB  . PHE A 1 79  ? -2.287  -10.116 8.268   1.00 14.33 ? 573  PHE A CB  1 
ATOM   622  C CG  . PHE A 1 79  ? -1.090  -9.804  9.132   1.00 17.42 ? 573  PHE A CG  1 
ATOM   623  C CD1 . PHE A 1 79  ? -0.230  -8.754  8.812   1.00 19.49 ? 573  PHE A CD1 1 
ATOM   624  C CD2 . PHE A 1 79  ? -0.828  -10.557 10.273  1.00 18.49 ? 573  PHE A CD2 1 
ATOM   625  C CE1 . PHE A 1 79  ? 0.873   -8.459  9.617   1.00 20.25 ? 573  PHE A CE1 1 
ATOM   626  C CE2 . PHE A 1 79  ? 0.274   -10.268 11.086  1.00 20.45 ? 573  PHE A CE2 1 
ATOM   627  C CZ  . PHE A 1 79  ? 1.123   -9.220  10.756  1.00 19.38 ? 573  PHE A CZ  1 
ATOM   628  N N   . THR A 1 80  ? -1.335  -8.949  5.721   1.00 16.02 ? 574  THR A N   1 
ATOM   629  C CA  . THR A 1 80  ? -0.477  -8.060  4.965   1.00 14.52 ? 574  THR A CA  1 
ATOM   630  C C   . THR A 1 80  ? -0.559  -6.688  5.597   1.00 14.77 ? 574  THR A C   1 
ATOM   631  O O   . THR A 1 80  ? -1.633  -6.236  6.005   1.00 15.31 ? 574  THR A O   1 
ATOM   632  C CB  . THR A 1 80  ? -0.911  -7.955  3.488   1.00 15.59 ? 574  THR A CB  1 
ATOM   633  O OG1 . THR A 1 80  ? -0.368  -9.060  2.760   1.00 16.05 ? 574  THR A OG1 1 
ATOM   634  C CG2 . THR A 1 80  ? -0.419  -6.641  2.865   1.00 16.93 ? 574  THR A CG2 1 
ATOM   635  N N   . GLU A 1 81  ? 0.590   -6.036  5.679   1.00 13.52 ? 575  GLU A N   1 
ATOM   636  C CA  . GLU A 1 81  ? 0.683   -4.703  6.244   1.00 13.31 ? 575  GLU A CA  1 
ATOM   637  C C   . GLU A 1 81  ? 0.598   -3.664  5.135   1.00 14.64 ? 575  GLU A C   1 
ATOM   638  O O   . GLU A 1 81  ? 1.343   -3.738  4.160   1.00 14.33 ? 575  GLU A O   1 
ATOM   639  C CB  . GLU A 1 81  ? 2.016   -4.559  6.986   1.00 13.55 ? 575  GLU A CB  1 
ATOM   640  C CG  . GLU A 1 81  ? 2.394   -3.141  7.339   1.00 17.38 ? 575  GLU A CG  1 
ATOM   641  C CD  . GLU A 1 81  ? 3.763   -3.055  7.991   1.00 16.39 ? 575  GLU A CD  1 
ATOM   642  O OE1 . GLU A 1 81  ? 4.636   -3.880  7.648   1.00 19.55 ? 575  GLU A OE1 1 
ATOM   643  O OE2 . GLU A 1 81  ? 3.968   -2.158  8.831   1.00 20.30 ? 575  GLU A OE2 1 
ATOM   644  N N   . ILE A 1 82  ? -0.333  -2.723  5.268   1.00 12.52 ? 576  ILE A N   1 
ATOM   645  C CA  . ILE A 1 82  ? -0.468  -1.645  4.292   1.00 13.61 ? 576  ILE A CA  1 
ATOM   646  C C   . ILE A 1 82  ? 0.418   -0.537  4.845   1.00 14.69 ? 576  ILE A C   1 
ATOM   647  O O   . ILE A 1 82  ? 0.121   0.037   5.891   1.00 15.84 ? 576  ILE A O   1 
ATOM   648  C CB  . ILE A 1 82  ? -1.921  -1.124  4.192   1.00 14.43 ? 576  ILE A CB  1 
ATOM   649  C CG1 . ILE A 1 82  ? -2.859  -2.257  3.768   1.00 17.72 ? 576  ILE A CG1 1 
ATOM   650  C CG2 . ILE A 1 82  ? -1.992  0.037   3.192   1.00 16.57 ? 576  ILE A CG2 1 
ATOM   651  C CD1 . ILE A 1 82  ? -2.478  -2.930  2.477   1.00 19.83 ? 576  ILE A CD1 1 
ATOM   652  N N   . VAL A 1 83  ? 1.506   -0.251  4.142   1.00 16.14 ? 577  VAL A N   1 
ATOM   653  C CA  . VAL A 1 83  ? 2.472   0.756   4.573   1.00 15.56 ? 577  VAL A CA  1 
ATOM   654  C C   . VAL A 1 83  ? 2.186   2.173   4.078   1.00 16.49 ? 577  VAL A C   1 
ATOM   655  O O   . VAL A 1 83  ? 2.134   3.113   4.872   1.00 17.07 ? 577  VAL A O   1 
ATOM   656  C CB  . VAL A 1 83  ? 3.885   0.331   4.137   1.00 16.53 ? 577  VAL A CB  1 
ATOM   657  C CG1 . VAL A 1 83  ? 4.924   1.331   4.634   1.00 17.19 ? 577  VAL A CG1 1 
ATOM   658  C CG2 . VAL A 1 83  ? 4.178   -1.057  4.678   1.00 18.35 ? 577  VAL A CG2 1 
ATOM   659  N N   . PHE A 1 84  ? 2.022   2.330   2.767   1.00 15.72 ? 578  PHE A N   1 
ATOM   660  C CA  . PHE A 1 84  ? 1.720   3.637   2.187   1.00 16.80 ? 578  PHE A CA  1 
ATOM   661  C C   . PHE A 1 84  ? 0.565   3.477   1.221   1.00 16.33 ? 578  PHE A C   1 
ATOM   662  O O   . PHE A 1 84  ? 0.479   2.479   0.511   1.00 15.80 ? 578  PHE A O   1 
ATOM   663  C CB  . PHE A 1 84  ? 2.911   4.201   1.408   1.00 16.51 ? 578  PHE A CB  1 
ATOM   664  C CG  . PHE A 1 84  ? 4.172   4.308   2.209   1.00 16.52 ? 578  PHE A CG  1 
ATOM   665  C CD1 . PHE A 1 84  ? 4.183   4.968   3.433   1.00 17.41 ? 578  PHE A CD1 1 
ATOM   666  C CD2 . PHE A 1 84  ? 5.359   3.761   1.727   1.00 17.16 ? 578  PHE A CD2 1 
ATOM   667  C CE1 . PHE A 1 84  ? 5.357   5.085   4.167   1.00 17.47 ? 578  PHE A CE1 1 
ATOM   668  C CE2 . PHE A 1 84  ? 6.539   3.874   2.454   1.00 17.91 ? 578  PHE A CE2 1 
ATOM   669  C CZ  . PHE A 1 84  ? 6.537   4.539   3.676   1.00 19.05 ? 578  PHE A CZ  1 
ATOM   670  N N   . CYS A 1 85  ? -0.312  4.469   1.192   1.00 16.66 ? 579  CYS A N   1 
ATOM   671  C CA  . CYS A 1 85  ? -1.463  4.454   0.307   1.00 17.28 ? 579  CYS A CA  1 
ATOM   672  C C   . CYS A 1 85  ? -1.652  5.887   -0.183  1.00 17.15 ? 579  CYS A C   1 
ATOM   673  O O   . CYS A 1 85  ? -1.763  6.813   0.625   1.00 17.02 ? 579  CYS A O   1 
ATOM   674  C CB  . CYS A 1 85  ? -2.697  3.973   1.078   1.00 21.80 ? 579  CYS A CB  1 
ATOM   675  S SG  . CYS A 1 85  ? -4.181  3.762   0.102   1.00 31.48 ? 579  CYS A SG  1 
ATOM   676  N N   . ALA A 1 86  ? -1.668  6.084   -1.498  1.00 15.96 ? 580  ALA A N   1 
ATOM   677  C CA  . ALA A 1 86  ? -1.837  7.438   -2.016  1.00 16.00 ? 580  ALA A CA  1 
ATOM   678  C C   . ALA A 1 86  ? -2.142  7.519   -3.502  1.00 14.88 ? 580  ALA A C   1 
ATOM   679  O O   . ALA A 1 86  ? -1.780  6.641   -4.282  1.00 14.55 ? 580  ALA A O   1 
ATOM   680  C CB  . ALA A 1 86  ? -0.597  8.264   -1.716  1.00 16.08 ? 580  ALA A CB  1 
ATOM   681  N N   . VAL A 1 87  ? -2.813  8.601   -3.873  1.00 17.12 ? 581  VAL A N   1 
ATOM   682  C CA  . VAL A 1 87  ? -3.155  8.880   -5.257  1.00 16.83 ? 581  VAL A CA  1 
ATOM   683  C C   . VAL A 1 87  ? -2.709  10.326  -5.449  1.00 17.49 ? 581  VAL A C   1 
ATOM   684  O O   . VAL A 1 87  ? -2.907  11.161  -4.565  1.00 18.91 ? 581  VAL A O   1 
ATOM   685  C CB  . VAL A 1 87  ? -4.682  8.744   -5.514  1.00 16.68 ? 581  VAL A CB  1 
ATOM   686  C CG1 . VAL A 1 87  ? -5.025  9.240   -6.911  1.00 18.14 ? 581  VAL A CG1 1 
ATOM   687  C CG2 . VAL A 1 87  ? -5.101  7.283   -5.386  1.00 18.00 ? 581  VAL A CG2 1 
ATOM   688  N N   . THR A 1 88  ? -2.072  10.618  -6.577  1.00 17.46 ? 582  THR A N   1 
ATOM   689  C CA  . THR A 1 88  ? -1.613  11.979  -6.815  1.00 17.77 ? 582  THR A CA  1 
ATOM   690  C C   . THR A 1 88  ? -2.828  12.912  -6.756  1.00 17.86 ? 582  THR A C   1 
ATOM   691  O O   . THR A 1 88  ? -3.921  12.552  -7.192  1.00 16.88 ? 582  THR A O   1 
ATOM   692  C CB  . THR A 1 88  ? -0.884  12.086  -8.172  1.00 18.06 ? 582  THR A CB  1 
ATOM   693  O OG1 . THR A 1 88  ? -0.244  13.364  -8.266  1.00 19.91 ? 582  THR A OG1 1 
ATOM   694  C CG2 . THR A 1 88  ? -1.860  11.914  -9.326  1.00 18.01 ? 582  THR A CG2 1 
ATOM   695  N N   . SER A 1 89  ? -2.632  14.101  -6.195  1.00 18.43 ? 583  SER A N   1 
ATOM   696  C CA  . SER A 1 89  ? -3.712  15.072  -6.014  1.00 19.98 ? 583  SER A CA  1 
ATOM   697  C C   . SER A 1 89  ? -4.675  15.330  -7.168  1.00 21.85 ? 583  SER A C   1 
ATOM   698  O O   . SER A 1 89  ? -5.888  15.316  -6.970  1.00 20.98 ? 583  SER A O   1 
ATOM   699  C CB  . SER A 1 89  ? -3.141  16.415  -5.551  1.00 20.27 ? 583  SER A CB  1 
ATOM   700  O OG  . SER A 1 89  ? -2.561  16.300  -4.264  1.00 25.55 ? 583  SER A OG  1 
ATOM   701  N N   . ASN A 1 90  ? -4.152  15.578  -8.364  1.00 22.04 ? 584  ASN A N   1 
ATOM   702  C CA  . ASN A 1 90  ? -5.024  15.876  -9.497  1.00 23.26 ? 584  ASN A CA  1 
ATOM   703  C C   . ASN A 1 90  ? -5.869  14.698  -9.976  1.00 23.00 ? 584  ASN A C   1 
ATOM   704  O O   . ASN A 1 90  ? -6.778  14.880  -10.783 1.00 24.37 ? 584  ASN A O   1 
ATOM   705  C CB  . ASN A 1 90  ? -4.211  16.427  -10.676 1.00 25.89 ? 584  ASN A CB  1 
ATOM   706  C CG  . ASN A 1 90  ? -3.449  15.350  -11.417 1.00 28.86 ? 584  ASN A CG  1 
ATOM   707  O OD1 . ASN A 1 90  ? -2.404  14.886  -10.964 1.00 31.21 ? 584  ASN A OD1 1 
ATOM   708  N ND2 . ASN A 1 90  ? -3.976  14.940  -12.569 1.00 31.51 ? 584  ASN A ND2 1 
ATOM   709  N N   . GLU A 1 91  ? -5.576  13.497  -9.483  1.00 19.26 ? 585  GLU A N   1 
ATOM   710  C CA  . GLU A 1 91  ? -6.326  12.311  -9.883  1.00 18.50 ? 585  GLU A CA  1 
ATOM   711  C C   . GLU A 1 91  ? -7.224  11.781  -8.770  1.00 17.58 ? 585  GLU A C   1 
ATOM   712  O O   . GLU A 1 91  ? -7.929  10.783  -8.949  1.00 17.23 ? 585  GLU A O   1 
ATOM   713  C CB  . GLU A 1 91  ? -5.364  11.215  -10.348 1.00 20.95 ? 585  GLU A CB  1 
ATOM   714  C CG  . GLU A 1 91  ? -4.593  11.589  -11.611 1.00 21.53 ? 585  GLU A CG  1 
ATOM   715  C CD  . GLU A 1 91  ? -5.452  11.558  -12.863 1.00 24.79 ? 585  GLU A CD  1 
ATOM   716  O OE1 . GLU A 1 91  ? -6.695  11.543  -12.745 1.00 23.16 ? 585  GLU A OE1 1 
ATOM   717  O OE2 . GLU A 1 91  ? -4.879  11.553  -13.973 1.00 26.27 ? 585  GLU A OE2 1 
ATOM   718  N N   . GLN A 1 92  ? -7.204  12.454  -7.626  1.00 16.61 ? 586  GLN A N   1 
ATOM   719  C CA  . GLN A 1 92  ? -8.030  12.038  -6.497  1.00 17.41 ? 586  GLN A CA  1 
ATOM   720  C C   . GLN A 1 92  ? -9.503  12.388  -6.696  1.00 19.32 ? 586  GLN A C   1 
ATOM   721  O O   . GLN A 1 92  ? -9.857  13.164  -7.589  1.00 19.15 ? 586  GLN A O   1 
ATOM   722  C CB  . GLN A 1 92  ? -7.532  12.692  -5.207  1.00 17.33 ? 586  GLN A CB  1 
ATOM   723  C CG  . GLN A 1 92  ? -6.238  12.098  -4.656  1.00 16.53 ? 586  GLN A CG  1 
ATOM   724  C CD  . GLN A 1 92  ? -5.838  12.739  -3.344  1.00 16.18 ? 586  GLN A CD  1 
ATOM   725  O OE1 . GLN A 1 92  ? -6.690  13.184  -2.579  1.00 18.37 ? 586  GLN A OE1 1 
ATOM   726  N NE2 . GLN A 1 92  ? -4.540  12.781  -3.070  1.00 15.40 ? 586  GLN A NE2 1 
ATOM   727  N N   . VAL A 1 93  ? -10.346 11.805  -5.846  1.00 18.45 ? 587  VAL A N   1 
ATOM   728  C CA  . VAL A 1 93  ? -11.790 12.024  -5.862  1.00 20.42 ? 587  VAL A CA  1 
ATOM   729  C C   . VAL A 1 93  ? -12.438 11.623  -7.189  1.00 21.10 ? 587  VAL A C   1 
ATOM   730  O O   . VAL A 1 93  ? -13.404 12.245  -7.638  1.00 21.15 ? 587  VAL A O   1 
ATOM   731  C CB  . VAL A 1 93  ? -12.123 13.502  -5.539  1.00 23.35 ? 587  VAL A CB  1 
ATOM   732  C CG1 . VAL A 1 93  ? -13.602 13.650  -5.203  1.00 25.71 ? 587  VAL A CG1 1 
ATOM   733  C CG2 . VAL A 1 93  ? -11.269 13.976  -4.367  1.00 26.09 ? 587  VAL A CG2 1 
ATOM   734  N N   . LYS A 1 94  ? -11.898 10.574  -7.804  1.00 18.18 ? 588  LYS A N   1 
ATOM   735  C CA  . LYS A 1 94  ? -12.414 10.055  -9.068  1.00 17.88 ? 588  LYS A CA  1 
ATOM   736  C C   . LYS A 1 94  ? -12.729 8.570   -8.919  1.00 17.39 ? 588  LYS A C   1 
ATOM   737  O O   . LYS A 1 94  ? -13.361 7.967   -9.791  1.00 18.34 ? 588  LYS A O   1 
ATOM   738  C CB  . LYS A 1 94  ? -11.387 10.243  -10.187 1.00 17.60 ? 588  LYS A CB  1 
ATOM   739  C CG  . LYS A 1 94  ? -11.045 11.689  -10.480 1.00 18.35 ? 588  LYS A CG  1 
ATOM   740  C CD  . LYS A 1 94  ? -10.027 11.787  -11.606 1.00 18.49 ? 588  LYS A CD  1 
ATOM   741  C CE  . LYS A 1 94  ? -9.776  13.239  -11.997 1.00 22.13 ? 588  LYS A CE  1 
ATOM   742  N NZ  . LYS A 1 94  ? -8.883  13.348  -13.183 1.00 22.47 ? 588  LYS A NZ  1 
ATOM   743  N N   . GLY A 1 95  ? -12.281 7.989   -7.808  1.00 15.53 ? 589  GLY A N   1 
ATOM   744  C CA  . GLY A 1 95  ? -12.515 6.582   -7.542  1.00 15.60 ? 589  GLY A CA  1 
ATOM   745  C C   . GLY A 1 95  ? -11.280 5.693   -7.583  1.00 14.60 ? 589  GLY A C   1 
ATOM   746  O O   . GLY A 1 95  ? -11.369 4.500   -7.284  1.00 14.46 ? 589  GLY A O   1 
ATOM   747  N N   . TYR A 1 96  ? -10.125 6.260   -7.923  1.00 15.50 ? 590  TYR A N   1 
ATOM   748  C CA  . TYR A 1 96  ? -8.893  5.474   -8.018  1.00 15.08 ? 590  TYR A CA  1 
ATOM   749  C C   . TYR A 1 96  ? -8.403  4.874   -6.702  1.00 14.52 ? 590  TYR A C   1 
ATOM   750  O O   . TYR A 1 96  ? -7.895  3.751   -6.676  1.00 16.46 ? 590  TYR A O   1 
ATOM   751  C CB  . TYR A 1 96  ? -7.771  6.309   -8.640  1.00 14.74 ? 590  TYR A CB  1 
ATOM   752  C CG  . TYR A 1 96  ? -7.976  6.609   -10.105 1.00 16.29 ? 590  TYR A CG  1 
ATOM   753  C CD1 . TYR A 1 96  ? -8.236  5.582   -11.014 1.00 15.95 ? 590  TYR A CD1 1 
ATOM   754  C CD2 . TYR A 1 96  ? -7.895  7.914   -10.589 1.00 18.83 ? 590  TYR A CD2 1 
ATOM   755  C CE1 . TYR A 1 96  ? -8.408  5.848   -12.367 1.00 20.34 ? 590  TYR A CE1 1 
ATOM   756  C CE2 . TYR A 1 96  ? -8.065  8.190   -11.947 1.00 18.65 ? 590  TYR A CE2 1 
ATOM   757  C CZ  . TYR A 1 96  ? -8.321  7.151   -12.826 1.00 19.37 ? 590  TYR A CZ  1 
ATOM   758  O OH  . TYR A 1 96  ? -8.486  7.412   -14.163 1.00 22.57 ? 590  TYR A OH  1 
ATOM   759  N N   . GLY A 1 97  ? -8.550  5.618   -5.612  1.00 15.87 ? 591  GLY A N   1 
ATOM   760  C CA  . GLY A 1 97  ? -8.112  5.114   -4.324  1.00 14.66 ? 591  GLY A CA  1 
ATOM   761  C C   . GLY A 1 97  ? -8.857  3.843   -3.972  1.00 14.33 ? 591  GLY A C   1 
ATOM   762  O O   . GLY A 1 97  ? -8.280  2.885   -3.457  1.00 15.16 ? 591  GLY A O   1 
ATOM   763  N N   . THR A 1 98  ? -10.155 3.832   -4.249  1.00 14.07 ? 592  THR A N   1 
ATOM   764  C CA  . THR A 1 98  ? -10.975 2.664   -3.974  1.00 14.05 ? 592  THR A CA  1 
ATOM   765  C C   . THR A 1 98  ? -10.648 1.560   -4.982  1.00 14.77 ? 592  THR A C   1 
ATOM   766  O O   . THR A 1 98  ? -10.608 0.377   -4.641  1.00 14.47 ? 592  THR A O   1 
ATOM   767  C CB  . THR A 1 98  ? -12.472 3.015   -4.066  1.00 15.20 ? 592  THR A CB  1 
ATOM   768  O OG1 . THR A 1 98  ? -12.800 3.975   -3.055  1.00 15.87 ? 592  THR A OG1 1 
ATOM   769  C CG2 . THR A 1 98  ? -13.325 1.766   -3.884  1.00 18.10 ? 592  THR A CG2 1 
ATOM   770  N N   . HIS A 1 99  ? -10.402 1.960   -6.225  1.00 15.12 ? 593  HIS A N   1 
ATOM   771  C CA  . HIS A 1 99  ? -10.077 1.024   -7.298  1.00 16.47 ? 593  HIS A CA  1 
ATOM   772  C C   . HIS A 1 99  ? -8.794  0.281   -6.929  1.00 16.53 ? 593  HIS A C   1 
ATOM   773  O O   . HIS A 1 99  ? -8.684  -0.933  -7.115  1.00 17.69 ? 593  HIS A O   1 
ATOM   774  C CB  . HIS A 1 99  ? -9.895  1.806   -8.605  1.00 17.76 ? 593  HIS A CB  1 
ATOM   775  C CG  . HIS A 1 99  ? -10.136 1.002   -9.846  1.00 22.36 ? 593  HIS A CG  1 
ATOM   776  N ND1 . HIS A 1 99  ? -11.147 0.070   -9.948  1.00 22.28 ? 593  HIS A ND1 1 
ATOM   777  C CD2 . HIS A 1 99  ? -9.544  1.048   -11.063 1.00 22.74 ? 593  HIS A CD2 1 
ATOM   778  C CE1 . HIS A 1 99  ? -11.169 -0.420  -11.175 1.00 25.53 ? 593  HIS A CE1 1 
ATOM   779  N NE2 . HIS A 1 99  ? -10.207 0.158   -11.872 1.00 24.30 ? 593  HIS A NE2 1 
ATOM   780  N N   . LEU A 1 100 ? -7.829  1.022   -6.397  1.00 15.50 ? 594  LEU A N   1 
ATOM   781  C CA  . LEU A 1 100 ? -6.552  0.449   -5.985  1.00 15.74 ? 594  LEU A CA  1 
ATOM   782  C C   . LEU A 1 100 ? -6.728  -0.566  -4.861  1.00 15.38 ? 594  LEU A C   1 
ATOM   783  O O   . LEU A 1 100 ? -6.145  -1.652  -4.894  1.00 14.52 ? 594  LEU A O   1 
ATOM   784  C CB  . LEU A 1 100 ? -5.591  1.558   -5.522  1.00 13.96 ? 594  LEU A CB  1 
ATOM   785  C CG  . LEU A 1 100 ? -4.617  2.122   -6.562  1.00 14.98 ? 594  LEU A CG  1 
ATOM   786  C CD1 . LEU A 1 100 ? -4.064  3.458   -6.087  1.00 16.97 ? 594  LEU A CD1 1 
ATOM   787  C CD2 . LEU A 1 100 ? -3.485  1.115   -6.811  1.00 12.84 ? 594  LEU A CD2 1 
ATOM   788  N N   . MET A 1 101 ? -7.527  -0.216  -3.860  1.00 13.11 ? 595  MET A N   1 
ATOM   789  C CA  . MET A 1 101 ? -7.729  -1.131  -2.737  1.00 13.57 ? 595  MET A CA  1 
ATOM   790  C C   . MET A 1 101 ? -8.473  -2.385  -3.186  1.00 14.43 ? 595  MET A C   1 
ATOM   791  O O   . MET A 1 101 ? -8.156  -3.487  -2.747  1.00 14.92 ? 595  MET A O   1 
ATOM   792  C CB  . MET A 1 101 ? -8.494  -0.433  -1.608  1.00 13.16 ? 595  MET A CB  1 
ATOM   793  C CG  . MET A 1 101 ? -8.532  -1.215  -0.284  1.00 13.65 ? 595  MET A CG  1 
ATOM   794  S SD  . MET A 1 101 ? -6.903  -1.460  0.479   1.00 17.19 ? 595  MET A SD  1 
ATOM   795  C CE  . MET A 1 101 ? -6.604  0.190   1.102   1.00 16.99 ? 595  MET A CE  1 
ATOM   796  N N   . ASN A 1 102 ? -9.459  -2.227  -4.065  1.00 14.80 ? 596  ASN A N   1 
ATOM   797  C CA  . ASN A 1 102 ? -10.195 -3.392  -4.539  1.00 16.38 ? 596  ASN A CA  1 
ATOM   798  C C   . ASN A 1 102 ? -9.254  -4.333  -5.280  1.00 14.49 ? 596  ASN A C   1 
ATOM   799  O O   . ASN A 1 102 ? -9.329  -5.551  -5.119  1.00 16.62 ? 596  ASN A O   1 
ATOM   800  C CB  . ASN A 1 102 ? -11.354 -2.978  -5.455  1.00 17.99 ? 596  ASN A CB  1 
ATOM   801  C CG  . ASN A 1 102 ? -12.488 -2.320  -4.698  1.00 19.29 ? 596  ASN A CG  1 
ATOM   802  O OD1 . ASN A 1 102 ? -12.691 -2.582  -3.512  1.00 19.86 ? 596  ASN A OD1 1 
ATOM   803  N ND2 . ASN A 1 102 ? -13.254 -1.480  -5.389  1.00 21.53 ? 596  ASN A ND2 1 
ATOM   804  N N   . HIS A 1 103 ? -8.357  -3.771  -6.086  1.00 16.99 ? 597  HIS A N   1 
ATOM   805  C CA  . HIS A 1 103 ? -7.404  -4.587  -6.833  1.00 16.78 ? 597  HIS A CA  1 
ATOM   806  C C   . HIS A 1 103 ? -6.468  -5.324  -5.868  1.00 17.15 ? 597  HIS A C   1 
ATOM   807  O O   . HIS A 1 103 ? -6.127  -6.489  -6.084  1.00 16.15 ? 597  HIS A O   1 
ATOM   808  C CB  . HIS A 1 103 ? -6.571  -3.708  -7.768  1.00 19.88 ? 597  HIS A CB  1 
ATOM   809  C CG  . HIS A 1 103 ? -5.814  -4.478  -8.804  1.00 24.62 ? 597  HIS A CG  1 
ATOM   810  N ND1 . HIS A 1 103 ? -6.397  -4.927  -9.969  1.00 26.09 ? 597  HIS A ND1 1 
ATOM   811  C CD2 . HIS A 1 103 ? -4.524  -4.891  -8.844  1.00 26.31 ? 597  HIS A CD2 1 
ATOM   812  C CE1 . HIS A 1 103 ? -5.498  -5.583  -10.683 1.00 28.04 ? 597  HIS A CE1 1 
ATOM   813  N NE2 . HIS A 1 103 ? -4.355  -5.577  -10.023 1.00 26.52 ? 597  HIS A NE2 1 
ATOM   814  N N   . LEU A 1 104 ? -6.052  -4.634  -4.808  1.00 14.84 ? 598  LEU A N   1 
ATOM   815  C CA  . LEU A 1 104 ? -5.158  -5.222  -3.816  1.00 14.73 ? 598  LEU A CA  1 
ATOM   816  C C   . LEU A 1 104 ? -5.859  -6.374  -3.099  1.00 15.14 ? 598  LEU A C   1 
ATOM   817  O O   . LEU A 1 104 ? -5.235  -7.381  -2.763  1.00 16.25 ? 598  LEU A O   1 
ATOM   818  C CB  . LEU A 1 104 ? -4.709  -4.158  -2.801  1.00 15.13 ? 598  LEU A CB  1 
ATOM   819  C CG  . LEU A 1 104 ? -3.555  -4.563  -1.872  1.00 14.55 ? 598  LEU A CG  1 
ATOM   820  C CD1 . LEU A 1 104 ? -2.299  -4.835  -2.687  1.00 17.10 ? 598  LEU A CD1 1 
ATOM   821  C CD2 . LEU A 1 104 ? -3.291  -3.456  -0.867  1.00 16.56 ? 598  LEU A CD2 1 
ATOM   822  N N   . LYS A 1 105 ? -7.159  -6.227  -2.871  1.00 15.41 ? 599  LYS A N   1 
ATOM   823  C CA  . LYS A 1 105 ? -7.938  -7.271  -2.216  1.00 17.02 ? 599  LYS A CA  1 
ATOM   824  C C   . LYS A 1 105 ? -7.990  -8.516  -3.100  1.00 17.44 ? 599  LYS A C   1 
ATOM   825  O O   . LYS A 1 105 ? -7.774  -9.633  -2.626  1.00 16.42 ? 599  LYS A O   1 
ATOM   826  C CB  . LYS A 1 105 ? -9.356  -6.769  -1.928  1.00 14.65 ? 599  LYS A CB  1 
ATOM   827  C CG  . LYS A 1 105 ? -9.420  -5.746  -0.803  1.00 15.81 ? 599  LYS A CG  1 
ATOM   828  C CD  . LYS A 1 105 ? -10.826 -5.230  -0.581  1.00 17.48 ? 599  LYS A CD  1 
ATOM   829  C CE  . LYS A 1 105 ? -10.879 -4.303  0.628   1.00 16.28 ? 599  LYS A CE  1 
ATOM   830  N NZ  . LYS A 1 105 ? -12.238 -3.713  0.810   1.00 19.62 ? 599  LYS A NZ  1 
ATOM   831  N N   . GLU A 1 106 ? -8.267  -8.322  -4.387  1.00 18.58 ? 600  GLU A N   1 
ATOM   832  C CA  . GLU A 1 106 ? -8.338  -9.442  -5.322  1.00 18.93 ? 600  GLU A CA  1 
ATOM   833  C C   . GLU A 1 106 ? -7.011  -10.197 -5.367  1.00 17.70 ? 600  GLU A C   1 
ATOM   834  O O   . GLU A 1 106 ? -6.983  -11.427 -5.399  1.00 16.14 ? 600  GLU A O   1 
ATOM   835  C CB  . GLU A 1 106 ? -8.694  -8.949  -6.727  1.00 21.47 ? 600  GLU A CB  1 
ATOM   836  C CG  . GLU A 1 106 ? -10.081 -8.333  -6.833  1.00 28.78 ? 600  GLU A CG  1 
ATOM   837  C CD  . GLU A 1 106 ? -10.485 -8.050  -8.266  1.00 33.96 ? 600  GLU A CD  1 
ATOM   838  O OE1 . GLU A 1 106 ? -10.641 -9.020  -9.043  1.00 36.72 ? 600  GLU A OE1 1 
ATOM   839  O OE2 . GLU A 1 106 ? -10.642 -6.861  -8.616  1.00 37.33 ? 600  GLU A OE2 1 
ATOM   840  N N   . TYR A 1 107 ? -5.917  -9.444  -5.362  1.00 17.26 ? 601  TYR A N   1 
ATOM   841  C CA  . TYR A 1 107 ? -4.566  -10.005 -5.395  1.00 16.89 ? 601  TYR A CA  1 
ATOM   842  C C   . TYR A 1 107 ? -4.311  -10.884 -4.169  1.00 18.27 ? 601  TYR A C   1 
ATOM   843  O O   . TYR A 1 107 ? -3.779  -11.995 -4.274  1.00 19.18 ? 601  TYR A O   1 
ATOM   844  C CB  . TYR A 1 107 ? -3.554  -8.855  -5.433  1.00 17.90 ? 601  TYR A CB  1 
ATOM   845  C CG  . TYR A 1 107 ? -2.100  -9.265  -5.430  1.00 17.26 ? 601  TYR A CG  1 
ATOM   846  C CD1 . TYR A 1 107 ? -1.459  -9.679  -6.605  1.00 20.50 ? 601  TYR A CD1 1 
ATOM   847  C CD2 . TYR A 1 107 ? -1.348  -9.200  -4.258  1.00 16.60 ? 601  TYR A CD2 1 
ATOM   848  C CE1 . TYR A 1 107 ? -0.100  -10.008 -6.602  1.00 18.08 ? 601  TYR A CE1 1 
ATOM   849  C CE2 . TYR A 1 107 ? 0.001   -9.526  -4.246  1.00 17.81 ? 601  TYR A CE2 1 
ATOM   850  C CZ  . TYR A 1 107 ? 0.621   -9.927  -5.418  1.00 19.53 ? 601  TYR A CZ  1 
ATOM   851  O OH  . TYR A 1 107 ? 1.964   -10.229 -5.391  1.00 18.41 ? 601  TYR A OH  1 
ATOM   852  N N   . HIS A 1 108 ? -4.702  -10.385 -3.002  1.00 17.26 ? 602  HIS A N   1 
ATOM   853  C CA  . HIS A 1 108 ? -4.503  -11.126 -1.767  1.00 18.84 ? 602  HIS A CA  1 
ATOM   854  C C   . HIS A 1 108 ? -5.430  -12.320 -1.629  1.00 18.25 ? 602  HIS A C   1 
ATOM   855  O O   . HIS A 1 108 ? -5.035  -13.345 -1.082  1.00 19.01 ? 602  HIS A O   1 
ATOM   856  C CB  . HIS A 1 108 ? -4.625  -10.174 -0.579  1.00 16.16 ? 602  HIS A CB  1 
ATOM   857  C CG  . HIS A 1 108 ? -3.436  -9.276  -0.438  1.00 17.89 ? 602  HIS A CG  1 
ATOM   858  N ND1 . HIS A 1 108 ? -2.359  -9.591  0.362   1.00 17.62 ? 602  HIS A ND1 1 
ATOM   859  C CD2 . HIS A 1 108 ? -3.098  -8.142  -1.096  1.00 12.91 ? 602  HIS A CD2 1 
ATOM   860  C CE1 . HIS A 1 108 ? -1.405  -8.691  0.188   1.00 16.04 ? 602  HIS A CE1 1 
ATOM   861  N NE2 . HIS A 1 108 ? -1.829  -7.802  -0.693  1.00 18.01 ? 602  HIS A NE2 1 
ATOM   862  N N   . ILE A 1 109 ? -6.653  -12.198 -2.135  1.00 19.83 ? 603  ILE A N   1 
ATOM   863  C CA  . ILE A 1 109 ? -7.590  -13.311 -2.077  1.00 20.27 ? 603  ILE A CA  1 
ATOM   864  C C   . ILE A 1 109 ? -6.944  -14.449 -2.863  1.00 22.67 ? 603  ILE A C   1 
ATOM   865  O O   . ILE A 1 109 ? -7.008  -15.613 -2.464  1.00 22.41 ? 603  ILE A O   1 
ATOM   866  C CB  . ILE A 1 109 ? -8.964  -12.932 -2.700  1.00 21.94 ? 603  ILE A CB  1 
ATOM   867  C CG1 . ILE A 1 109 ? -9.688  -11.942 -1.781  1.00 19.90 ? 603  ILE A CG1 1 
ATOM   868  C CG2 . ILE A 1 109 ? -9.811  -14.185 -2.918  1.00 22.30 ? 603  ILE A CG2 1 
ATOM   869  C CD1 . ILE A 1 109 ? -11.017 -11.441 -2.306  1.00 20.28 ? 603  ILE A CD1 1 
ATOM   870  N N   . LYS A 1 110 ? -6.295  -14.097 -3.971  1.00 22.26 ? 604  LYS A N   1 
ATOM   871  C CA  . LYS A 1 110 ? -5.623  -15.079 -4.815  1.00 23.29 ? 604  LYS A CA  1 
ATOM   872  C C   . LYS A 1 110 ? -4.440  -15.730 -4.097  1.00 23.30 ? 604  LYS A C   1 
ATOM   873  O O   . LYS A 1 110 ? -4.118  -16.889 -4.354  1.00 22.87 ? 604  LYS A O   1 
ATOM   874  C CB  . LYS A 1 110 ? -5.131  -14.420 -6.109  1.00 24.75 ? 604  LYS A CB  1 
ATOM   875  C CG  . LYS A 1 110 ? -4.436  -15.379 -7.061  1.00 30.45 ? 604  LYS A CG  1 
ATOM   876  C CD  . LYS A 1 110 ? -3.964  -14.678 -8.326  1.00 33.80 ? 604  LYS A CD  1 
ATOM   877  C CE  . LYS A 1 110 ? -3.182  -15.633 -9.217  1.00 36.69 ? 604  LYS A CE  1 
ATOM   878  N NZ  . LYS A 1 110 ? -1.992  -16.197 -8.508  1.00 38.83 ? 604  LYS A NZ  1 
ATOM   879  N N   . HIS A 1 111 ? -3.789  -14.983 -3.207  1.00 22.05 ? 605  HIS A N   1 
ATOM   880  C CA  . HIS A 1 111 ? -2.649  -15.505 -2.457  1.00 23.84 ? 605  HIS A CA  1 
ATOM   881  C C   . HIS A 1 111 ? -3.076  -16.043 -1.094  1.00 23.67 ? 605  HIS A C   1 
ATOM   882  O O   . HIS A 1 111 ? -2.243  -16.387 -0.259  1.00 24.77 ? 605  HIS A O   1 
ATOM   883  C CB  . HIS A 1 111 ? -1.580  -14.425 -2.273  1.00 26.14 ? 605  HIS A CB  1 
ATOM   884  C CG  . HIS A 1 111 ? -0.825  -14.109 -3.525  1.00 29.93 ? 605  HIS A CG  1 
ATOM   885  N ND1 . HIS A 1 111 ? -1.365  -13.369 -4.556  1.00 31.99 ? 605  HIS A ND1 1 
ATOM   886  C CD2 . HIS A 1 111 ? 0.416   -14.469 -3.931  1.00 32.29 ? 605  HIS A CD2 1 
ATOM   887  C CE1 . HIS A 1 111 ? -0.490  -13.288 -5.543  1.00 32.38 ? 605  HIS A CE1 1 
ATOM   888  N NE2 . HIS A 1 111 ? 0.598   -13.947 -5.189  1.00 34.66 ? 605  HIS A NE2 1 
ATOM   889  N N   . ASN A 1 112 ? -4.387  -16.106 -0.894  1.00 22.60 ? 606  ASN A N   1 
ATOM   890  C CA  . ASN A 1 112 ? -4.997  -16.605 0.332   1.00 25.04 ? 606  ASN A CA  1 
ATOM   891  C C   . ASN A 1 112 ? -4.599  -15.881 1.619   1.00 24.07 ? 606  ASN A C   1 
ATOM   892  O O   . ASN A 1 112 ? -4.380  -16.513 2.655   1.00 24.82 ? 606  ASN A O   1 
ATOM   893  C CB  . ASN A 1 112 ? -4.744  -18.111 0.477   1.00 29.46 ? 606  ASN A CB  1 
ATOM   894  C CG  . ASN A 1 112 ? -5.775  -18.791 1.370   1.00 34.10 ? 606  ASN A CG  1 
ATOM   895  O OD1 . ASN A 1 112 ? -6.975  -18.526 1.266   1.00 35.92 ? 606  ASN A OD1 1 
ATOM   896  N ND2 . ASN A 1 112 ? -5.313  -19.678 2.245   1.00 37.32 ? 606  ASN A ND2 1 
ATOM   897  N N   . ILE A 1 113 ? -4.498  -14.556 1.543   1.00 20.11 ? 607  ILE A N   1 
ATOM   898  C CA  . ILE A 1 113 ? -4.199  -13.733 2.713   1.00 19.60 ? 607  ILE A CA  1 
ATOM   899  C C   . ILE A 1 113 ? -5.461  -12.888 2.836   1.00 19.98 ? 607  ILE A C   1 
ATOM   900  O O   . ILE A 1 113 ? -5.767  -12.091 1.953   1.00 17.62 ? 607  ILE A O   1 
ATOM   901  C CB  . ILE A 1 113 ? -2.950  -12.843 2.495   1.00 18.36 ? 607  ILE A CB  1 
ATOM   902  C CG1 . ILE A 1 113 ? -1.701  -13.729 2.460   1.00 17.95 ? 607  ILE A CG1 1 
ATOM   903  C CG2 . ILE A 1 113 ? -2.841  -11.797 3.608   1.00 19.15 ? 607  ILE A CG2 1 
ATOM   904  C CD1 . ILE A 1 113 ? -0.415  -12.989 2.171   1.00 19.09 ? 607  ILE A CD1 1 
ATOM   905  N N   . LEU A 1 114 ? -6.201  -13.082 3.925   1.00 19.40 ? 608  LEU A N   1 
ATOM   906  C CA  . LEU A 1 114 ? -7.468  -12.388 4.112   1.00 17.72 ? 608  LEU A CA  1 
ATOM   907  C C   . LEU A 1 114 ? -7.533  -11.287 5.164   1.00 18.19 ? 608  LEU A C   1 
ATOM   908  O O   . LEU A 1 114 ? -8.618  -10.948 5.639   1.00 19.65 ? 608  LEU A O   1 
ATOM   909  C CB  . LEU A 1 114 ? -8.561  -13.426 4.391   1.00 18.74 ? 608  LEU A CB  1 
ATOM   910  C CG  . LEU A 1 114 ? -8.653  -14.520 3.318   1.00 20.10 ? 608  LEU A CG  1 
ATOM   911  C CD1 . LEU A 1 114 ? -9.734  -15.526 3.684   1.00 21.59 ? 608  LEU A CD1 1 
ATOM   912  C CD2 . LEU A 1 114 ? -8.941  -13.878 1.962   1.00 20.49 ? 608  LEU A CD2 1 
ATOM   913  N N   . TYR A 1 115 ? -6.386  -10.720 5.518   1.00 15.77 ? 609  TYR A N   1 
ATOM   914  C CA  . TYR A 1 115 ? -6.351  -9.653  6.512   1.00 16.28 ? 609  TYR A CA  1 
ATOM   915  C C   . TYR A 1 115 ? -5.336  -8.572  6.185   1.00 16.18 ? 609  TYR A C   1 
ATOM   916  O O   . TYR A 1 115 ? -4.196  -8.873  5.833   1.00 15.10 ? 609  TYR A O   1 
ATOM   917  C CB  . TYR A 1 115 ? -6.027  -10.222 7.897   1.00 16.94 ? 609  TYR A CB  1 
ATOM   918  C CG  . TYR A 1 115 ? -7.178  -10.956 8.527   1.00 17.98 ? 609  TYR A CG  1 
ATOM   919  C CD1 . TYR A 1 115 ? -8.183  -10.264 9.204   1.00 18.01 ? 609  TYR A CD1 1 
ATOM   920  C CD2 . TYR A 1 115 ? -7.302  -12.337 8.393   1.00 19.50 ? 609  TYR A CD2 1 
ATOM   921  C CE1 . TYR A 1 115 ? -9.284  -10.932 9.731   1.00 19.91 ? 609  TYR A CE1 1 
ATOM   922  C CE2 . TYR A 1 115 ? -8.401  -13.014 8.912   1.00 20.28 ? 609  TYR A CE2 1 
ATOM   923  C CZ  . TYR A 1 115 ? -9.385  -12.303 9.578   1.00 18.63 ? 609  TYR A CZ  1 
ATOM   924  O OH  . TYR A 1 115 ? -10.477 -12.961 10.082  1.00 21.90 ? 609  TYR A OH  1 
ATOM   925  N N   . PHE A 1 116 ? -5.768  -7.318  6.305   1.00 15.42 ? 610  PHE A N   1 
ATOM   926  C CA  . PHE A 1 116 ? -4.898  -6.171  6.088   1.00 15.35 ? 610  PHE A CA  1 
ATOM   927  C C   . PHE A 1 116 ? -4.812  -5.458  7.432   1.00 15.47 ? 610  PHE A C   1 
ATOM   928  O O   . PHE A 1 116 ? -5.816  -5.335  8.133   1.00 16.95 ? 610  PHE A O   1 
ATOM   929  C CB  . PHE A 1 116 ? -5.490  -5.161  5.085   1.00 15.69 ? 610  PHE A CB  1 
ATOM   930  C CG  . PHE A 1 116 ? -5.512  -5.627  3.650   1.00 16.56 ? 610  PHE A CG  1 
ATOM   931  C CD1 . PHE A 1 116 ? -4.612  -6.581  3.181   1.00 17.57 ? 610  PHE A CD1 1 
ATOM   932  C CD2 . PHE A 1 116 ? -6.401  -5.042  2.747   1.00 16.47 ? 610  PHE A CD2 1 
ATOM   933  C CE1 . PHE A 1 116 ? -4.596  -6.942  1.826   1.00 17.97 ? 610  PHE A CE1 1 
ATOM   934  C CE2 . PHE A 1 116 ? -6.392  -5.395  1.394   1.00 17.92 ? 610  PHE A CE2 1 
ATOM   935  C CZ  . PHE A 1 116 ? -5.487  -6.347  0.934   1.00 16.18 ? 610  PHE A CZ  1 
ATOM   936  N N   . LEU A 1 117 ? -3.615  -5.011  7.792   1.00 15.41 ? 611  LEU A N   1 
ATOM   937  C CA  . LEU A 1 117 ? -3.406  -4.250  9.019   1.00 15.48 ? 611  LEU A CA  1 
ATOM   938  C C   . LEU A 1 117 ? -2.708  -2.968  8.595   1.00 14.66 ? 611  LEU A C   1 
ATOM   939  O O   . LEU A 1 117 ? -1.865  -2.989  7.705   1.00 14.92 ? 611  LEU A O   1 
ATOM   940  C CB  . LEU A 1 117 ? -2.530  -5.021  10.013  1.00 16.20 ? 611  LEU A CB  1 
ATOM   941  C CG  . LEU A 1 117 ? -3.217  -6.173  10.750  1.00 14.49 ? 611  LEU A CG  1 
ATOM   942  C CD1 . LEU A 1 117 ? -2.205  -6.874  11.651  1.00 17.37 ? 611  LEU A CD1 1 
ATOM   943  C CD2 . LEU A 1 117 ? -4.386  -5.637  11.570  1.00 16.28 ? 611  LEU A CD2 1 
ATOM   944  N N   . THR A 1 118 ? -3.060  -1.852  9.217   1.00 15.26 ? 612  THR A N   1 
ATOM   945  C CA  . THR A 1 118 ? -2.444  -0.584  8.854   1.00 15.36 ? 612  THR A CA  1 
ATOM   946  C C   . THR A 1 118 ? -2.619  0.450   9.958   1.00 15.82 ? 612  THR A C   1 
ATOM   947  O O   . THR A 1 118 ? -3.529  0.344   10.778  1.00 15.74 ? 612  THR A O   1 
ATOM   948  C CB  . THR A 1 118 ? -3.064  -0.028  7.527   1.00 16.44 ? 612  THR A CB  1 
ATOM   949  O OG1 . THR A 1 118 ? -2.255  1.041   7.022   1.00 16.79 ? 612  THR A OG1 1 
ATOM   950  C CG2 . THR A 1 118 ? -4.474  0.501   7.765   1.00 16.43 ? 612  THR A CG2 1 
ATOM   951  N N   . TYR A 1 119 ? -1.718  1.427   9.990   1.00 16.26 ? 613  TYR A N   1 
ATOM   952  C CA  . TYR A 1 119 ? -1.790  2.514   10.956  1.00 17.55 ? 613  TYR A CA  1 
ATOM   953  C C   . TYR A 1 119 ? -2.258  3.740   10.189  1.00 16.88 ? 613  TYR A C   1 
ATOM   954  O O   . TYR A 1 119 ? -1.525  4.303   9.379   1.00 16.51 ? 613  TYR A O   1 
ATOM   955  C CB  . TYR A 1 119 ? -0.421  2.763   11.593  1.00 18.00 ? 613  TYR A CB  1 
ATOM   956  C CG  . TYR A 1 119 ? -0.163  1.874   12.786  1.00 18.92 ? 613  TYR A CG  1 
ATOM   957  C CD1 . TYR A 1 119 ? -0.707  2.174   14.035  1.00 21.79 ? 613  TYR A CD1 1 
ATOM   958  C CD2 . TYR A 1 119 ? 0.596   0.714   12.662  1.00 21.65 ? 613  TYR A CD2 1 
ATOM   959  C CE1 . TYR A 1 119 ? -0.499  1.340   15.129  1.00 23.49 ? 613  TYR A CE1 1 
ATOM   960  C CE2 . TYR A 1 119 ? 0.807   -0.127  13.746  1.00 22.60 ? 613  TYR A CE2 1 
ATOM   961  C CZ  . TYR A 1 119 ? 0.261   0.190   14.975  1.00 24.17 ? 613  TYR A CZ  1 
ATOM   962  O OH  . TYR A 1 119 ? 0.477   -0.648  16.045  1.00 26.01 ? 613  TYR A OH  1 
ATOM   963  N N   . ALA A 1 120 ? -3.494  4.149   10.452  1.00 16.27 ? 614  ALA A N   1 
ATOM   964  C CA  . ALA A 1 120 ? -4.073  5.286   9.756   1.00 18.67 ? 614  ALA A CA  1 
ATOM   965  C C   . ALA A 1 120 ? -3.952  6.612   10.486  1.00 19.14 ? 614  ALA A C   1 
ATOM   966  O O   . ALA A 1 120 ? -4.160  6.691   11.697  1.00 17.70 ? 614  ALA A O   1 
ATOM   967  C CB  . ALA A 1 120 ? -5.543  5.007   9.463   1.00 16.18 ? 614  ALA A CB  1 
ATOM   968  N N   . ASP A 1 121 ? -3.612  7.654   9.733   1.00 20.88 ? 615  ASP A N   1 
ATOM   969  C CA  . ASP A 1 121 ? -3.535  8.994   10.296  1.00 22.94 ? 615  ASP A CA  1 
ATOM   970  C C   . ASP A 1 121 ? -5.000  9.266   10.616  1.00 21.19 ? 615  ASP A C   1 
ATOM   971  O O   . ASP A 1 121 ? -5.883  8.717   9.958   1.00 20.74 ? 615  ASP A O   1 
ATOM   972  C CB  . ASP A 1 121 ? -3.035  9.985   9.246   1.00 28.19 ? 615  ASP A CB  1 
ATOM   973  C CG  . ASP A 1 121 ? -1.618  9.691   8.796   1.00 34.47 ? 615  ASP A CG  1 
ATOM   974  O OD1 . ASP A 1 121 ? -0.699  9.773   9.642   1.00 36.96 ? 615  ASP A OD1 1 
ATOM   975  O OD2 . ASP A 1 121 ? -1.422  9.373   7.603   1.00 38.09 ? 615  ASP A OD2 1 
ATOM   976  N N   . GLU A 1 122 ? -5.277  10.105  11.606  1.00 19.41 ? 616  GLU A N   1 
ATOM   977  C CA  . GLU A 1 122 ? -6.668  10.365  11.956  1.00 18.45 ? 616  GLU A CA  1 
ATOM   978  C C   . GLU A 1 122 ? -7.529  10.894  10.804  1.00 17.34 ? 616  GLU A C   1 
ATOM   979  O O   . GLU A 1 122 ? -8.680  10.490  10.658  1.00 17.88 ? 616  GLU A O   1 
ATOM   980  C CB  . GLU A 1 122 ? -6.748  11.331  13.142  1.00 19.09 ? 616  GLU A CB  1 
ATOM   981  C CG  . GLU A 1 122 ? -8.175  11.754  13.492  1.00 19.90 ? 616  GLU A CG  1 
ATOM   982  C CD  . GLU A 1 122 ? -8.271  12.527  14.799  1.00 21.34 ? 616  GLU A CD  1 
ATOM   983  O OE1 . GLU A 1 122 ? -7.399  13.380  15.057  1.00 20.37 ? 616  GLU A OE1 1 
ATOM   984  O OE2 . GLU A 1 122 ? -9.233  12.291  15.563  1.00 20.69 ? 616  GLU A OE2 1 
ATOM   985  N N   . TYR A 1 123 ? -6.977  11.780  9.979   1.00 17.42 ? 617  TYR A N   1 
ATOM   986  C CA  . TYR A 1 123 ? -7.762  12.355  8.891   1.00 18.57 ? 617  TYR A CA  1 
ATOM   987  C C   . TYR A 1 123 ? -7.957  11.474  7.664   1.00 18.13 ? 617  TYR A C   1 
ATOM   988  O O   . TYR A 1 123 ? -8.545  11.913  6.674   1.00 18.80 ? 617  TYR A O   1 
ATOM   989  C CB  . TYR A 1 123 ? -7.170  13.700  8.470   1.00 17.68 ? 617  TYR A CB  1 
ATOM   990  C CG  . TYR A 1 123 ? -7.026  14.681  9.612   1.00 18.72 ? 617  TYR A CG  1 
ATOM   991  C CD1 . TYR A 1 123 ? -7.796  14.558  10.770  1.00 19.19 ? 617  TYR A CD1 1 
ATOM   992  C CD2 . TYR A 1 123 ? -6.107  15.728  9.541   1.00 19.27 ? 617  TYR A CD2 1 
ATOM   993  C CE1 . TYR A 1 123 ? -7.646  15.453  11.834  1.00 20.12 ? 617  TYR A CE1 1 
ATOM   994  C CE2 . TYR A 1 123 ? -5.951  16.625  10.593  1.00 19.52 ? 617  TYR A CE2 1 
ATOM   995  C CZ  . TYR A 1 123 ? -6.717  16.484  11.733  1.00 20.44 ? 617  TYR A CZ  1 
ATOM   996  O OH  . TYR A 1 123 ? -6.533  17.361  12.780  1.00 21.18 ? 617  TYR A OH  1 
ATOM   997  N N   . ALA A 1 124 ? -7.474  10.238  7.732   1.00 18.57 ? 618  ALA A N   1 
ATOM   998  C CA  . ALA A 1 124 ? -7.622  9.295   6.626   1.00 16.43 ? 618  ALA A CA  1 
ATOM   999  C C   . ALA A 1 124 ? -8.500  8.118   7.056   1.00 17.66 ? 618  ALA A C   1 
ATOM   1000 O O   . ALA A 1 124 ? -8.880  7.285   6.236   1.00 15.94 ? 618  ALA A O   1 
ATOM   1001 C CB  . ALA A 1 124 ? -6.249  8.785   6.179   1.00 17.62 ? 618  ALA A CB  1 
ATOM   1002 N N   . ILE A 1 125 ? -8.834  8.057   8.342   1.00 18.33 ? 619  ILE A N   1 
ATOM   1003 C CA  . ILE A 1 125 ? -9.648  6.958   8.854   1.00 18.57 ? 619  ILE A CA  1 
ATOM   1004 C C   . ILE A 1 125 ? -10.883 6.664   8.001   1.00 18.61 ? 619  ILE A C   1 
ATOM   1005 O O   . ILE A 1 125 ? -11.180 5.501   7.717   1.00 17.57 ? 619  ILE A O   1 
ATOM   1006 C CB  . ILE A 1 125 ? -10.090 7.222   10.318  1.00 17.88 ? 619  ILE A CB  1 
ATOM   1007 C CG1 . ILE A 1 125 ? -8.870  7.179   11.242  1.00 17.44 ? 619  ILE A CG1 1 
ATOM   1008 C CG2 . ILE A 1 125 ? -11.110 6.174   10.760  1.00 18.60 ? 619  ILE A CG2 1 
ATOM   1009 C CD1 . ILE A 1 125 ? -9.201  7.450   12.712  1.00 17.23 ? 619  ILE A CD1 1 
ATOM   1010 N N   . GLY A 1 126 ? -11.588 7.714   7.585   1.00 17.53 ? 620  GLY A N   1 
ATOM   1011 C CA  . GLY A 1 126 ? -12.787 7.539   6.783   1.00 17.02 ? 620  GLY A CA  1 
ATOM   1012 C C   . GLY A 1 126 ? -12.567 6.799   5.474   1.00 18.34 ? 620  GLY A C   1 
ATOM   1013 O O   . GLY A 1 126 ? -13.454 6.096   4.992   1.00 16.15 ? 620  GLY A O   1 
ATOM   1014 N N   . TYR A 1 127 ? -11.394 6.974   4.879   1.00 16.96 ? 621  TYR A N   1 
ATOM   1015 C CA  . TYR A 1 127 ? -11.091 6.284   3.633   1.00 17.48 ? 621  TYR A CA  1 
ATOM   1016 C C   . TYR A 1 127 ? -11.027 4.791   3.927   1.00 15.04 ? 621  TYR A C   1 
ATOM   1017 O O   . TYR A 1 127 ? -11.634 3.980   3.231   1.00 16.32 ? 621  TYR A O   1 
ATOM   1018 C CB  . TYR A 1 127 ? -9.746  6.755   3.063   1.00 17.48 ? 621  TYR A CB  1 
ATOM   1019 C CG  . TYR A 1 127 ? -9.169  5.810   2.029   1.00 17.24 ? 621  TYR A CG  1 
ATOM   1020 C CD1 . TYR A 1 127 ? -9.723  5.708   0.752   1.00 19.30 ? 621  TYR A CD1 1 
ATOM   1021 C CD2 . TYR A 1 127 ? -8.090  4.984   2.345   1.00 18.63 ? 621  TYR A CD2 1 
ATOM   1022 C CE1 . TYR A 1 127 ? -9.214  4.803   -0.182  1.00 15.73 ? 621  TYR A CE1 1 
ATOM   1023 C CE2 . TYR A 1 127 ? -7.578  4.077   1.424   1.00 17.91 ? 621  TYR A CE2 1 
ATOM   1024 C CZ  . TYR A 1 127 ? -8.141  3.990   0.165   1.00 18.01 ? 621  TYR A CZ  1 
ATOM   1025 O OH  . TYR A 1 127 ? -7.622  3.087   -0.742  1.00 17.49 ? 621  TYR A OH  1 
ATOM   1026 N N   . PHE A 1 128 ? -10.296 4.424   4.970   1.00 15.93 ? 622  PHE A N   1 
ATOM   1027 C CA  . PHE A 1 128 ? -10.179 3.019   5.304   1.00 15.19 ? 622  PHE A CA  1 
ATOM   1028 C C   . PHE A 1 128 ? -11.524 2.415   5.693   1.00 15.03 ? 622  PHE A C   1 
ATOM   1029 O O   . PHE A 1 128 ? -11.817 1.273   5.340   1.00 15.29 ? 622  PHE A O   1 
ATOM   1030 C CB  . PHE A 1 128 ? -9.126  2.837   6.394   1.00 15.80 ? 622  PHE A CB  1 
ATOM   1031 C CG  . PHE A 1 128 ? -7.728  3.103   5.908   1.00 13.71 ? 622  PHE A CG  1 
ATOM   1032 C CD1 . PHE A 1 128 ? -7.087  2.190   5.074   1.00 16.70 ? 622  PHE A CD1 1 
ATOM   1033 C CD2 . PHE A 1 128 ? -7.079  4.290   6.231   1.00 17.55 ? 622  PHE A CD2 1 
ATOM   1034 C CE1 . PHE A 1 128 ? -5.815  2.458   4.561   1.00 17.45 ? 622  PHE A CE1 1 
ATOM   1035 C CE2 . PHE A 1 128 ? -5.807  4.570   5.726   1.00 17.75 ? 622  PHE A CE2 1 
ATOM   1036 C CZ  . PHE A 1 128 ? -5.175  3.650   4.888   1.00 17.93 ? 622  PHE A CZ  1 
ATOM   1037 N N   . LYS A 1 129 ? -12.351 3.181   6.394   1.00 14.78 ? 623  LYS A N   1 
ATOM   1038 C CA  . LYS A 1 129 ? -13.664 2.674   6.777   1.00 16.38 ? 623  LYS A CA  1 
ATOM   1039 C C   . LYS A 1 129 ? -14.487 2.366   5.528   1.00 16.69 ? 623  LYS A C   1 
ATOM   1040 O O   . LYS A 1 129 ? -15.190 1.360   5.472   1.00 15.94 ? 623  LYS A O   1 
ATOM   1041 C CB  . LYS A 1 129 ? -14.406 3.684   7.660   1.00 19.16 ? 623  LYS A CB  1 
ATOM   1042 C CG  . LYS A 1 129 ? -13.818 3.821   9.062   1.00 24.28 ? 623  LYS A CG  1 
ATOM   1043 C CD  . LYS A 1 129 ? -14.700 4.672   9.968   1.00 29.22 ? 623  LYS A CD  1 
ATOM   1044 C CE  . LYS A 1 129 ? -16.043 4.007   10.220  1.00 31.31 ? 623  LYS A CE  1 
ATOM   1045 N NZ  . LYS A 1 129 ? -16.892 4.793   11.164  1.00 35.49 ? 623  LYS A NZ  1 
ATOM   1046 N N   . LYS A 1 130 ? -14.401 3.221   4.516   1.00 17.85 ? 624  LYS A N   1 
ATOM   1047 C CA  . LYS A 1 130 ? -15.163 2.954   3.307   1.00 20.85 ? 624  LYS A CA  1 
ATOM   1048 C C   . LYS A 1 130 ? -14.678 1.666   2.649   1.00 19.97 ? 624  LYS A C   1 
ATOM   1049 O O   . LYS A 1 130 ? -15.459 0.952   2.023   1.00 21.02 ? 624  LYS A O   1 
ATOM   1050 C CB  . LYS A 1 130 ? -15.057 4.106   2.311   1.00 20.82 ? 624  LYS A CB  1 
ATOM   1051 C CG  . LYS A 1 130 ? -15.768 3.791   1.001   1.00 25.32 ? 624  LYS A CG  1 
ATOM   1052 C CD  . LYS A 1 130 ? -16.092 5.029   0.204   1.00 30.09 ? 624  LYS A CD  1 
ATOM   1053 C CE  . LYS A 1 130 ? -16.733 4.669   -1.139  1.00 32.19 ? 624  LYS A CE  1 
ATOM   1054 N NZ  . LYS A 1 130 ? -15.813 3.880   -2.009  1.00 31.17 ? 624  LYS A NZ  1 
ATOM   1055 N N   . GLN A 1 131 ? -13.391 1.365   2.801   1.00 19.47 ? 625  GLN A N   1 
ATOM   1056 C CA  . GLN A 1 131 ? -12.824 0.156   2.213   1.00 19.21 ? 625  GLN A CA  1 
ATOM   1057 C C   . GLN A 1 131 ? -13.043 -1.062  3.110   1.00 18.96 ? 625  GLN A C   1 
ATOM   1058 O O   . GLN A 1 131 ? -12.472 -2.123  2.879   1.00 20.49 ? 625  GLN A O   1 
ATOM   1059 C CB  . GLN A 1 131 ? -11.324 0.341   1.949   1.00 17.93 ? 625  GLN A CB  1 
ATOM   1060 C CG  . GLN A 1 131 ? -10.970 1.674   1.302   1.00 17.80 ? 625  GLN A CG  1 
ATOM   1061 C CD  . GLN A 1 131 ? -11.747 1.955   0.020   1.00 18.87 ? 625  GLN A CD  1 
ATOM   1062 O OE1 . GLN A 1 131 ? -11.925 3.110   -0.363  1.00 18.51 ? 625  GLN A OE1 1 
ATOM   1063 N NE2 . GLN A 1 131 ? -12.199 0.903   -0.653  1.00 17.54 ? 625  GLN A NE2 1 
ATOM   1064 N N   . GLY A 1 132 ? -13.866 -0.903  4.142   1.00 19.04 ? 626  GLY A N   1 
ATOM   1065 C CA  . GLY A 1 132 ? -14.156 -2.015  5.025   1.00 18.84 ? 626  GLY A CA  1 
ATOM   1066 C C   . GLY A 1 132 ? -13.212 -2.240  6.192   1.00 18.92 ? 626  GLY A C   1 
ATOM   1067 O O   . GLY A 1 132 ? -13.241 -3.308  6.808   1.00 20.46 ? 626  GLY A O   1 
ATOM   1068 N N   . PHE A 1 133 ? -12.369 -1.258  6.499   1.00 17.36 ? 627  PHE A N   1 
ATOM   1069 C CA  . PHE A 1 133 ? -11.442 -1.381  7.619   1.00 17.00 ? 627  PHE A CA  1 
ATOM   1070 C C   . PHE A 1 133 ? -12.180 -0.997  8.897   1.00 19.19 ? 627  PHE A C   1 
ATOM   1071 O O   . PHE A 1 133 ? -13.189 -0.291  8.852   1.00 17.80 ? 627  PHE A O   1 
ATOM   1072 C CB  . PHE A 1 133 ? -10.235 -0.449  7.447   1.00 17.20 ? 627  PHE A CB  1 
ATOM   1073 C CG  . PHE A 1 133 ? -9.205  -0.941  6.464   1.00 15.34 ? 627  PHE A CG  1 
ATOM   1074 C CD1 . PHE A 1 133 ? -7.908  -1.211  6.886   1.00 17.30 ? 627  PHE A CD1 1 
ATOM   1075 C CD2 . PHE A 1 133 ? -9.511  -1.077  5.111   1.00 16.84 ? 627  PHE A CD2 1 
ATOM   1076 C CE1 . PHE A 1 133 ? -6.922  -1.607  5.982   1.00 16.13 ? 627  PHE A CE1 1 
ATOM   1077 C CE2 . PHE A 1 133 ? -8.527  -1.472  4.198   1.00 15.83 ? 627  PHE A CE2 1 
ATOM   1078 C CZ  . PHE A 1 133 ? -7.231  -1.735  4.636   1.00 15.26 ? 627  PHE A CZ  1 
ATOM   1079 N N   . SER A 1 134 ? -11.666 -1.459  10.033  1.00 18.51 ? 628  SER A N   1 
ATOM   1080 C CA  . SER A 1 134 ? -12.271 -1.174  11.328  1.00 20.15 ? 628  SER A CA  1 
ATOM   1081 C C   . SER A 1 134 ? -11.202 -1.003  12.397  1.00 19.70 ? 628  SER A C   1 
ATOM   1082 O O   . SER A 1 134 ? -10.074 -1.469  12.231  1.00 19.91 ? 628  SER A O   1 
ATOM   1083 C CB  . SER A 1 134 ? -13.207 -2.321  11.723  1.00 20.23 ? 628  SER A CB  1 
ATOM   1084 O OG  . SER A 1 134 ? -13.686 -2.160  13.044  1.00 26.65 ? 628  SER A OG  1 
ATOM   1085 N N   . LYS A 1 135 ? -11.564 -0.333  13.490  1.00 19.60 ? 629  LYS A N   1 
ATOM   1086 C CA  . LYS A 1 135 ? -10.651 -0.123  14.605  1.00 22.26 ? 629  LYS A CA  1 
ATOM   1087 C C   . LYS A 1 135 ? -10.631 -1.389  15.467  1.00 21.78 ? 629  LYS A C   1 
ATOM   1088 O O   . LYS A 1 135 ? -9.775  -1.542  16.342  1.00 22.69 ? 629  LYS A O   1 
ATOM   1089 C CB  . LYS A 1 135 ? -11.100 1.074   15.451  1.00 24.26 ? 629  LYS A CB  1 
ATOM   1090 C CG  . LYS A 1 135 ? -11.066 2.412   14.722  1.00 27.66 ? 629  LYS A CG  1 
ATOM   1091 C CD  . LYS A 1 135 ? -11.470 3.544   15.659  1.00 30.50 ? 629  LYS A CD  1 
ATOM   1092 C CE  . LYS A 1 135 ? -11.382 4.902   14.980  1.00 32.05 ? 629  LYS A CE  1 
ATOM   1093 N NZ  . LYS A 1 135 ? -12.278 4.993   13.789  1.00 35.71 ? 629  LYS A NZ  1 
ATOM   1094 N N   . ASP A 1 136 ? -11.583 -2.284  15.213  1.00 22.09 ? 630  ASP A N   1 
ATOM   1095 C CA  . ASP A 1 136 ? -11.682 -3.558  15.929  1.00 23.27 ? 630  ASP A CA  1 
ATOM   1096 C C   . ASP A 1 136 ? -10.717 -4.539  15.265  1.00 23.15 ? 630  ASP A C   1 
ATOM   1097 O O   . ASP A 1 136 ? -10.929 -4.948  14.123  1.00 23.02 ? 630  ASP A O   1 
ATOM   1098 C CB  . ASP A 1 136 ? -13.110 -4.104  15.838  1.00 24.01 ? 630  ASP A CB  1 
ATOM   1099 C CG  . ASP A 1 136 ? -14.125 -3.203  16.515  1.00 27.50 ? 630  ASP A CG  1 
ATOM   1100 O OD1 . ASP A 1 136 ? -15.332 -3.353  16.229  1.00 29.40 ? 630  ASP A OD1 1 
ATOM   1101 O OD2 . ASP A 1 136 ? -13.719 -2.354  17.337  1.00 27.97 ? 630  ASP A OD2 1 
ATOM   1102 N N   . ILE A 1 137 ? -9.666  -4.917  15.987  1.00 23.49 ? 631  ILE A N   1 
ATOM   1103 C CA  . ILE A 1 137 ? -8.641  -5.815  15.459  1.00 22.05 ? 631  ILE A CA  1 
ATOM   1104 C C   . ILE A 1 137 ? -8.841  -7.283  15.833  1.00 23.00 ? 631  ILE A C   1 
ATOM   1105 O O   . ILE A 1 137 ? -8.889  -7.628  17.014  1.00 25.19 ? 631  ILE A O   1 
ATOM   1106 C CB  . ILE A 1 137 ? -7.239  -5.371  15.947  1.00 20.27 ? 631  ILE A CB  1 
ATOM   1107 C CG1 . ILE A 1 137 ? -7.101  -3.848  15.823  1.00 19.67 ? 631  ILE A CG1 1 
ATOM   1108 C CG2 . ILE A 1 137 ? -6.152  -6.079  15.138  1.00 20.90 ? 631  ILE A CG2 1 
ATOM   1109 C CD1 . ILE A 1 137 ? -7.357  -3.303  14.438  1.00 17.89 ? 631  ILE A CD1 1 
ATOM   1110 N N   . LYS A 1 138 ? -8.943  -8.145  14.825  1.00 22.75 ? 632  LYS A N   1 
ATOM   1111 C CA  . LYS A 1 138 ? -9.134  -9.576  15.051  1.00 23.75 ? 632  LYS A CA  1 
ATOM   1112 C C   . LYS A 1 138 ? -7.816  -10.361 15.041  1.00 22.13 ? 632  LYS A C   1 
ATOM   1113 O O   . LYS A 1 138 ? -7.714  -11.407 15.674  1.00 22.25 ? 632  LYS A O   1 
ATOM   1114 C CB  . LYS A 1 138 ? -10.096 -10.160 14.011  1.00 26.39 ? 632  LYS A CB  1 
ATOM   1115 C CG  . LYS A 1 138 ? -11.536 -9.673  14.154  1.00 30.26 ? 632  LYS A CG  1 
ATOM   1116 C CD  . LYS A 1 138 ? -12.430 -10.275 13.076  1.00 33.63 ? 632  LYS A CD  1 
ATOM   1117 C CE  . LYS A 1 138 ? -13.861 -9.769  13.190  1.00 34.66 ? 632  LYS A CE  1 
ATOM   1118 N NZ  . LYS A 1 138 ? -13.946 -8.289  13.021  1.00 35.63 ? 632  LYS A NZ  1 
ATOM   1119 N N   . VAL A 1 139 ? -6.815  -9.884  14.307  1.00 20.04 ? 633  VAL A N   1 
ATOM   1120 C CA  . VAL A 1 139 ? -5.526  -10.581 14.305  1.00 19.89 ? 633  VAL A CA  1 
ATOM   1121 C C   . VAL A 1 139 ? -4.944  -10.396 15.711  1.00 18.57 ? 633  VAL A C   1 
ATOM   1122 O O   . VAL A 1 139 ? -4.861  -9.275  16.210  1.00 18.70 ? 633  VAL A O   1 
ATOM   1123 C CB  . VAL A 1 139 ? -4.555  -9.983  13.257  1.00 20.84 ? 633  VAL A CB  1 
ATOM   1124 C CG1 . VAL A 1 139 ? -3.157  -10.566 13.439  1.00 18.21 ? 633  VAL A CG1 1 
ATOM   1125 C CG2 . VAL A 1 139 ? -5.062  -10.289 11.851  1.00 20.53 ? 633  VAL A CG2 1 
ATOM   1126 N N   . PRO A 1 140 ? -4.555  -11.496 16.377  1.00 17.57 ? 634  PRO A N   1 
ATOM   1127 C CA  . PRO A 1 140 ? -3.995  -11.379 17.730  1.00 18.09 ? 634  PRO A CA  1 
ATOM   1128 C C   . PRO A 1 140 ? -2.746  -10.507 17.770  1.00 17.67 ? 634  PRO A C   1 
ATOM   1129 O O   . PRO A 1 140 ? -1.936  -10.537 16.850  1.00 18.74 ? 634  PRO A O   1 
ATOM   1130 C CB  . PRO A 1 140 ? -3.701  -12.834 18.109  1.00 17.05 ? 634  PRO A CB  1 
ATOM   1131 C CG  . PRO A 1 140 ? -4.739  -13.594 17.344  1.00 20.00 ? 634  PRO A CG  1 
ATOM   1132 C CD  . PRO A 1 140 ? -4.699  -12.911 15.994  1.00 17.89 ? 634  PRO A CD  1 
ATOM   1133 N N   . LYS A 1 141 ? -2.599  -9.735  18.843  1.00 17.77 ? 635  LYS A N   1 
ATOM   1134 C CA  . LYS A 1 141 ? -1.450  -8.852  19.008  1.00 18.62 ? 635  LYS A CA  1 
ATOM   1135 C C   . LYS A 1 141 ? -0.124  -9.609  18.934  1.00 19.35 ? 635  LYS A C   1 
ATOM   1136 O O   . LYS A 1 141 ? 0.863   -9.095  18.407  1.00 20.66 ? 635  LYS A O   1 
ATOM   1137 C CB  . LYS A 1 141 ? -1.548  -8.112  20.347  1.00 19.11 ? 635  LYS A CB  1 
ATOM   1138 C CG  . LYS A 1 141 ? -0.391  -7.157  20.621  1.00 20.26 ? 635  LYS A CG  1 
ATOM   1139 C CD  . LYS A 1 141 ? -0.612  -6.405  21.920  1.00 20.18 ? 635  LYS A CD  1 
ATOM   1140 C CE  . LYS A 1 141 ? 0.430   -5.315  22.123  1.00 20.85 ? 635  LYS A CE  1 
ATOM   1141 N NZ  . LYS A 1 141 ? 0.144   -4.526  23.356  1.00 25.16 ? 635  LYS A NZ  1 
ATOM   1142 N N   . SER A 1 142 ? -0.096  -10.829 19.458  1.00 19.72 ? 636  SER A N   1 
ATOM   1143 C CA  . SER A 1 142 ? 1.132   -11.625 19.439  1.00 21.32 ? 636  SER A CA  1 
ATOM   1144 C C   . SER A 1 142 ? 1.541   -11.964 18.009  1.00 22.21 ? 636  SER A C   1 
ATOM   1145 O O   . SER A 1 142 ? 2.698   -12.297 17.746  1.00 22.51 ? 636  SER A O   1 
ATOM   1146 C CB  . SER A 1 142 ? 0.937   -12.922 20.223  1.00 22.79 ? 636  SER A CB  1 
ATOM   1147 O OG  . SER A 1 142 ? -0.006  -13.756 19.577  1.00 27.12 ? 636  SER A OG  1 
ATOM   1148 N N   . ARG A 1 143 ? 0.587   -11.876 17.089  1.00 20.05 ? 637  ARG A N   1 
ATOM   1149 C CA  . ARG A 1 143 ? 0.845   -12.178 15.687  1.00 20.61 ? 637  ARG A CA  1 
ATOM   1150 C C   . ARG A 1 143 ? 1.374   -10.998 14.874  1.00 18.65 ? 637  ARG A C   1 
ATOM   1151 O O   . ARG A 1 143 ? 2.029   -11.200 13.850  1.00 20.13 ? 637  ARG A O   1 
ATOM   1152 C CB  . ARG A 1 143 ? -0.424  -12.728 15.035  1.00 23.20 ? 637  ARG A CB  1 
ATOM   1153 C CG  . ARG A 1 143 ? -0.835  -14.095 15.558  1.00 28.81 ? 637  ARG A CG  1 
ATOM   1154 C CD  . ARG A 1 143 ? -0.605  -15.186 14.517  1.00 33.69 ? 637  ARG A CD  1 
ATOM   1155 N NE  . ARG A 1 143 ? -1.815  -15.494 13.753  1.00 39.16 ? 637  ARG A NE  1 
ATOM   1156 C CZ  . ARG A 1 143 ? -2.450  -14.639 12.955  1.00 41.36 ? 637  ARG A CZ  1 
ATOM   1157 N NH1 . ARG A 1 143 ? -1.998  -13.404 12.798  1.00 43.45 ? 637  ARG A NH1 1 
ATOM   1158 N NH2 . ARG A 1 143 ? -3.550  -15.021 12.316  1.00 44.78 ? 637  ARG A NH2 1 
ATOM   1159 N N   . TYR A 1 144 ? 1.104   -9.773  15.317  1.00 16.52 ? 638  TYR A N   1 
ATOM   1160 C CA  . TYR A 1 144 ? 1.582   -8.610  14.571  1.00 15.97 ? 638  TYR A CA  1 
ATOM   1161 C C   . TYR A 1 144 ? 2.611   -7.742  15.291  1.00 14.95 ? 638  TYR A C   1 
ATOM   1162 O O   . TYR A 1 144 ? 3.334   -6.984  14.649  1.00 17.11 ? 638  TYR A O   1 
ATOM   1163 C CB  . TYR A 1 144 ? 0.401   -7.742  14.101  1.00 15.20 ? 638  TYR A CB  1 
ATOM   1164 C CG  . TYR A 1 144 ? -0.404  -7.061  15.189  1.00 16.48 ? 638  TYR A CG  1 
ATOM   1165 C CD1 . TYR A 1 144 ? 0.129   -6.001  15.926  1.00 16.65 ? 638  TYR A CD1 1 
ATOM   1166 C CD2 . TYR A 1 144 ? -1.708  -7.462  15.465  1.00 17.07 ? 638  TYR A CD2 1 
ATOM   1167 C CE1 . TYR A 1 144 ? -0.625  -5.359  16.914  1.00 19.05 ? 638  TYR A CE1 1 
ATOM   1168 C CE2 . TYR A 1 144 ? -2.465  -6.831  16.445  1.00 17.62 ? 638  TYR A CE2 1 
ATOM   1169 C CZ  . TYR A 1 144 ? -1.920  -5.784  17.167  1.00 16.38 ? 638  TYR A CZ  1 
ATOM   1170 O OH  . TYR A 1 144 ? -2.664  -5.179  18.154  1.00 18.26 ? 638  TYR A OH  1 
ATOM   1171 N N   . LEU A 1 145 ? 2.680   -7.847  16.616  1.00 16.57 ? 639  LEU A N   1 
ATOM   1172 C CA  . LEU A 1 145 ? 3.642   -7.048  17.369  1.00 17.16 ? 639  LEU A CA  1 
ATOM   1173 C C   . LEU A 1 145 ? 5.056   -7.379  16.906  1.00 16.96 ? 639  LEU A C   1 
ATOM   1174 O O   . LEU A 1 145 ? 5.466   -8.537  16.913  1.00 18.28 ? 639  LEU A O   1 
ATOM   1175 C CB  . LEU A 1 145 ? 3.524   -7.318  18.876  1.00 18.38 ? 639  LEU A CB  1 
ATOM   1176 C CG  . LEU A 1 145 ? 4.532   -6.549  19.746  1.00 18.85 ? 639  LEU A CG  1 
ATOM   1177 C CD1 . LEU A 1 145 ? 4.334   -5.058  19.549  1.00 20.26 ? 639  LEU A CD1 1 
ATOM   1178 C CD2 . LEU A 1 145 ? 4.363   -6.914  21.212  1.00 19.84 ? 639  LEU A CD2 1 
ATOM   1179 N N   . GLY A 1 146 ? 5.800   -6.358  16.501  1.00 16.16 ? 640  GLY A N   1 
ATOM   1180 C CA  . GLY A 1 146 ? 7.159   -6.594  16.044  1.00 16.84 ? 640  GLY A CA  1 
ATOM   1181 C C   . GLY A 1 146 ? 7.226   -6.999  14.583  1.00 18.05 ? 640  GLY A C   1 
ATOM   1182 O O   . GLY A 1 146 ? 8.315   -7.166  14.029  1.00 18.21 ? 640  GLY A O   1 
ATOM   1183 N N   . TYR A 1 147 ? 6.062   -7.179  13.962  1.00 17.15 ? 641  TYR A N   1 
ATOM   1184 C CA  . TYR A 1 147 ? 5.995   -7.532  12.544  1.00 18.84 ? 641  TYR A CA  1 
ATOM   1185 C C   . TYR A 1 147 ? 5.659   -6.256  11.786  1.00 19.15 ? 641  TYR A C   1 
ATOM   1186 O O   . TYR A 1 147 ? 6.404   -5.829  10.906  1.00 20.17 ? 641  TYR A O   1 
ATOM   1187 C CB  . TYR A 1 147 ? 4.922   -8.598  12.296  1.00 16.23 ? 641  TYR A CB  1 
ATOM   1188 C CG  . TYR A 1 147 ? 5.366   -9.990  12.676  1.00 20.70 ? 641  TYR A CG  1 
ATOM   1189 C CD1 . TYR A 1 147 ? 5.930   -10.845 11.729  1.00 19.91 ? 641  TYR A CD1 1 
ATOM   1190 C CD2 . TYR A 1 147 ? 5.271   -10.436 13.993  1.00 20.13 ? 641  TYR A CD2 1 
ATOM   1191 C CE1 . TYR A 1 147 ? 6.389   -12.109 12.085  1.00 21.09 ? 641  TYR A CE1 1 
ATOM   1192 C CE2 . TYR A 1 147 ? 5.728   -11.699 14.361  1.00 23.77 ? 641  TYR A CE2 1 
ATOM   1193 C CZ  . TYR A 1 147 ? 6.287   -12.530 13.401  1.00 24.18 ? 641  TYR A CZ  1 
ATOM   1194 O OH  . TYR A 1 147 ? 6.737   -13.781 13.761  1.00 27.07 ? 641  TYR A OH  1 
ATOM   1195 N N   . ILE A 1 148 ? 4.533   -5.645  12.133  1.00 20.32 ? 642  ILE A N   1 
ATOM   1196 C CA  . ILE A 1 148 ? 4.137   -4.403  11.490  1.00 21.25 ? 642  ILE A CA  1 
ATOM   1197 C C   . ILE A 1 148 ? 4.820   -3.248  12.209  1.00 22.52 ? 642  ILE A C   1 
ATOM   1198 O O   . ILE A 1 148 ? 5.166   -3.358  13.386  1.00 21.98 ? 642  ILE A O   1 
ATOM   1199 C CB  . ILE A 1 148 ? 2.607   -4.199  11.539  1.00 20.51 ? 642  ILE A CB  1 
ATOM   1200 C CG1 . ILE A 1 148 ? 2.121   -4.141  12.991  1.00 21.64 ? 642  ILE A CG1 1 
ATOM   1201 C CG2 . ILE A 1 148 ? 1.919   -5.326  10.782  1.00 21.42 ? 642  ILE A CG2 1 
ATOM   1202 C CD1 . ILE A 1 148 ? 0.625   -3.887  13.125  1.00 20.81 ? 642  ILE A CD1 1 
ATOM   1203 N N   . LYS A 1 149 ? 5.029   -2.151  11.494  1.00 23.02 ? 643  LYS A N   1 
ATOM   1204 C CA  . LYS A 1 149 ? 5.658   -0.978  12.079  1.00 25.33 ? 643  LYS A CA  1 
ATOM   1205 C C   . LYS A 1 149 ? 4.592   -0.070  12.683  1.00 27.02 ? 643  LYS A C   1 
ATOM   1206 O O   . LYS A 1 149 ? 3.593   0.239   12.039  1.00 27.77 ? 643  LYS A O   1 
ATOM   1207 C CB  . LYS A 1 149 ? 6.453   -0.225  11.011  1.00 25.26 ? 643  LYS A CB  1 
ATOM   1208 C CG  . LYS A 1 149 ? 7.582   -1.051  10.414  1.00 26.77 ? 643  LYS A CG  1 
ATOM   1209 C CD  . LYS A 1 149 ? 8.273   -0.328  9.273   1.00 29.61 ? 643  LYS A CD  1 
ATOM   1210 C CE  . LYS A 1 149 ? 9.492   -1.105  8.783   1.00 31.74 ? 643  LYS A CE  1 
ATOM   1211 N NZ  . LYS A 1 149 ? 9.152   -2.482  8.318   1.00 32.30 ? 643  LYS A NZ  1 
ATOM   1212 N N   . ASP A 1 150 ? 4.794   0.340   13.930  1.00 28.86 ? 644  ASP A N   1 
ATOM   1213 C CA  . ASP A 1 150 ? 3.841   1.223   14.586  1.00 30.57 ? 644  ASP A CA  1 
ATOM   1214 C C   . ASP A 1 150 ? 4.247   2.673   14.359  1.00 31.79 ? 644  ASP A C   1 
ATOM   1215 O O   . ASP A 1 150 ? 5.435   2.985   14.271  1.00 31.20 ? 644  ASP A O   1 
ATOM   1216 C CB  . ASP A 1 150 ? 3.760   0.903   16.083  1.00 33.75 ? 644  ASP A CB  1 
ATOM   1217 C CG  . ASP A 1 150 ? 5.123   0.720   16.716  1.00 34.99 ? 644  ASP A CG  1 
ATOM   1218 O OD1 . ASP A 1 150 ? 5.868   1.714   16.830  1.00 37.64 ? 644  ASP A OD1 1 
ATOM   1219 O OD2 . ASP A 1 150 ? 5.450   -0.427  17.094  1.00 39.98 ? 644  ASP A OD2 1 
ATOM   1220 N N   . TYR A 1 151 ? 3.258   3.554   14.247  1.00 33.15 ? 645  TYR A N   1 
ATOM   1221 C CA  . TYR A 1 151 ? 3.525   4.967   14.009  1.00 35.49 ? 645  TYR A CA  1 
ATOM   1222 C C   . TYR A 1 151 ? 2.965   5.885   15.086  1.00 37.83 ? 645  TYR A C   1 
ATOM   1223 O O   . TYR A 1 151 ? 2.072   5.506   15.848  1.00 39.57 ? 645  TYR A O   1 
ATOM   1224 C CB  . TYR A 1 151 ? 2.975   5.390   12.643  1.00 34.43 ? 645  TYR A CB  1 
ATOM   1225 C CG  . TYR A 1 151 ? 3.632   4.689   11.478  1.00 34.47 ? 645  TYR A CG  1 
ATOM   1226 C CD1 . TYR A 1 151 ? 3.322   3.364   11.171  1.00 34.52 ? 645  TYR A CD1 1 
ATOM   1227 C CD2 . TYR A 1 151 ? 4.587   5.341   10.698  1.00 34.98 ? 645  TYR A CD2 1 
ATOM   1228 C CE1 . TYR A 1 151 ? 3.949   2.703   10.114  1.00 34.45 ? 645  TYR A CE1 1 
ATOM   1229 C CE2 . TYR A 1 151 ? 5.221   4.690   9.640   1.00 35.23 ? 645  TYR A CE2 1 
ATOM   1230 C CZ  . TYR A 1 151 ? 4.896   3.372   9.354   1.00 35.62 ? 645  TYR A CZ  1 
ATOM   1231 O OH  . TYR A 1 151 ? 5.525   2.726   8.316   1.00 35.49 ? 645  TYR A OH  1 
ATOM   1232 N N   . GLU A 1 152 ? 3.499   7.102   15.125  1.00 38.06 ? 646  GLU A N   1 
ATOM   1233 C CA  . GLU A 1 152 ? 3.103   8.113   16.096  1.00 38.16 ? 646  GLU A CA  1 
ATOM   1234 C C   . GLU A 1 152 ? 1.739   8.735   15.798  1.00 37.16 ? 646  GLU A C   1 
ATOM   1235 O O   . GLU A 1 152 ? 1.500   9.243   14.700  1.00 37.58 ? 646  GLU A O   1 
ATOM   1236 C CB  . GLU A 1 152 ? 4.164   9.219   16.141  1.00 39.69 ? 646  GLU A CB  1 
ATOM   1237 C CG  . GLU A 1 152 ? 3.907   10.296  17.186  1.00 42.16 ? 646  GLU A CG  1 
ATOM   1238 C CD  . GLU A 1 152 ? 4.240   9.838   18.591  1.00 43.78 ? 646  GLU A CD  1 
ATOM   1239 O OE1 . GLU A 1 152 ? 3.906   10.567  19.549  1.00 45.11 ? 646  GLU A OE1 1 
ATOM   1240 O OE2 . GLU A 1 152 ? 4.844   8.756   18.740  1.00 44.44 ? 646  GLU A OE2 1 
ATOM   1241 N N   . GLY A 1 153 ? 0.851   8.695   16.788  1.00 36.09 ? 647  GLY A N   1 
ATOM   1242 C CA  . GLY A 1 153 ? -0.474  9.274   16.640  1.00 34.11 ? 647  GLY A CA  1 
ATOM   1243 C C   . GLY A 1 153 ? -1.390  8.629   15.615  1.00 33.37 ? 647  GLY A C   1 
ATOM   1244 O O   . GLY A 1 153 ? -2.408  9.212   15.242  1.00 33.78 ? 647  GLY A O   1 
ATOM   1245 N N   . ALA A 1 154 ? -1.043  7.432   15.157  1.00 31.07 ? 648  ALA A N   1 
ATOM   1246 C CA  . ALA A 1 154 ? -1.869  6.742   14.172  1.00 28.65 ? 648  ALA A CA  1 
ATOM   1247 C C   . ALA A 1 154 ? -2.777  5.720   14.844  1.00 27.25 ? 648  ALA A C   1 
ATOM   1248 O O   . ALA A 1 154 ? -2.518  5.289   15.968  1.00 28.08 ? 648  ALA A O   1 
ATOM   1249 C CB  . ALA A 1 154 ? -0.987  6.059   13.128  1.00 28.76 ? 648  ALA A CB  1 
ATOM   1250 N N   . THR A 1 155 ? -3.847  5.341   14.153  1.00 23.38 ? 649  THR A N   1 
ATOM   1251 C CA  . THR A 1 155 ? -4.795  4.365   14.674  1.00 21.28 ? 649  THR A CA  1 
ATOM   1252 C C   . THR A 1 155 ? -4.681  3.044   13.917  1.00 20.04 ? 649  THR A C   1 
ATOM   1253 O O   . THR A 1 155 ? -4.827  3.007   12.691  1.00 19.60 ? 649  THR A O   1 
ATOM   1254 C CB  . THR A 1 155 ? -6.250  4.877   14.548  1.00 22.18 ? 649  THR A CB  1 
ATOM   1255 O OG1 . THR A 1 155 ? -6.393  6.106   15.273  1.00 21.58 ? 649  THR A OG1 1 
ATOM   1256 C CG2 . THR A 1 155 ? -7.225  3.851   15.114  1.00 24.22 ? 649  THR A CG2 1 
ATOM   1257 N N   . LEU A 1 156 ? -4.413  1.964   14.644  1.00 19.32 ? 650  LEU A N   1 
ATOM   1258 C CA  . LEU A 1 156 ? -4.303  0.649   14.025  1.00 18.00 ? 650  LEU A CA  1 
ATOM   1259 C C   . LEU A 1 156 ? -5.682  0.251   13.521  1.00 17.56 ? 650  LEU A C   1 
ATOM   1260 O O   . LEU A 1 156 ? -6.670  0.334   14.255  1.00 17.14 ? 650  LEU A O   1 
ATOM   1261 C CB  . LEU A 1 156 ? -3.807  -0.389  15.040  1.00 17.96 ? 650  LEU A CB  1 
ATOM   1262 C CG  . LEU A 1 156 ? -3.743  -1.849  14.580  1.00 17.86 ? 650  LEU A CG  1 
ATOM   1263 C CD1 . LEU A 1 156 ? -2.813  -1.979  13.384  1.00 16.36 ? 650  LEU A CD1 1 
ATOM   1264 C CD2 . LEU A 1 156 ? -3.264  -2.732  15.731  1.00 17.19 ? 650  LEU A CD2 1 
ATOM   1265 N N   . MET A 1 157 ? -5.753  -0.159  12.259  1.00 15.80 ? 651  MET A N   1 
ATOM   1266 C CA  . MET A 1 157 ? -7.018  -0.576  11.672  1.00 17.58 ? 651  MET A CA  1 
ATOM   1267 C C   . MET A 1 157 ? -6.821  -1.874  10.916  1.00 18.91 ? 651  MET A C   1 
ATOM   1268 O O   . MET A 1 157 ? -5.718  -2.170  10.448  1.00 16.93 ? 651  MET A O   1 
ATOM   1269 C CB  . MET A 1 157 ? -7.558  0.507   10.737  1.00 17.08 ? 651  MET A CB  1 
ATOM   1270 C CG  . MET A 1 157 ? -7.927  1.789   11.458  1.00 16.31 ? 651  MET A CG  1 
ATOM   1271 S SD  . MET A 1 157 ? -8.695  2.994   10.369  1.00 20.25 ? 651  MET A SD  1 
ATOM   1272 C CE  . MET A 1 157 ? -10.360 2.297   10.230  1.00 16.33 ? 651  MET A CE  1 
ATOM   1273 N N   . GLU A 1 158 ? -7.900  -2.640  10.793  1.00 16.81 ? 652  GLU A N   1 
ATOM   1274 C CA  . GLU A 1 158 ? -7.848  -3.928  10.131  1.00 18.39 ? 652  GLU A CA  1 
ATOM   1275 C C   . GLU A 1 158 ? -8.979  -4.149  9.137   1.00 19.14 ? 652  GLU A C   1 
ATOM   1276 O O   . GLU A 1 158 ? -10.106 -3.703  9.354   1.00 19.33 ? 652  GLU A O   1 
ATOM   1277 C CB  . GLU A 1 158 ? -7.898  -5.028  11.186  1.00 19.43 ? 652  GLU A CB  1 
ATOM   1278 C CG  . GLU A 1 158 ? -7.968  -6.427  10.635  1.00 19.25 ? 652  GLU A CG  1 
ATOM   1279 C CD  . GLU A 1 158 ? -8.159  -7.447  11.731  1.00 23.23 ? 652  GLU A CD  1 
ATOM   1280 O OE1 . GLU A 1 158 ? -9.322  -7.788  12.042  1.00 19.11 ? 652  GLU A OE1 1 
ATOM   1281 O OE2 . GLU A 1 158 ? -7.138  -7.896  12.290  1.00 22.36 ? 652  GLU A OE2 1 
ATOM   1282 N N   . CYS A 1 159 ? -8.661  -4.841  8.047   1.00 18.75 ? 653  CYS A N   1 
ATOM   1283 C CA  . CYS A 1 159 ? -9.648  -5.169  7.033   1.00 18.77 ? 653  CYS A CA  1 
ATOM   1284 C C   . CYS A 1 159 ? -9.710  -6.683  6.906   1.00 19.42 ? 653  CYS A C   1 
ATOM   1285 O O   . CYS A 1 159 ? -8.700  -7.344  6.640   1.00 18.50 ? 653  CYS A O   1 
ATOM   1286 C CB  . CYS A 1 159 ? -9.289  -4.566  5.670   1.00 19.23 ? 653  CYS A CB  1 
ATOM   1287 S SG  . CYS A 1 159 ? -10.557 -4.893  4.391   1.00 19.94 ? 653  CYS A SG  1 
ATOM   1288 N N   . GLU A 1 160 ? -10.897 -7.227  7.134   1.00 20.28 ? 654  GLU A N   1 
ATOM   1289 C CA  . GLU A 1 160 ? -11.128 -8.657  7.022   1.00 21.62 ? 654  GLU A CA  1 
ATOM   1290 C C   . GLU A 1 160 ? -11.717 -8.837  5.633   1.00 23.03 ? 654  GLU A C   1 
ATOM   1291 O O   . GLU A 1 160 ? -12.805 -8.334  5.342   1.00 22.56 ? 654  GLU A O   1 
ATOM   1292 C CB  . GLU A 1 160 ? -12.122 -9.110  8.095   1.00 21.38 ? 654  GLU A CB  1 
ATOM   1293 C CG  . GLU A 1 160 ? -12.376 -10.602 8.137   1.00 22.62 ? 654  GLU A CG  1 
ATOM   1294 C CD  . GLU A 1 160 ? -13.208 -11.003 9.345   1.00 24.81 ? 654  GLU A CD  1 
ATOM   1295 O OE1 . GLU A 1 160 ? -14.355 -10.523 9.473   1.00 25.45 ? 654  GLU A OE1 1 
ATOM   1296 O OE2 . GLU A 1 160 ? -12.710 -11.793 10.172  1.00 24.47 ? 654  GLU A OE2 1 
ATOM   1297 N N   . LEU A 1 161 ? -10.989 -9.533  4.769   1.00 23.57 ? 655  LEU A N   1 
ATOM   1298 C CA  . LEU A 1 161 ? -11.442 -9.744  3.405   1.00 26.34 ? 655  LEU A CA  1 
ATOM   1299 C C   . LEU A 1 161 ? -12.407 -10.913 3.285   1.00 29.07 ? 655  LEU A C   1 
ATOM   1300 O O   . LEU A 1 161 ? -12.198 -11.962 3.890   1.00 28.84 ? 655  LEU A O   1 
ATOM   1301 C CB  . LEU A 1 161 ? -10.244 -9.975  2.480   1.00 24.12 ? 655  LEU A CB  1 
ATOM   1302 C CG  . LEU A 1 161 ? -9.282  -8.809  2.216   1.00 22.70 ? 655  LEU A CG  1 
ATOM   1303 C CD1 . LEU A 1 161 ? -8.566  -8.413  3.491   1.00 24.39 ? 655  LEU A CD1 1 
ATOM   1304 C CD2 . LEU A 1 161 ? -8.272  -9.227  1.157   1.00 20.70 ? 655  LEU A CD2 1 
ATOM   1305 N N   . ASN A 1 162 ? -13.467 -10.717 2.504   1.00 33.04 ? 656  ASN A N   1 
ATOM   1306 C CA  . ASN A 1 162 ? -14.461 -11.759 2.266   1.00 36.42 ? 656  ASN A CA  1 
ATOM   1307 C C   . ASN A 1 162 ? -14.185 -12.319 0.874   1.00 38.02 ? 656  ASN A C   1 
ATOM   1308 O O   . ASN A 1 162 ? -14.477 -11.671 -0.132  1.00 39.45 ? 656  ASN A O   1 
ATOM   1309 C CB  . ASN A 1 162 ? -15.878 -11.182 2.306   1.00 37.42 ? 656  ASN A CB  1 
ATOM   1310 C CG  . ASN A 1 162 ? -16.948 -12.256 2.198   1.00 38.44 ? 656  ASN A CG  1 
ATOM   1311 O OD1 . ASN A 1 162 ? -16.851 -13.166 1.374   1.00 37.99 ? 656  ASN A OD1 1 
ATOM   1312 N ND2 . ASN A 1 162 ? -17.983 -12.149 3.029   1.00 39.30 ? 656  ASN A ND2 1 
ATOM   1313 N N   . PRO A 1 163 ? -13.613 -13.531 0.800   1.00 39.22 ? 657  PRO A N   1 
ATOM   1314 C CA  . PRO A 1 163 ? -13.282 -14.199 -0.464  1.00 40.21 ? 657  PRO A CA  1 
ATOM   1315 C C   . PRO A 1 163 ? -14.475 -14.350 -1.402  1.00 42.08 ? 657  PRO A C   1 
ATOM   1316 O O   . PRO A 1 163 ? -14.306 -14.663 -2.584  1.00 40.61 ? 657  PRO A O   1 
ATOM   1317 C CB  . PRO A 1 163 ? -12.746 -15.554 -0.005  1.00 40.90 ? 657  PRO A CB  1 
ATOM   1318 C CG  . PRO A 1 163 ? -12.168 -15.252 1.334   1.00 41.48 ? 657  PRO A CG  1 
ATOM   1319 C CD  . PRO A 1 163 ? -13.215 -14.364 1.946   1.00 39.19 ? 657  PRO A CD  1 
ATOM   1320 N N   . ARG A 1 164 ? -15.671 -14.129 -0.862  1.00 43.63 ? 658  ARG A N   1 
ATOM   1321 C CA  . ARG A 1 164 ? -16.924 -14.239 -1.607  1.00 45.85 ? 658  ARG A CA  1 
ATOM   1322 C C   . ARG A 1 164 ? -17.332 -15.701 -1.767  1.00 46.89 ? 658  ARG A C   1 
ATOM   1323 O O   . ARG A 1 164 ? -18.408 -16.069 -1.249  1.00 47.62 ? 658  ARG A O   1 
ATOM   1324 C CB  . ARG A 1 164 ? -16.802 -13.593 -2.992  1.00 46.14 ? 658  ARG A CB  1 
ATOM   1325 C CG  . ARG A 1 164 ? -18.127 -13.478 -3.724  1.00 46.50 ? 658  ARG A CG  1 
ATOM   1326 C CD  . ARG A 1 164 ? -17.978 -12.999 -5.167  1.00 46.60 ? 658  ARG A CD  1 
ATOM   1327 N NE  . ARG A 1 164 ? -17.506 -14.046 -6.072  1.00 46.35 ? 658  ARG A NE  1 
ATOM   1328 C CZ  . ARG A 1 164 ? -16.232 -14.394 -6.228  1.00 46.52 ? 658  ARG A CZ  1 
ATOM   1329 N NH1 . ARG A 1 164 ? -15.282 -13.778 -5.539  1.00 47.27 ? 658  ARG A NH1 1 
ATOM   1330 N NH2 . ARG A 1 164 ? -15.909 -15.359 -7.077  1.00 47.08 ? 658  ARG A NH2 1 
HETATM 1331 N N1A . ACO B 2 .   ? -10.168 10.662  3.004   1.00 16.90 ? 401  ACO A N1A 1 
HETATM 1332 C C2A . ACO B 2 .   ? -10.401 10.267  1.749   1.00 17.94 ? 401  ACO A C2A 1 
HETATM 1333 N N3A . ACO B 2 .   ? -11.535 9.643   1.301   1.00 15.30 ? 401  ACO A N3A 1 
HETATM 1334 C C4A . ACO B 2 .   ? -12.491 9.452   2.305   1.00 17.23 ? 401  ACO A C4A 1 
HETATM 1335 C C5A . ACO B 2 .   ? -12.326 9.845   3.617   1.00 16.71 ? 401  ACO A C5A 1 
HETATM 1336 C C6A . ACO B 2 .   ? -11.064 10.483  3.981   1.00 18.62 ? 401  ACO A C6A 1 
HETATM 1337 N N6A . ACO B 2 .   ? -10.801 10.876  5.229   1.00 18.10 ? 401  ACO A N6A 1 
HETATM 1338 N N7A . ACO B 2 .   ? -13.469 9.527   4.352   1.00 16.79 ? 401  ACO A N7A 1 
HETATM 1339 C C8A . ACO B 2 .   ? -14.263 8.957   3.488   1.00 16.67 ? 401  ACO A C8A 1 
HETATM 1340 N N9A . ACO B 2 .   ? -13.740 8.868   2.221   1.00 18.56 ? 401  ACO A N9A 1 
HETATM 1341 C C1B . ACO B 2 .   ? -14.358 8.312   1.064   1.00 17.86 ? 401  ACO A C1B 1 
HETATM 1342 C C2B . ACO B 2 .   ? -14.595 9.292   -0.092  1.00 19.43 ? 401  ACO A C2B 1 
HETATM 1343 O O2B . ACO B 2 .   ? -15.718 10.144  0.215   1.00 19.36 ? 401  ACO A O2B 1 
HETATM 1344 C C3B . ACO B 2 .   ? -14.767 8.333   -1.292  1.00 21.40 ? 401  ACO A C3B 1 
HETATM 1345 O O3B . ACO B 2 .   ? -16.113 7.887   -1.318  1.00 25.93 ? 401  ACO A O3B 1 
HETATM 1346 P P3B . ACO B 2 .   ? -17.210 8.393   -2.351  1.00 30.10 ? 401  ACO A P3B 1 
HETATM 1347 O O7A . ACO B 2 .   ? -17.442 9.811   -1.922  1.00 31.41 ? 401  ACO A O7A 1 
HETATM 1348 O O8A . ACO B 2 .   ? -18.371 7.558   -2.113  1.00 30.51 ? 401  ACO A O8A 1 
HETATM 1349 O O9A . ACO B 2 .   ? -16.607 8.270   -3.704  1.00 32.17 ? 401  ACO A O9A 1 
HETATM 1350 C C4B . ACO B 2 .   ? -13.895 7.153   -0.943  1.00 21.61 ? 401  ACO A C4B 1 
HETATM 1351 O O4B . ACO B 2 .   ? -13.575 7.317   0.460   1.00 17.68 ? 401  ACO A O4B 1 
HETATM 1352 C C5B . ACO B 2 .   ? -12.670 6.919   -1.782  1.00 25.59 ? 401  ACO A C5B 1 
HETATM 1353 O O5B . ACO B 2 .   ? -12.508 7.941   -2.782  1.00 25.64 ? 401  ACO A O5B 1 
HETATM 1354 P P1A . ACO B 2 .   ? -11.588 7.680   -4.046  1.00 19.62 ? 401  ACO A P1A 1 
HETATM 1355 O O1A . ACO B 2 .   ? -11.968 8.611   -5.115  1.00 18.99 ? 401  ACO A O1A 1 
HETATM 1356 O O2A . ACO B 2 .   ? -11.570 6.188   -4.301  1.00 19.32 ? 401  ACO A O2A 1 
HETATM 1357 O O3A . ACO B 2 .   ? -10.252 8.277   -3.336  1.00 21.92 ? 401  ACO A O3A 1 
HETATM 1358 P P2A . ACO B 2 .   ? -8.939  8.878   -3.910  1.00 20.23 ? 401  ACO A P2A 1 
HETATM 1359 O O4A . ACO B 2 .   ? -9.134  10.310  -3.650  1.00 20.19 ? 401  ACO A O4A 1 
HETATM 1360 O O5A . ACO B 2 .   ? -8.696  8.420   -5.309  1.00 22.16 ? 401  ACO A O5A 1 
HETATM 1361 O O6A . ACO B 2 .   ? -7.830  8.321   -2.975  1.00 18.03 ? 401  ACO A O6A 1 
HETATM 1362 C CBP . ACO B 2 .   ? -6.642  8.485   -0.816  1.00 16.52 ? 401  ACO A CBP 1 
HETATM 1363 C CCP . ACO B 2 .   ? -7.980  8.312   -1.486  1.00 17.79 ? 401  ACO A CCP 1 
HETATM 1364 C CDP . ACO B 2 .   ? -6.854  8.236   0.720   1.00 17.07 ? 401  ACO A CDP 1 
HETATM 1365 C CEP . ACO B 2 .   ? -5.636  7.455   -1.398  1.00 18.39 ? 401  ACO A CEP 1 
HETATM 1366 C CAP . ACO B 2 .   ? -6.204  9.984   -1.053  1.00 17.89 ? 401  ACO A CAP 1 
HETATM 1367 O OAP . ACO B 2 .   ? -7.081  10.895  -0.387  1.00 16.63 ? 401  ACO A OAP 1 
HETATM 1368 C C9P . ACO B 2 .   ? -4.745  10.309  -0.661  1.00 17.15 ? 401  ACO A C9P 1 
HETATM 1369 O O9P . ACO B 2 .   ? -3.791  9.961   -1.346  1.00 16.91 ? 401  ACO A O9P 1 
HETATM 1370 N N8P . ACO B 2 .   ? -4.580  11.002  0.506   1.00 18.92 ? 401  ACO A N8P 1 
HETATM 1371 C C7P . ACO B 2 .   ? -3.266  11.417  1.045   1.00 20.85 ? 401  ACO A C7P 1 
HETATM 1372 C C6P . ACO B 2 .   ? -2.402  10.255  1.566   1.00 20.24 ? 401  ACO A C6P 1 
HETATM 1373 C C5P . ACO B 2 .   ? -3.025  9.549   2.739   1.00 22.85 ? 401  ACO A C5P 1 
HETATM 1374 O O5P . ACO B 2 .   ? -3.536  10.193  3.691   1.00 23.40 ? 401  ACO A O5P 1 
HETATM 1375 N N4P . ACO B 2 .   ? -2.947  8.234   2.805   1.00 21.95 ? 401  ACO A N4P 1 
HETATM 1376 C C3P . ACO B 2 .   ? -3.274  7.257   3.851   1.00 26.49 ? 401  ACO A C3P 1 
HETATM 1377 C C2P . ACO B 2 .   ? -2.226  7.510   4.957   1.00 26.96 ? 401  ACO A C2P 1 
HETATM 1378 S S1P . ACO B 2 .   ? -2.333  6.084   6.169   1.00 29.52 ? 401  ACO A S1P 1 
HETATM 1379 C C   . ACO B 2 .   ? -1.571  4.993   5.408   1.00 29.71 ? 401  ACO A C   1 
HETATM 1380 O O   . ACO B 2 .   ? -1.023  5.012   4.208   1.00 28.65 ? 401  ACO A O   1 
HETATM 1381 C CH3 . ACO B 2 .   ? -1.211  3.468   5.894   1.00 28.17 ? 401  ACO A CH3 1 
HETATM 1382 O O   . HOH C 3 .   ? 0.766   1.156   8.295   1.00 15.85 ? 1000 HOH A O   1 
HETATM 1383 O O   . HOH C 3 .   ? 10.887  -2.960  -3.140  1.00 14.62 ? 1001 HOH A O   1 
HETATM 1384 O O   . HOH C 3 .   ? -9.568  9.151   -7.659  1.00 19.36 ? 1002 HOH A O   1 
HETATM 1385 O O   . HOH C 3 .   ? 4.540   -3.729  16.012  1.00 18.57 ? 1003 HOH A O   1 
HETATM 1386 O O   . HOH C 3 .   ? 5.682   -8.518  0.560   1.00 16.88 ? 1004 HOH A O   1 
HETATM 1387 O O   . HOH C 3 .   ? -11.731 -1.713  -1.218  1.00 16.66 ? 1005 HOH A O   1 
HETATM 1388 O O   . HOH C 3 .   ? 4.992   -14.306 7.384   1.00 19.81 ? 1006 HOH A O   1 
HETATM 1389 O O   . HOH C 3 .   ? -5.525  19.644  12.358  1.00 18.25 ? 1007 HOH A O   1 
HETATM 1390 O O   . HOH C 3 .   ? 4.640   -5.305  -14.508 1.00 19.47 ? 1008 HOH A O   1 
HETATM 1391 O O   . HOH C 3 .   ? 4.429   -6.696  -12.154 1.00 19.44 ? 1009 HOH A O   1 
HETATM 1392 O O   . HOH C 3 .   ? -7.598  0.071   16.729  1.00 19.45 ? 1010 HOH A O   1 
HETATM 1393 O O   . HOH C 3 .   ? -2.287  -11.899 21.449  1.00 21.18 ? 1011 HOH A O   1 
HETATM 1394 O O   . HOH C 3 .   ? 7.244   13.179  2.534   1.00 22.88 ? 1012 HOH A O   1 
HETATM 1395 O O   . HOH C 3 .   ? -9.060  12.098  -1.720  1.00 22.25 ? 1013 HOH A O   1 
HETATM 1396 O O   . HOH C 3 .   ? -5.354  -14.846 6.119   1.00 21.36 ? 1014 HOH A O   1 
HETATM 1397 O O   . HOH C 3 .   ? 21.437  -5.328  -4.164  1.00 23.39 ? 1015 HOH A O   1 
HETATM 1398 O O   . HOH C 3 .   ? 7.847   -1.618  -3.038  1.00 21.44 ? 1016 HOH A O   1 
HETATM 1399 O O   . HOH C 3 .   ? 3.496   17.695  -0.059  1.00 22.44 ? 1017 HOH A O   1 
HETATM 1400 O O   . HOH C 3 .   ? -4.001  -3.525  -15.369 1.00 22.74 ? 1018 HOH A O   1 
HETATM 1401 O O   . HOH C 3 .   ? 2.012   -2.964  16.599  1.00 25.46 ? 1019 HOH A O   1 
HETATM 1402 O O   . HOH C 3 .   ? -6.278  -8.217  18.316  1.00 25.23 ? 1020 HOH A O   1 
HETATM 1403 O O   . HOH C 3 .   ? -4.974  -6.029  19.268  1.00 24.50 ? 1021 HOH A O   1 
HETATM 1404 O O   . HOH C 3 .   ? -1.452  15.732  -8.916  1.00 24.22 ? 1022 HOH A O   1 
HETATM 1405 O O   . HOH C 3 .   ? 6.391   7.617   -13.098 1.00 23.24 ? 1023 HOH A O   1 
HETATM 1406 O O   . HOH C 3 .   ? -14.354 9.716   -5.189  1.00 23.24 ? 1024 HOH A O   1 
HETATM 1407 O O   . HOH C 3 .   ? -4.424  -10.156 21.100  1.00 25.00 ? 1025 HOH A O   1 
HETATM 1408 O O   . HOH C 3 .   ? 0.829   -2.100  24.672  1.00 23.76 ? 1026 HOH A O   1 
HETATM 1409 O O   . HOH C 3 .   ? 5.128   -11.074 17.688  1.00 31.49 ? 1027 HOH A O   1 
HETATM 1410 O O   . HOH C 3 .   ? -5.995  -1.132  18.724  1.00 26.36 ? 1028 HOH A O   1 
HETATM 1411 O O   . HOH C 3 .   ? 1.799   13.346  -6.263  1.00 26.30 ? 1029 HOH A O   1 
HETATM 1412 O O   . HOH C 3 .   ? -16.081 6.466   5.605   1.00 26.63 ? 1030 HOH A O   1 
HETATM 1413 O O   . HOH C 3 .   ? 2.259   -0.583  10.001  1.00 28.26 ? 1031 HOH A O   1 
HETATM 1414 O O   . HOH C 3 .   ? 1.848   -7.188  -11.844 1.00 26.01 ? 1032 HOH A O   1 
HETATM 1415 O O   . HOH C 3 .   ? -5.315  12.042  4.640   1.00 28.73 ? 1033 HOH A O   1 
HETATM 1416 O O   . HOH C 3 .   ? -13.905 1.565   13.025  1.00 25.79 ? 1034 HOH A O   1 
HETATM 1417 O O   . HOH C 3 .   ? 16.686  -7.496  -8.543  1.00 26.55 ? 1035 HOH A O   1 
HETATM 1418 O O   . HOH C 3 .   ? -14.833 5.907   -4.523  1.00 26.83 ? 1036 HOH A O   1 
HETATM 1419 O O   . HOH C 3 .   ? -5.267  8.428   14.529  1.00 25.69 ? 1037 HOH A O   1 
HETATM 1420 O O   . HOH C 3 .   ? 7.435   -10.445 4.961   1.00 29.72 ? 1038 HOH A O   1 
HETATM 1421 O O   . HOH C 3 .   ? 13.028  12.200  -8.275  1.00 30.09 ? 1039 HOH A O   1 
HETATM 1422 O O   . HOH C 3 .   ? 6.926   -2.138  7.015   1.00 28.74 ? 1040 HOH A O   1 
HETATM 1423 O O   . HOH C 3 .   ? -13.026 -1.319  -8.487  1.00 28.39 ? 1041 HOH A O   1 
HETATM 1424 O O   . HOH C 3 .   ? -0.951  18.326  -4.904  1.00 29.01 ? 1042 HOH A O   1 
HETATM 1425 O O   . HOH C 3 .   ? -3.784  2.368   17.363  1.00 27.78 ? 1043 HOH A O   1 
HETATM 1426 O O   . HOH C 3 .   ? -15.314 11.414  -3.147  1.00 30.64 ? 1044 HOH A O   1 
HETATM 1427 O O   . HOH C 3 .   ? -13.096 -5.792  7.822   1.00 29.42 ? 1045 HOH A O   1 
HETATM 1428 O O   . HOH C 3 .   ? 12.021  -5.494  5.501   1.00 27.19 ? 1046 HOH A O   1 
HETATM 1429 O O   . HOH C 3 .   ? 15.648  -0.159  1.006   1.00 27.92 ? 1047 HOH A O   1 
HETATM 1430 O O   . HOH C 3 .   ? 14.450  -5.951  -8.768  1.00 33.64 ? 1048 HOH A O   1 
HETATM 1431 O O   . HOH C 3 .   ? 10.529  8.429   -12.413 1.00 32.18 ? 1049 HOH A O   1 
HETATM 1432 O O   . HOH C 3 .   ? -3.033  -17.316 15.842  1.00 29.23 ? 1050 HOH A O   1 
HETATM 1433 O O   . HOH C 3 .   ? -1.801  -2.866  19.229  1.00 35.03 ? 1051 HOH A O   1 
HETATM 1434 O O   . HOH C 3 .   ? -1.265  12.795  3.996   1.00 27.81 ? 1052 HOH A O   1 
HETATM 1435 O O   . HOH C 3 .   ? 6.655   -10.799 -0.290  1.00 31.73 ? 1053 HOH A O   1 
HETATM 1436 O O   . HOH C 3 .   ? 15.532  -4.155  -11.024 1.00 32.43 ? 1054 HOH A O   1 
HETATM 1437 O O   . HOH C 3 .   ? -3.113  11.071  13.254  1.00 29.12 ? 1055 HOH A O   1 
HETATM 1438 O O   . HOH C 3 .   ? 7.070   -4.582  8.429   1.00 27.56 ? 1056 HOH A O   1 
HETATM 1439 O O   . HOH C 3 .   ? -6.716  -3.898  19.594  1.00 33.64 ? 1057 HOH A O   1 
HETATM 1440 O O   . HOH C 3 .   ? -11.103 10.511  14.675  1.00 28.18 ? 1058 HOH A O   1 
HETATM 1441 O O   . HOH C 3 .   ? -9.071  -1.292  -14.646 1.00 32.33 ? 1059 HOH A O   1 
HETATM 1442 O O   . HOH C 3 .   ? 3.363   -15.266 15.769  1.00 29.04 ? 1060 HOH A O   1 
HETATM 1443 O O   . HOH C 3 .   ? -3.647  -16.821 5.417   1.00 34.71 ? 1061 HOH A O   1 
HETATM 1444 O O   . HOH C 3 .   ? 13.176  -3.833  -9.606  1.00 33.94 ? 1062 HOH A O   1 
HETATM 1445 O O   . HOH C 3 .   ? -15.248 0.294   -1.239  1.00 32.66 ? 1063 HOH A O   1 
HETATM 1446 O O   . HOH C 3 .   ? -4.472  -6.112  22.033  1.00 40.45 ? 1064 HOH A O   1 
HETATM 1447 O O   . HOH C 3 .   ? 1.666   12.941  5.984   1.00 29.89 ? 1065 HOH A O   1 
HETATM 1448 O O   . HOH C 3 .   ? 1.577   10.781  7.356   1.00 37.12 ? 1066 HOH A O   1 
HETATM 1449 O O   . HOH C 3 .   ? 8.689   11.055  -10.408 1.00 38.30 ? 1067 HOH A O   1 
HETATM 1450 O O   . HOH C 3 .   ? -1.852  -14.434 21.113  1.00 40.24 ? 1068 HOH A O   1 
HETATM 1451 O O   . HOH C 3 .   ? 1.697   11.676  -11.178 1.00 34.13 ? 1069 HOH A O   1 
HETATM 1452 O O   . HOH C 3 .   ? 5.824   10.870  -9.391  1.00 32.27 ? 1070 HOH A O   1 
HETATM 1453 O O   . HOH C 3 .   ? -4.261  12.746  9.896   1.00 35.76 ? 1071 HOH A O   1 
HETATM 1454 O O   . HOH C 3 .   ? 15.757  -2.035  3.383   1.00 30.94 ? 1072 HOH A O   1 
HETATM 1455 O O   . HOH C 3 .   ? -8.397  2.228   18.211  1.00 31.91 ? 1073 HOH A O   1 
HETATM 1456 O O   . HOH C 3 .   ? -2.220  -2.664  22.092  1.00 34.11 ? 1074 HOH A O   1 
HETATM 1457 O O   . HOH C 3 .   ? -11.396 -5.972  11.768  1.00 35.98 ? 1075 HOH A O   1 
HETATM 1458 O O   . HOH C 3 .   ? 2.425   -1.633  -20.159 1.00 36.23 ? 1076 HOH A O   1 
HETATM 1459 O O   . HOH C 3 .   ? 11.465  -3.449  7.076   1.00 38.71 ? 1077 HOH A O   1 
HETATM 1460 O O   . HOH C 3 .   ? 5.560   0.015   7.621   1.00 33.11 ? 1078 HOH A O   1 
HETATM 1461 O O   . HOH C 3 .   ? -4.953  -10.523 -8.740  1.00 33.74 ? 1079 HOH A O   1 
HETATM 1462 O O   . HOH C 3 .   ? -1.060  -0.313  18.229  1.00 35.29 ? 1080 HOH A O   1 
HETATM 1463 O O   . HOH C 3 .   ? 6.418   -12.165 1.796   1.00 35.74 ? 1081 HOH A O   1 
HETATM 1464 O O   . HOH C 3 .   ? -7.792  9.926   -14.786 1.00 34.57 ? 1082 HOH A O   1 
HETATM 1465 O O   . HOH C 3 .   ? 14.205  12.357  4.619   1.00 33.11 ? 1083 HOH A O   1 
HETATM 1466 O O   . HOH C 3 .   ? 14.063  -1.948  -10.987 1.00 41.30 ? 1084 HOH A O   1 
HETATM 1467 O O   . HOH C 3 .   ? 2.187   3.488   7.649   1.00 36.97 ? 1085 HOH A O   1 
HETATM 1468 O O   . HOH C 3 .   ? 17.625  1.541   1.275   1.00 35.55 ? 1086 HOH A O   1 
HETATM 1469 O O   . HOH C 3 .   ? -9.232  -4.342  18.938  1.00 34.21 ? 1087 HOH A O   1 
HETATM 1470 O O   . HOH C 3 .   ? -13.824 2.748   -7.852  1.00 36.32 ? 1088 HOH A O   1 
HETATM 1471 O O   . HOH C 3 .   ? -14.942 -1.899  0.119   1.00 39.80 ? 1089 HOH A O   1 
HETATM 1472 O O   . HOH C 3 .   ? -13.575 -5.818  2.912   1.00 44.54 ? 1090 HOH A O   1 
HETATM 1473 O O   . HOH C 3 .   ? -18.137 0.856   2.195   1.00 34.23 ? 1091 HOH A O   1 
HETATM 1474 O O   . HOH C 3 .   ? -3.566  -0.246  18.886  1.00 43.48 ? 1092 HOH A O   1 
HETATM 1475 O O   . HOH C 3 .   ? -5.685  3.426   19.300  1.00 40.90 ? 1093 HOH A O   1 
HETATM 1476 O O   . HOH C 3 .   ? -2.345  12.316  -14.330 1.00 36.64 ? 1094 HOH A O   1 
HETATM 1477 O O   . HOH C 3 .   ? 0.789   -2.668  18.944  1.00 40.23 ? 1095 HOH A O   1 
HETATM 1478 O O   . HOH C 3 .   ? -2.240  -7.088  -10.892 1.00 38.13 ? 1096 HOH A O   1 
HETATM 1479 O O   . HOH C 3 .   ? 1.398   16.948  -4.493  1.00 44.96 ? 1097 HOH A O   1 
HETATM 1480 O O   . HOH C 3 .   ? -16.871 11.361  -9.614  1.00 44.43 ? 1098 HOH A O   1 
HETATM 1481 O O   . HOH C 3 .   ? -8.845  -3.852  -10.707 1.00 40.52 ? 1099 HOH A O   1 
HETATM 1482 O O   . HOH C 3 .   ? 0.401   -6.365  25.715  1.00 39.83 ? 1100 HOH A O   1 
HETATM 1483 O O   . HOH C 3 .   ? 15.965  4.036   -1.368  1.00 35.62 ? 1101 HOH A O   1 
HETATM 1484 O O   . HOH C 3 .   ? -4.420  -6.051  -14.261 1.00 38.16 ? 1102 HOH A O   1 
HETATM 1485 O O   . HOH C 3 .   ? -0.852  -4.702  -16.262 1.00 37.36 ? 1103 HOH A O   1 
HETATM 1486 O O   . HOH C 3 .   ? -14.409 -8.069  2.131   1.00 43.71 ? 1104 HOH A O   1 
HETATM 1487 O O   . HOH C 3 .   ? 5.095   9.692   -11.749 1.00 41.59 ? 1105 HOH A O   1 
HETATM 1488 O O   . HOH C 3 .   ? -15.863 -0.861  -4.216  1.00 39.32 ? 1106 HOH A O   1 
HETATM 1489 O O   . HOH C 3 .   ? -12.978 -8.781  0.032   1.00 48.30 ? 1107 HOH A O   1 
HETATM 1490 O O   . HOH C 3 .   ? -20.852 -13.942 -4.353  1.00 55.05 ? 1108 HOH A O   1 
HETATM 1491 O O   . HOH C 3 .   ? -14.190 14.382  -9.404  1.00 44.16 ? 1109 HOH A O   1 
HETATM 1492 O O   . HOH C 3 .   ? 8.110   -3.356  14.216  1.00 43.28 ? 1110 HOH A O   1 
HETATM 1493 O O   . HOH C 3 .   ? 3.324   -13.211 -4.048  1.00 39.19 ? 1111 HOH A O   1 
HETATM 1494 O O   . HOH C 3 .   ? -5.845  -7.976  -8.945  1.00 46.46 ? 1112 HOH A O   1 
HETATM 1495 O O   . HOH C 3 .   ? -4.928  14.118  14.330  1.00 42.29 ? 1113 HOH A O   1 
HETATM 1496 O O   . HOH C 3 .   ? -8.136  -8.635  -9.966  1.00 47.09 ? 1114 HOH A O   1 
HETATM 1497 O O   . HOH C 3 .   ? -3.386  13.969  12.118  1.00 54.50 ? 1115 HOH A O   1 
HETATM 1498 O O   . HOH C 3 .   ? 8.397   3.030   11.971  1.00 42.36 ? 1116 HOH A O   1 
HETATM 1499 O O   . HOH C 3 .   ? -9.546  15.700  -8.792  1.00 45.66 ? 1117 HOH A O   1 
HETATM 1500 O O   . HOH C 3 .   ? -0.224  10.402  12.365  1.00 43.06 ? 1118 HOH A O   1 
HETATM 1501 O O   . HOH C 3 .   ? -7.820  -8.254  -13.198 1.00 41.55 ? 1119 HOH A O   1 
HETATM 1502 O O   . HOH C 3 .   ? -17.127 -7.477  15.017  1.00 41.38 ? 1120 HOH A O   1 
HETATM 1503 O O   . HOH C 3 .   ? -3.150  11.872  15.923  1.00 35.82 ? 1121 HOH A O   1 
HETATM 1504 O O   . HOH C 3 .   ? 7.887   14.492  -16.810 1.00 44.38 ? 1122 HOH A O   1 
HETATM 1505 O O   . HOH C 3 .   ? -11.777 -8.078  10.758  1.00 52.81 ? 1123 HOH A O   1 
HETATM 1506 O O   . HOH C 3 .   ? -15.839 -4.644  13.324  1.00 48.39 ? 1124 HOH A O   1 
HETATM 1507 O O   . HOH C 3 .   ? 8.408   16.041  2.409   1.00 51.43 ? 1125 HOH A O   1 
HETATM 1508 O O   . HOH C 3 .   ? -0.345  3.676   -25.907 1.00 46.48 ? 1126 HOH A O   1 
HETATM 1509 O O   . HOH C 3 .   ? 17.413  3.885   -17.081 1.00 49.09 ? 1127 HOH A O   1 
HETATM 1510 O O   . HOH C 3 .   ? -0.854  3.192   -19.663 1.00 42.27 ? 1128 HOH A O   1 
HETATM 1511 O O   . HOH C 3 .   ? -9.495  0.587   20.121  1.00 51.82 ? 1129 HOH A O   1 
HETATM 1512 O O   . HOH C 3 .   ? -11.491 -2.321  19.364  1.00 42.32 ? 1130 HOH A O   1 
# 
loop_
_pdbx_poly_seq_scheme.asym_id 
_pdbx_poly_seq_scheme.entity_id 
_pdbx_poly_seq_scheme.seq_id 
_pdbx_poly_seq_scheme.mon_id 
_pdbx_poly_seq_scheme.ndb_seq_num 
_pdbx_poly_seq_scheme.pdb_seq_num 
_pdbx_poly_seq_scheme.auth_seq_num 
_pdbx_poly_seq_scheme.pdb_mon_id 
_pdbx_poly_seq_scheme.auth_mon_id 
_pdbx_poly_seq_scheme.pdb_strand_id 
_pdbx_poly_seq_scheme.pdb_ins_code 
_pdbx_poly_seq_scheme.hetero 
A 1 1   GLY 1   495 ?   ?   ?   A . n 
A 1 2   SER 2   496 496 SER SER A . n 
A 1 3   GLY 3   497 497 GLY GLY A . n 
A 1 4   ILE 4   498 498 ILE ILE A . n 
A 1 5   ILE 5   499 499 ILE ILE A . n 
A 1 6   GLU 6   500 500 GLU GLU A . n 
A 1 7   PHE 7   501 501 PHE PHE A . n 
A 1 8   HIS 8   502 502 HIS HIS A . n 
A 1 9   VAL 9   503 503 VAL VAL A . n 
A 1 10  ILE 10  504 504 ILE ILE A . n 
A 1 11  GLY 11  505 505 GLY GLY A . n 
A 1 12  ASN 12  506 506 ASN ASN A . n 
A 1 13  SER 13  507 507 SER SER A . n 
A 1 14  LEU 14  508 508 LEU LEU A . n 
A 1 15  THR 15  509 509 THR THR A . n 
A 1 16  PRO 16  510 510 PRO PRO A . n 
A 1 17  LYS 17  511 511 LYS LYS A . n 
A 1 18  ALA 18  512 512 ALA ALA A . n 
A 1 19  ASN 19  513 513 ASN ASN A . n 
A 1 20  ARG 20  514 514 ARG ARG A . n 
A 1 21  ARG 21  515 515 ARG ARG A . n 
A 1 22  VAL 22  516 516 VAL VAL A . n 
A 1 23  LEU 23  517 517 LEU LEU A . n 
A 1 24  LEU 24  518 518 LEU LEU A . n 
A 1 25  TRP 25  519 519 TRP TRP A . n 
A 1 26  LEU 26  520 520 LEU LEU A . n 
A 1 27  VAL 27  521 521 VAL VAL A . n 
A 1 28  GLY 28  522 522 GLY GLY A . n 
A 1 29  LEU 29  523 523 LEU LEU A . n 
A 1 30  GLN 30  524 524 GLN GLN A . n 
A 1 31  ASN 31  525 525 ASN ASN A . n 
A 1 32  VAL 32  526 526 VAL VAL A . n 
A 1 33  PHE 33  527 527 PHE PHE A . n 
A 1 34  SER 34  528 528 SER SER A . n 
A 1 35  HIS 35  529 529 HIS HIS A . n 
A 1 36  GLN 36  530 530 GLN GLN A . n 
A 1 37  LEU 37  531 531 LEU LEU A . n 
A 1 38  PRO 38  532 532 PRO PRO A . n 
A 1 39  ARG 39  533 533 ARG ARG A . n 
A 1 40  MET 40  534 534 MET MET A . n 
A 1 41  PRO 41  535 535 PRO PRO A . n 
A 1 42  LYS 42  536 536 LYS LYS A . n 
A 1 43  GLU 43  537 537 GLU GLU A . n 
A 1 44  TYR 44  538 538 TYR TYR A . n 
A 1 45  ILE 45  539 539 ILE ILE A . n 
A 1 46  ALA 46  540 540 ALA ALA A . n 
A 1 47  ARG 47  541 541 ARG ARG A . n 
A 1 48  LEU 48  542 542 LEU LEU A . n 
A 1 49  VAL 49  543 543 VAL VAL A . n 
A 1 50  PHE 50  544 544 PHE PHE A . n 
A 1 51  ASP 51  545 545 ASP ASP A . n 
A 1 52  PRO 52  546 546 PRO PRO A . n 
A 1 53  LYS 53  547 547 LYS LYS A . n 
A 1 54  HIS 54  548 548 HIS HIS A . n 
A 1 55  LYS 55  549 549 LYS LYS A . n 
A 1 56  THR 56  550 550 THR THR A . n 
A 1 57  LEU 57  551 551 LEU LEU A . n 
A 1 58  ALA 58  552 552 ALA ALA A . n 
A 1 59  LEU 59  553 553 LEU LEU A . n 
A 1 60  ILE 60  554 554 ILE ILE A . n 
A 1 61  LYS 61  555 555 LYS LYS A . n 
A 1 62  ASP 62  556 556 ASP ASP A . n 
A 1 63  GLY 63  557 557 GLY GLY A . n 
A 1 64  ARG 64  558 558 ARG ARG A . n 
A 1 65  VAL 65  559 559 VAL VAL A . n 
A 1 66  ILE 66  560 560 ILE ILE A . n 
A 1 67  GLY 67  561 561 GLY GLY A . n 
A 1 68  GLY 68  562 562 GLY GLY A . n 
A 1 69  ILE 69  563 563 ILE ILE A . n 
A 1 70  CYS 70  564 564 CYS CYS A . n 
A 1 71  PHE 71  565 565 PHE PHE A . n 
A 1 72  ARG 72  566 566 ARG ARG A . n 
A 1 73  MET 73  567 567 MET MET A . n 
A 1 74  PHE 74  568 568 PHE PHE A . n 
A 1 75  PRO 75  569 569 PRO PRO A . n 
A 1 76  THR 76  570 570 THR THR A . n 
A 1 77  GLN 77  571 571 GLN GLN A . n 
A 1 78  GLY 78  572 572 GLY GLY A . n 
A 1 79  PHE 79  573 573 PHE PHE A . n 
A 1 80  THR 80  574 574 THR THR A . n 
A 1 81  GLU 81  575 575 GLU GLU A . n 
A 1 82  ILE 82  576 576 ILE ILE A . n 
A 1 83  VAL 83  577 577 VAL VAL A . n 
A 1 84  PHE 84  578 578 PHE PHE A . n 
A 1 85  CYS 85  579 579 CYS CYS A . n 
A 1 86  ALA 86  580 580 ALA ALA A . n 
A 1 87  VAL 87  581 581 VAL VAL A . n 
A 1 88  THR 88  582 582 THR THR A . n 
A 1 89  SER 89  583 583 SER SER A . n 
A 1 90  ASN 90  584 584 ASN ASN A . n 
A 1 91  GLU 91  585 585 GLU GLU A . n 
A 1 92  GLN 92  586 586 GLN GLN A . n 
A 1 93  VAL 93  587 587 VAL VAL A . n 
A 1 94  LYS 94  588 588 LYS LYS A . n 
A 1 95  GLY 95  589 589 GLY GLY A . n 
A 1 96  TYR 96  590 590 TYR TYR A . n 
A 1 97  GLY 97  591 591 GLY GLY A . n 
A 1 98  THR 98  592 592 THR THR A . n 
A 1 99  HIS 99  593 593 HIS HIS A . n 
A 1 100 LEU 100 594 594 LEU LEU A . n 
A 1 101 MET 101 595 595 MET MET A . n 
A 1 102 ASN 102 596 596 ASN ASN A . n 
A 1 103 HIS 103 597 597 HIS HIS A . n 
A 1 104 LEU 104 598 598 LEU LEU A . n 
A 1 105 LYS 105 599 599 LYS LYS A . n 
A 1 106 GLU 106 600 600 GLU GLU A . n 
A 1 107 TYR 107 601 601 TYR TYR A . n 
A 1 108 HIS 108 602 602 HIS HIS A . n 
A 1 109 ILE 109 603 603 ILE ILE A . n 
A 1 110 LYS 110 604 604 LYS LYS A . n 
A 1 111 HIS 111 605 605 HIS HIS A . n 
A 1 112 ASN 112 606 606 ASN ASN A . n 
A 1 113 ILE 113 607 607 ILE ILE A . n 
A 1 114 LEU 114 608 608 LEU LEU A . n 
A 1 115 TYR 115 609 609 TYR TYR A . n 
A 1 116 PHE 116 610 610 PHE PHE A . n 
A 1 117 LEU 117 611 611 LEU LEU A . n 
A 1 118 THR 118 612 612 THR THR A . n 
A 1 119 TYR 119 613 613 TYR TYR A . n 
A 1 120 ALA 120 614 614 ALA ALA A . n 
A 1 121 ASP 121 615 615 ASP ASP A . n 
A 1 122 GLU 122 616 616 GLU GLU A . n 
A 1 123 TYR 123 617 617 TYR TYR A . n 
A 1 124 ALA 124 618 618 ALA ALA A . n 
A 1 125 ILE 125 619 619 ILE ILE A . n 
A 1 126 GLY 126 620 620 GLY GLY A . n 
A 1 127 TYR 127 621 621 TYR TYR A . n 
A 1 128 PHE 128 622 622 PHE PHE A . n 
A 1 129 LYS 129 623 623 LYS LYS A . n 
A 1 130 LYS 130 624 624 LYS LYS A . n 
A 1 131 GLN 131 625 625 GLN GLN A . n 
A 1 132 GLY 132 626 626 GLY GLY A . n 
A 1 133 PHE 133 627 627 PHE PHE A . n 
A 1 134 SER 134 628 628 SER SER A . n 
A 1 135 LYS 135 629 629 LYS LYS A . n 
A 1 136 ASP 136 630 630 ASP ASP A . n 
A 1 137 ILE 137 631 631 ILE ILE A . n 
A 1 138 LYS 138 632 632 LYS LYS A . n 
A 1 139 VAL 139 633 633 VAL VAL A . n 
A 1 140 PRO 140 634 634 PRO PRO A . n 
A 1 141 LYS 141 635 635 LYS LYS A . n 
A 1 142 SER 142 636 636 SER SER A . n 
A 1 143 ARG 143 637 637 ARG ARG A . n 
A 1 144 TYR 144 638 638 TYR TYR A . n 
A 1 145 LEU 145 639 639 LEU LEU A . n 
A 1 146 GLY 146 640 640 GLY GLY A . n 
A 1 147 TYR 147 641 641 TYR TYR A . n 
A 1 148 ILE 148 642 642 ILE ILE A . n 
A 1 149 LYS 149 643 643 LYS LYS A . n 
A 1 150 ASP 150 644 644 ASP ASP A . n 
A 1 151 TYR 151 645 645 TYR TYR A . n 
A 1 152 GLU 152 646 646 GLU GLU A . n 
A 1 153 GLY 153 647 647 GLY GLY A . n 
A 1 154 ALA 154 648 648 ALA ALA A . n 
A 1 155 THR 155 649 649 THR THR A . n 
A 1 156 LEU 156 650 650 LEU LEU A . n 
A 1 157 MET 157 651 651 MET MET A . n 
A 1 158 GLU 158 652 652 GLU GLU A . n 
A 1 159 CYS 159 653 653 CYS CYS A . n 
A 1 160 GLU 160 654 654 GLU GLU A . n 
A 1 161 LEU 161 655 655 LEU LEU A . n 
A 1 162 ASN 162 656 656 ASN ASN A . n 
A 1 163 PRO 163 657 657 PRO PRO A . n 
A 1 164 ARG 164 658 658 ARG ARG A . n 
A 1 165 ILE 165 659 ?   ?   ?   A . n 
A 1 166 PRO 166 660 ?   ?   ?   A . n 
A 1 167 TYR 167 661 ?   ?   ?   A . n 
A 1 168 THR 168 662 ?   ?   ?   A . n 
# 
_pdbx_SG_project.id                    1 
_pdbx_SG_project.project_name          ? 
_pdbx_SG_project.full_name_of_center   'Structural Genomics Consortium' 
_pdbx_SG_project.initial_of_center     SGC 
# 
loop_
_pdbx_nonpoly_scheme.asym_id 
_pdbx_nonpoly_scheme.entity_id 
_pdbx_nonpoly_scheme.mon_id 
_pdbx_nonpoly_scheme.ndb_seq_num 
_pdbx_nonpoly_scheme.pdb_seq_num 
_pdbx_nonpoly_scheme.auth_seq_num 
_pdbx_nonpoly_scheme.pdb_mon_id 
_pdbx_nonpoly_scheme.auth_mon_id 
_pdbx_nonpoly_scheme.pdb_strand_id 
_pdbx_nonpoly_scheme.pdb_ins_code 
B 2 ACO 1   401  401  ACO COA A . 
C 3 HOH 1   1000 1000 HOH HOH A . 
C 3 HOH 2   1001 1001 HOH HOH A . 
C 3 HOH 3   1002 1002 HOH HOH A . 
C 3 HOH 4   1003 1003 HOH HOH A . 
C 3 HOH 5   1004 1004 HOH HOH A . 
C 3 HOH 6   1005 1005 HOH HOH A . 
C 3 HOH 7   1006 1006 HOH HOH A . 
C 3 HOH 8   1007 1007 HOH HOH A . 
C 3 HOH 9   1008 1008 HOH HOH A . 
C 3 HOH 10  1009 1009 HOH HOH A . 
C 3 HOH 11  1010 1010 HOH HOH A . 
C 3 HOH 12  1011 1011 HOH HOH A . 
C 3 HOH 13  1012 1012 HOH HOH A . 
C 3 HOH 14  1013 1013 HOH HOH A . 
C 3 HOH 15  1014 1014 HOH HOH A . 
C 3 HOH 16  1015 1015 HOH HOH A . 
C 3 HOH 17  1016 1016 HOH HOH A . 
C 3 HOH 18  1017 1017 HOH HOH A . 
C 3 HOH 19  1018 1018 HOH HOH A . 
C 3 HOH 20  1019 1019 HOH HOH A . 
C 3 HOH 21  1020 1020 HOH HOH A . 
C 3 HOH 22  1021 1021 HOH HOH A . 
C 3 HOH 23  1022 1022 HOH HOH A . 
C 3 HOH 24  1023 1023 HOH HOH A . 
C 3 HOH 25  1024 1024 HOH HOH A . 
C 3 HOH 26  1025 1025 HOH HOH A . 
C 3 HOH 27  1026 1026 HOH HOH A . 
C 3 HOH 28  1027 1027 HOH HOH A . 
C 3 HOH 29  1028 1028 HOH HOH A . 
C 3 HOH 30  1029 1029 HOH HOH A . 
C 3 HOH 31  1030 1030 HOH HOH A . 
C 3 HOH 32  1031 1031 HOH HOH A . 
C 3 HOH 33  1032 1032 HOH HOH A . 
C 3 HOH 34  1033 1033 HOH HOH A . 
C 3 HOH 35  1034 1034 HOH HOH A . 
C 3 HOH 36  1035 1035 HOH HOH A . 
C 3 HOH 37  1036 1036 HOH HOH A . 
C 3 HOH 38  1037 1037 HOH HOH A . 
C 3 HOH 39  1038 1038 HOH HOH A . 
C 3 HOH 40  1039 1039 HOH HOH A . 
C 3 HOH 41  1040 1040 HOH HOH A . 
C 3 HOH 42  1041 1041 HOH HOH A . 
C 3 HOH 43  1042 1042 HOH HOH A . 
C 3 HOH 44  1043 1043 HOH HOH A . 
C 3 HOH 45  1044 1044 HOH HOH A . 
C 3 HOH 46  1045 1045 HOH HOH A . 
C 3 HOH 47  1046 1046 HOH HOH A . 
C 3 HOH 48  1047 1047 HOH HOH A . 
C 3 HOH 49  1048 1048 HOH HOH A . 
C 3 HOH 50  1049 1049 HOH HOH A . 
C 3 HOH 51  1050 1050 HOH HOH A . 
C 3 HOH 52  1051 1051 HOH HOH A . 
C 3 HOH 53  1052 1052 HOH HOH A . 
C 3 HOH 54  1053 1053 HOH HOH A . 
C 3 HOH 55  1054 1054 HOH HOH A . 
C 3 HOH 56  1055 1055 HOH HOH A . 
C 3 HOH 57  1056 1056 HOH HOH A . 
C 3 HOH 58  1057 1057 HOH HOH A . 
C 3 HOH 59  1058 1058 HOH HOH A . 
C 3 HOH 60  1059 1059 HOH HOH A . 
C 3 HOH 61  1060 1060 HOH HOH A . 
C 3 HOH 62  1061 1061 HOH HOH A . 
C 3 HOH 63  1062 1062 HOH HOH A . 
C 3 HOH 64  1063 1063 HOH HOH A . 
C 3 HOH 65  1064 1064 HOH HOH A . 
C 3 HOH 66  1065 1065 HOH HOH A . 
C 3 HOH 67  1066 1066 HOH HOH A . 
C 3 HOH 68  1067 1067 HOH HOH A . 
C 3 HOH 69  1068 1068 HOH HOH A . 
C 3 HOH 70  1069 1069 HOH HOH A . 
C 3 HOH 71  1070 1070 HOH HOH A . 
C 3 HOH 72  1071 1071 HOH HOH A . 
C 3 HOH 73  1072 1072 HOH HOH A . 
C 3 HOH 74  1073 1073 HOH HOH A . 
C 3 HOH 75  1074 1074 HOH HOH A . 
C 3 HOH 76  1075 1075 HOH HOH A . 
C 3 HOH 77  1076 1076 HOH HOH A . 
C 3 HOH 78  1077 1077 HOH HOH A . 
C 3 HOH 79  1078 1078 HOH HOH A . 
C 3 HOH 80  1079 1079 HOH HOH A . 
C 3 HOH 81  1080 1080 HOH HOH A . 
C 3 HOH 82  1081 1081 HOH HOH A . 
C 3 HOH 83  1082 1082 HOH HOH A . 
C 3 HOH 84  1083 1083 HOH HOH A . 
C 3 HOH 85  1084 1084 HOH HOH A . 
C 3 HOH 86  1085 1085 HOH HOH A . 
C 3 HOH 87  1086 1086 HOH HOH A . 
C 3 HOH 88  1087 1087 HOH HOH A . 
C 3 HOH 89  1088 1088 HOH HOH A . 
C 3 HOH 90  1089 1089 HOH HOH A . 
C 3 HOH 91  1090 1090 HOH HOH A . 
C 3 HOH 92  1091 1091 HOH HOH A . 
C 3 HOH 93  1092 1092 HOH HOH A . 
C 3 HOH 94  1093 1093 HOH HOH A . 
C 3 HOH 95  1094 1094 HOH HOH A . 
C 3 HOH 96  1095 1095 HOH HOH A . 
C 3 HOH 97  1096 1096 HOH HOH A . 
C 3 HOH 98  1097 1097 HOH HOH A . 
C 3 HOH 99  1098 1098 HOH HOH A . 
C 3 HOH 100 1099 1099 HOH HOH A . 
C 3 HOH 101 1100 1100 HOH HOH A . 
C 3 HOH 102 1101 1101 HOH HOH A . 
C 3 HOH 103 1102 1102 HOH HOH A . 
C 3 HOH 104 1103 1103 HOH HOH A . 
C 3 HOH 105 1104 1104 HOH HOH A . 
C 3 HOH 106 1105 1105 HOH HOH A . 
C 3 HOH 107 1106 1106 HOH HOH A . 
C 3 HOH 108 1107 1107 HOH HOH A . 
C 3 HOH 109 1108 1108 HOH HOH A . 
C 3 HOH 110 1109 1109 HOH HOH A . 
C 3 HOH 111 1110 1110 HOH HOH A . 
C 3 HOH 112 1111 1111 HOH HOH A . 
C 3 HOH 113 1112 1112 HOH HOH A . 
C 3 HOH 114 1113 1113 HOH HOH A . 
C 3 HOH 115 1114 1114 HOH HOH A . 
C 3 HOH 116 1115 1115 HOH HOH A . 
C 3 HOH 117 1116 1116 HOH HOH A . 
C 3 HOH 118 1117 1117 HOH HOH A . 
C 3 HOH 119 1118 1118 HOH HOH A . 
C 3 HOH 120 1119 1119 HOH HOH A . 
C 3 HOH 121 1120 1120 HOH HOH A . 
C 3 HOH 122 1121 1121 HOH HOH A . 
C 3 HOH 123 1122 1122 HOH HOH A . 
C 3 HOH 124 1123 1123 HOH HOH A . 
C 3 HOH 125 1124 1124 HOH HOH A . 
C 3 HOH 126 1125 1125 HOH HOH A . 
C 3 HOH 127 1126 1126 HOH HOH A . 
C 3 HOH 128 1127 1127 HOH HOH A . 
C 3 HOH 129 1128 1128 HOH HOH A . 
C 3 HOH 130 1129 1129 HOH HOH A . 
C 3 HOH 131 1130 1130 HOH HOH A . 
# 
_pdbx_struct_assembly.id                   1 
_pdbx_struct_assembly.details              author_and_software_defined_assembly 
_pdbx_struct_assembly.method_details       PISA 
_pdbx_struct_assembly.oligomeric_details   monomeric 
_pdbx_struct_assembly.oligomeric_count     1 
# 
_pdbx_struct_assembly_gen.assembly_id       1 
_pdbx_struct_assembly_gen.oper_expression   1 
_pdbx_struct_assembly_gen.asym_id_list      A,B,C 
# 
_pdbx_struct_oper_list.id                   1 
_pdbx_struct_oper_list.type                 'identity operation' 
_pdbx_struct_oper_list.name                 1_555 
_pdbx_struct_oper_list.symmetry_operation   x,y,z 
_pdbx_struct_oper_list.matrix[1][1]         1.0000000000 
_pdbx_struct_oper_list.matrix[1][2]         0.0000000000 
_pdbx_struct_oper_list.matrix[1][3]         0.0000000000 
_pdbx_struct_oper_list.vector[1]            0.0000000000 
_pdbx_struct_oper_list.matrix[2][1]         0.0000000000 
_pdbx_struct_oper_list.matrix[2][2]         1.0000000000 
_pdbx_struct_oper_list.matrix[2][3]         0.0000000000 
_pdbx_struct_oper_list.vector[2]            0.0000000000 
_pdbx_struct_oper_list.matrix[3][1]         0.0000000000 
_pdbx_struct_oper_list.matrix[3][2]         0.0000000000 
_pdbx_struct_oper_list.matrix[3][3]         1.0000000000 
_pdbx_struct_oper_list.vector[3]            0.0000000000 
# 
loop_
_pdbx_audit_revision_history.ordinal 
_pdbx_audit_revision_history.data_content_type 
_pdbx_audit_revision_history.major_revision 
_pdbx_audit_revision_history.minor_revision 
_pdbx_audit_revision_history.revision_date 
1 'Structure model' 1 0 2005-03-29 
2 'Structure model' 1 1 2008-04-30 
3 'Structure model' 1 2 2011-07-13 
4 'Structure model' 1 3 2023-08-23 
# 
_pdbx_audit_revision_details.ordinal             1 
_pdbx_audit_revision_details.revision_ordinal    1 
_pdbx_audit_revision_details.data_content_type   'Structure model' 
_pdbx_audit_revision_details.provider            repository 
_pdbx_audit_revision_details.type                'Initial release' 
_pdbx_audit_revision_details.description         ? 
_pdbx_audit_revision_details.details             ? 
# 
loop_
_pdbx_audit_revision_group.ordinal 
_pdbx_audit_revision_group.revision_ordinal 
_pdbx_audit_revision_group.data_content_type 
_pdbx_audit_revision_group.group 
1 2 'Structure model' 'Version format compliance' 
2 3 'Structure model' 'Version format compliance' 
3 4 'Structure model' 'Data collection'           
4 4 'Structure model' 'Database references'       
5 4 'Structure model' 'Derived calculations'      
6 4 'Structure model' 'Refinement description'    
# 
loop_
_pdbx_audit_revision_category.ordinal 
_pdbx_audit_revision_category.revision_ordinal 
_pdbx_audit_revision_category.data_content_type 
_pdbx_audit_revision_category.category 
1 4 'Structure model' chem_comp_atom                
2 4 'Structure model' chem_comp_bond                
3 4 'Structure model' database_2                    
4 4 'Structure model' pdbx_initial_refinement_model 
5 4 'Structure model' struct_ref_seq_dif            
6 4 'Structure model' struct_site                   
# 
loop_
_pdbx_audit_revision_item.ordinal 
_pdbx_audit_revision_item.revision_ordinal 
_pdbx_audit_revision_item.data_content_type 
_pdbx_audit_revision_item.item 
1 4 'Structure model' '_database_2.pdbx_DOI'                
2 4 'Structure model' '_database_2.pdbx_database_accession' 
3 4 'Structure model' '_struct_ref_seq_dif.details'         
4 4 'Structure model' '_struct_site.pdbx_auth_asym_id'      
5 4 'Structure model' '_struct_site.pdbx_auth_comp_id'      
6 4 'Structure model' '_struct_site.pdbx_auth_seq_id'       
# 
loop_
_software.name 
_software.classification 
_software.version 
_software.citation_id 
_software.pdbx_ordinal 
CNS          refinement       1.1            ? 1 
CrystalClear 'data reduction' '(MSC/RIGAKU)' ? 2 
d*TREK       'data scaling'   .              ? 3 
PHASER       phasing          .              ? 4 
# 
_pdbx_validate_torsion.id              1 
_pdbx_validate_torsion.PDB_model_num   1 
_pdbx_validate_torsion.auth_comp_id    LEU 
_pdbx_validate_torsion.auth_asym_id    A 
_pdbx_validate_torsion.auth_seq_id     508 
_pdbx_validate_torsion.PDB_ins_code    ? 
_pdbx_validate_torsion.label_alt_id    ? 
_pdbx_validate_torsion.phi             -157.64 
_pdbx_validate_torsion.psi             -58.31 
# 
loop_
_pdbx_unobs_or_zero_occ_residues.id 
_pdbx_unobs_or_zero_occ_residues.PDB_model_num 
_pdbx_unobs_or_zero_occ_residues.polymer_flag 
_pdbx_unobs_or_zero_occ_residues.occupancy_flag 
_pdbx_unobs_or_zero_occ_residues.auth_asym_id 
_pdbx_unobs_or_zero_occ_residues.auth_comp_id 
_pdbx_unobs_or_zero_occ_residues.auth_seq_id 
_pdbx_unobs_or_zero_occ_residues.PDB_ins_code 
_pdbx_unobs_or_zero_occ_residues.label_asym_id 
_pdbx_unobs_or_zero_occ_residues.label_comp_id 
_pdbx_unobs_or_zero_occ_residues.label_seq_id 
1 1 Y 1 A GLY 495 ? A GLY 1   
2 1 Y 1 A ILE 659 ? A ILE 165 
3 1 Y 1 A PRO 660 ? A PRO 166 
4 1 Y 1 A TYR 661 ? A TYR 167 
5 1 Y 1 A THR 662 ? A THR 168 
# 
loop_
_chem_comp_atom.comp_id 
_chem_comp_atom.atom_id 
_chem_comp_atom.type_symbol 
_chem_comp_atom.pdbx_aromatic_flag 
_chem_comp_atom.pdbx_stereo_config 
_chem_comp_atom.pdbx_ordinal 
ACO N1A  N Y N 1   
ACO C2A  C Y N 2   
ACO N3A  N Y N 3   
ACO C4A  C Y N 4   
ACO C5A  C Y N 5   
ACO C6A  C Y N 6   
ACO N6A  N N N 7   
ACO N7A  N Y N 8   
ACO C8A  C Y N 9   
ACO N9A  N Y N 10  
ACO C1B  C N R 11  
ACO C2B  C N R 12  
ACO O2B  O N N 13  
ACO C3B  C N S 14  
ACO O3B  O N N 15  
ACO P3B  P N N 16  
ACO O7A  O N N 17  
ACO O8A  O N N 18  
ACO O9A  O N N 19  
ACO C4B  C N R 20  
ACO O4B  O N N 21  
ACO C5B  C N N 22  
ACO O5B  O N N 23  
ACO P1A  P N S 24  
ACO O1A  O N N 25  
ACO O2A  O N N 26  
ACO O3A  O N N 27  
ACO P2A  P N S 28  
ACO O4A  O N N 29  
ACO O5A  O N N 30  
ACO O6A  O N N 31  
ACO CBP  C N N 32  
ACO CCP  C N N 33  
ACO CDP  C N N 34  
ACO CEP  C N N 35  
ACO CAP  C N R 36  
ACO OAP  O N N 37  
ACO C9P  C N N 38  
ACO O9P  O N N 39  
ACO N8P  N N N 40  
ACO C7P  C N N 41  
ACO C6P  C N N 42  
ACO C5P  C N N 43  
ACO O5P  O N N 44  
ACO N4P  N N N 45  
ACO C3P  C N N 46  
ACO C2P  C N N 47  
ACO S1P  S N N 48  
ACO C    C N N 49  
ACO O    O N N 50  
ACO CH3  C N N 51  
ACO H2A  H N N 52  
ACO H61A H N N 53  
ACO H62A H N N 54  
ACO H8A  H N N 55  
ACO H1B  H N N 56  
ACO H2B  H N N 57  
ACO HO2A H N N 58  
ACO H3B  H N N 59  
ACO HOA8 H N N 60  
ACO HOA9 H N N 61  
ACO H4B  H N N 62  
ACO H51A H N N 63  
ACO H52A H N N 64  
ACO HOA2 H N N 65  
ACO HOA5 H N N 66  
ACO H121 H N N 67  
ACO H122 H N N 68  
ACO H131 H N N 69  
ACO H132 H N N 70  
ACO H133 H N N 71  
ACO H141 H N N 72  
ACO H142 H N N 73  
ACO H143 H N N 74  
ACO H10  H N N 75  
ACO HO1  H N N 76  
ACO HN8  H N N 77  
ACO H71  H N N 78  
ACO H72  H N N 79  
ACO H61  H N N 80  
ACO H62  H N N 81  
ACO HN4  H N N 82  
ACO H31  H N N 83  
ACO H32  H N N 84  
ACO H21  H N N 85  
ACO H22  H N N 86  
ACO HH31 H N N 87  
ACO HH32 H N N 88  
ACO HH33 H N N 89  
ALA N    N N N 90  
ALA CA   C N S 91  
ALA C    C N N 92  
ALA O    O N N 93  
ALA CB   C N N 94  
ALA OXT  O N N 95  
ALA H    H N N 96  
ALA H2   H N N 97  
ALA HA   H N N 98  
ALA HB1  H N N 99  
ALA HB2  H N N 100 
ALA HB3  H N N 101 
ALA HXT  H N N 102 
ARG N    N N N 103 
ARG CA   C N S 104 
ARG C    C N N 105 
ARG O    O N N 106 
ARG CB   C N N 107 
ARG CG   C N N 108 
ARG CD   C N N 109 
ARG NE   N N N 110 
ARG CZ   C N N 111 
ARG NH1  N N N 112 
ARG NH2  N N N 113 
ARG OXT  O N N 114 
ARG H    H N N 115 
ARG H2   H N N 116 
ARG HA   H N N 117 
ARG HB2  H N N 118 
ARG HB3  H N N 119 
ARG HG2  H N N 120 
ARG HG3  H N N 121 
ARG HD2  H N N 122 
ARG HD3  H N N 123 
ARG HE   H N N 124 
ARG HH11 H N N 125 
ARG HH12 H N N 126 
ARG HH21 H N N 127 
ARG HH22 H N N 128 
ARG HXT  H N N 129 
ASN N    N N N 130 
ASN CA   C N S 131 
ASN C    C N N 132 
ASN O    O N N 133 
ASN CB   C N N 134 
ASN CG   C N N 135 
ASN OD1  O N N 136 
ASN ND2  N N N 137 
ASN OXT  O N N 138 
ASN H    H N N 139 
ASN H2   H N N 140 
ASN HA   H N N 141 
ASN HB2  H N N 142 
ASN HB3  H N N 143 
ASN HD21 H N N 144 
ASN HD22 H N N 145 
ASN HXT  H N N 146 
ASP N    N N N 147 
ASP CA   C N S 148 
ASP C    C N N 149 
ASP O    O N N 150 
ASP CB   C N N 151 
ASP CG   C N N 152 
ASP OD1  O N N 153 
ASP OD2  O N N 154 
ASP OXT  O N N 155 
ASP H    H N N 156 
ASP H2   H N N 157 
ASP HA   H N N 158 
ASP HB2  H N N 159 
ASP HB3  H N N 160 
ASP HD2  H N N 161 
ASP HXT  H N N 162 
CYS N    N N N 163 
CYS CA   C N R 164 
CYS C    C N N 165 
CYS O    O N N 166 
CYS CB   C N N 167 
CYS SG   S N N 168 
CYS OXT  O N N 169 
CYS H    H N N 170 
CYS H2   H N N 171 
CYS HA   H N N 172 
CYS HB2  H N N 173 
CYS HB3  H N N 174 
CYS HG   H N N 175 
CYS HXT  H N N 176 
GLN N    N N N 177 
GLN CA   C N S 178 
GLN C    C N N 179 
GLN O    O N N 180 
GLN CB   C N N 181 
GLN CG   C N N 182 
GLN CD   C N N 183 
GLN OE1  O N N 184 
GLN NE2  N N N 185 
GLN OXT  O N N 186 
GLN H    H N N 187 
GLN H2   H N N 188 
GLN HA   H N N 189 
GLN HB2  H N N 190 
GLN HB3  H N N 191 
GLN HG2  H N N 192 
GLN HG3  H N N 193 
GLN HE21 H N N 194 
GLN HE22 H N N 195 
GLN HXT  H N N 196 
GLU N    N N N 197 
GLU CA   C N S 198 
GLU C    C N N 199 
GLU O    O N N 200 
GLU CB   C N N 201 
GLU CG   C N N 202 
GLU CD   C N N 203 
GLU OE1  O N N 204 
GLU OE2  O N N 205 
GLU OXT  O N N 206 
GLU H    H N N 207 
GLU H2   H N N 208 
GLU HA   H N N 209 
GLU HB2  H N N 210 
GLU HB3  H N N 211 
GLU HG2  H N N 212 
GLU HG3  H N N 213 
GLU HE2  H N N 214 
GLU HXT  H N N 215 
GLY N    N N N 216 
GLY CA   C N N 217 
GLY C    C N N 218 
GLY O    O N N 219 
GLY OXT  O N N 220 
GLY H    H N N 221 
GLY H2   H N N 222 
GLY HA2  H N N 223 
GLY HA3  H N N 224 
GLY HXT  H N N 225 
HIS N    N N N 226 
HIS CA   C N S 227 
HIS C    C N N 228 
HIS O    O N N 229 
HIS CB   C N N 230 
HIS CG   C Y N 231 
HIS ND1  N Y N 232 
HIS CD2  C Y N 233 
HIS CE1  C Y N 234 
HIS NE2  N Y N 235 
HIS OXT  O N N 236 
HIS H    H N N 237 
HIS H2   H N N 238 
HIS HA   H N N 239 
HIS HB2  H N N 240 
HIS HB3  H N N 241 
HIS HD1  H N N 242 
HIS HD2  H N N 243 
HIS HE1  H N N 244 
HIS HE2  H N N 245 
HIS HXT  H N N 246 
HOH O    O N N 247 
HOH H1   H N N 248 
HOH H2   H N N 249 
ILE N    N N N 250 
ILE CA   C N S 251 
ILE C    C N N 252 
ILE O    O N N 253 
ILE CB   C N S 254 
ILE CG1  C N N 255 
ILE CG2  C N N 256 
ILE CD1  C N N 257 
ILE OXT  O N N 258 
ILE H    H N N 259 
ILE H2   H N N 260 
ILE HA   H N N 261 
ILE HB   H N N 262 
ILE HG12 H N N 263 
ILE HG13 H N N 264 
ILE HG21 H N N 265 
ILE HG22 H N N 266 
ILE HG23 H N N 267 
ILE HD11 H N N 268 
ILE HD12 H N N 269 
ILE HD13 H N N 270 
ILE HXT  H N N 271 
LEU N    N N N 272 
LEU CA   C N S 273 
LEU C    C N N 274 
LEU O    O N N 275 
LEU CB   C N N 276 
LEU CG   C N N 277 
LEU CD1  C N N 278 
LEU CD2  C N N 279 
LEU OXT  O N N 280 
LEU H    H N N 281 
LEU H2   H N N 282 
LEU HA   H N N 283 
LEU HB2  H N N 284 
LEU HB3  H N N 285 
LEU HG   H N N 286 
LEU HD11 H N N 287 
LEU HD12 H N N 288 
LEU HD13 H N N 289 
LEU HD21 H N N 290 
LEU HD22 H N N 291 
LEU HD23 H N N 292 
LEU HXT  H N N 293 
LYS N    N N N 294 
LYS CA   C N S 295 
LYS C    C N N 296 
LYS O    O N N 297 
LYS CB   C N N 298 
LYS CG   C N N 299 
LYS CD   C N N 300 
LYS CE   C N N 301 
LYS NZ   N N N 302 
LYS OXT  O N N 303 
LYS H    H N N 304 
LYS H2   H N N 305 
LYS HA   H N N 306 
LYS HB2  H N N 307 
LYS HB3  H N N 308 
LYS HG2  H N N 309 
LYS HG3  H N N 310 
LYS HD2  H N N 311 
LYS HD3  H N N 312 
LYS HE2  H N N 313 
LYS HE3  H N N 314 
LYS HZ1  H N N 315 
LYS HZ2  H N N 316 
LYS HZ3  H N N 317 
LYS HXT  H N N 318 
MET N    N N N 319 
MET CA   C N S 320 
MET C    C N N 321 
MET O    O N N 322 
MET CB   C N N 323 
MET CG   C N N 324 
MET SD   S N N 325 
MET CE   C N N 326 
MET OXT  O N N 327 
MET H    H N N 328 
MET H2   H N N 329 
MET HA   H N N 330 
MET HB2  H N N 331 
MET HB3  H N N 332 
MET HG2  H N N 333 
MET HG3  H N N 334 
MET HE1  H N N 335 
MET HE2  H N N 336 
MET HE3  H N N 337 
MET HXT  H N N 338 
PHE N    N N N 339 
PHE CA   C N S 340 
PHE C    C N N 341 
PHE O    O N N 342 
PHE CB   C N N 343 
PHE CG   C Y N 344 
PHE CD1  C Y N 345 
PHE CD2  C Y N 346 
PHE CE1  C Y N 347 
PHE CE2  C Y N 348 
PHE CZ   C Y N 349 
PHE OXT  O N N 350 
PHE H    H N N 351 
PHE H2   H N N 352 
PHE HA   H N N 353 
PHE HB2  H N N 354 
PHE HB3  H N N 355 
PHE HD1  H N N 356 
PHE HD2  H N N 357 
PHE HE1  H N N 358 
PHE HE2  H N N 359 
PHE HZ   H N N 360 
PHE HXT  H N N 361 
PRO N    N N N 362 
PRO CA   C N S 363 
PRO C    C N N 364 
PRO O    O N N 365 
PRO CB   C N N 366 
PRO CG   C N N 367 
PRO CD   C N N 368 
PRO OXT  O N N 369 
PRO H    H N N 370 
PRO HA   H N N 371 
PRO HB2  H N N 372 
PRO HB3  H N N 373 
PRO HG2  H N N 374 
PRO HG3  H N N 375 
PRO HD2  H N N 376 
PRO HD3  H N N 377 
PRO HXT  H N N 378 
SER N    N N N 379 
SER CA   C N S 380 
SER C    C N N 381 
SER O    O N N 382 
SER CB   C N N 383 
SER OG   O N N 384 
SER OXT  O N N 385 
SER H    H N N 386 
SER H2   H N N 387 
SER HA   H N N 388 
SER HB2  H N N 389 
SER HB3  H N N 390 
SER HG   H N N 391 
SER HXT  H N N 392 
THR N    N N N 393 
THR CA   C N S 394 
THR C    C N N 395 
THR O    O N N 396 
THR CB   C N R 397 
THR OG1  O N N 398 
THR CG2  C N N 399 
THR OXT  O N N 400 
THR H    H N N 401 
THR H2   H N N 402 
THR HA   H N N 403 
THR HB   H N N 404 
THR HG1  H N N 405 
THR HG21 H N N 406 
THR HG22 H N N 407 
THR HG23 H N N 408 
THR HXT  H N N 409 
TRP N    N N N 410 
TRP CA   C N S 411 
TRP C    C N N 412 
TRP O    O N N 413 
TRP CB   C N N 414 
TRP CG   C Y N 415 
TRP CD1  C Y N 416 
TRP CD2  C Y N 417 
TRP NE1  N Y N 418 
TRP CE2  C Y N 419 
TRP CE3  C Y N 420 
TRP CZ2  C Y N 421 
TRP CZ3  C Y N 422 
TRP CH2  C Y N 423 
TRP OXT  O N N 424 
TRP H    H N N 425 
TRP H2   H N N 426 
TRP HA   H N N 427 
TRP HB2  H N N 428 
TRP HB3  H N N 429 
TRP HD1  H N N 430 
TRP HE1  H N N 431 
TRP HE3  H N N 432 
TRP HZ2  H N N 433 
TRP HZ3  H N N 434 
TRP HH2  H N N 435 
TRP HXT  H N N 436 
TYR N    N N N 437 
TYR CA   C N S 438 
TYR C    C N N 439 
TYR O    O N N 440 
TYR CB   C N N 441 
TYR CG   C Y N 442 
TYR CD1  C Y N 443 
TYR CD2  C Y N 444 
TYR CE1  C Y N 445 
TYR CE2  C Y N 446 
TYR CZ   C Y N 447 
TYR OH   O N N 448 
TYR OXT  O N N 449 
TYR H    H N N 450 
TYR H2   H N N 451 
TYR HA   H N N 452 
TYR HB2  H N N 453 
TYR HB3  H N N 454 
TYR HD1  H N N 455 
TYR HD2  H N N 456 
TYR HE1  H N N 457 
TYR HE2  H N N 458 
TYR HH   H N N 459 
TYR HXT  H N N 460 
VAL N    N N N 461 
VAL CA   C N S 462 
VAL C    C N N 463 
VAL O    O N N 464 
VAL CB   C N N 465 
VAL CG1  C N N 466 
VAL CG2  C N N 467 
VAL OXT  O N N 468 
VAL H    H N N 469 
VAL H2   H N N 470 
VAL HA   H N N 471 
VAL HB   H N N 472 
VAL HG11 H N N 473 
VAL HG12 H N N 474 
VAL HG13 H N N 475 
VAL HG21 H N N 476 
VAL HG22 H N N 477 
VAL HG23 H N N 478 
VAL HXT  H N N 479 
# 
loop_
_chem_comp_bond.comp_id 
_chem_comp_bond.atom_id_1 
_chem_comp_bond.atom_id_2 
_chem_comp_bond.value_order 
_chem_comp_bond.pdbx_aromatic_flag 
_chem_comp_bond.pdbx_stereo_config 
_chem_comp_bond.pdbx_ordinal 
ACO N1A C2A  sing Y N 1   
ACO N1A C6A  doub Y N 2   
ACO C2A N3A  doub Y N 3   
ACO C2A H2A  sing N N 4   
ACO N3A C4A  sing Y N 5   
ACO C4A C5A  doub Y N 6   
ACO C4A N9A  sing Y N 7   
ACO C5A C6A  sing Y N 8   
ACO C5A N7A  sing Y N 9   
ACO C6A N6A  sing N N 10  
ACO N6A H61A sing N N 11  
ACO N6A H62A sing N N 12  
ACO N7A C8A  doub Y N 13  
ACO C8A N9A  sing Y N 14  
ACO C8A H8A  sing N N 15  
ACO N9A C1B  sing N N 16  
ACO C1B C2B  sing N N 17  
ACO C1B O4B  sing N N 18  
ACO C1B H1B  sing N N 19  
ACO C2B O2B  sing N N 20  
ACO C2B C3B  sing N N 21  
ACO C2B H2B  sing N N 22  
ACO O2B HO2A sing N N 23  
ACO C3B O3B  sing N N 24  
ACO C3B C4B  sing N N 25  
ACO C3B H3B  sing N N 26  
ACO O3B P3B  sing N N 27  
ACO P3B O7A  doub N N 28  
ACO P3B O8A  sing N N 29  
ACO P3B O9A  sing N N 30  
ACO O8A HOA8 sing N N 31  
ACO O9A HOA9 sing N N 32  
ACO C4B O4B  sing N N 33  
ACO C4B C5B  sing N N 34  
ACO C4B H4B  sing N N 35  
ACO C5B O5B  sing N N 36  
ACO C5B H51A sing N N 37  
ACO C5B H52A sing N N 38  
ACO O5B P1A  sing N N 39  
ACO P1A O1A  doub N N 40  
ACO P1A O2A  sing N N 41  
ACO P1A O3A  sing N N 42  
ACO O2A HOA2 sing N N 43  
ACO O3A P2A  sing N N 44  
ACO P2A O4A  doub N N 45  
ACO P2A O5A  sing N N 46  
ACO P2A O6A  sing N N 47  
ACO O5A HOA5 sing N N 48  
ACO O6A CCP  sing N N 49  
ACO CBP CCP  sing N N 50  
ACO CBP CDP  sing N N 51  
ACO CBP CEP  sing N N 52  
ACO CBP CAP  sing N N 53  
ACO CCP H121 sing N N 54  
ACO CCP H122 sing N N 55  
ACO CDP H131 sing N N 56  
ACO CDP H132 sing N N 57  
ACO CDP H133 sing N N 58  
ACO CEP H141 sing N N 59  
ACO CEP H142 sing N N 60  
ACO CEP H143 sing N N 61  
ACO CAP OAP  sing N N 62  
ACO CAP C9P  sing N N 63  
ACO CAP H10  sing N N 64  
ACO OAP HO1  sing N N 65  
ACO C9P O9P  doub N N 66  
ACO C9P N8P  sing N N 67  
ACO N8P C7P  sing N N 68  
ACO N8P HN8  sing N N 69  
ACO C7P C6P  sing N N 70  
ACO C7P H71  sing N N 71  
ACO C7P H72  sing N N 72  
ACO C6P C5P  sing N N 73  
ACO C6P H61  sing N N 74  
ACO C6P H62  sing N N 75  
ACO C5P O5P  doub N N 76  
ACO C5P N4P  sing N N 77  
ACO N4P C3P  sing N N 78  
ACO N4P HN4  sing N N 79  
ACO C3P C2P  sing N N 80  
ACO C3P H31  sing N N 81  
ACO C3P H32  sing N N 82  
ACO C2P S1P  sing N N 83  
ACO C2P H21  sing N N 84  
ACO C2P H22  sing N N 85  
ACO S1P C    sing N N 86  
ACO C   O    doub N N 87  
ACO C   CH3  sing N N 88  
ACO CH3 HH31 sing N N 89  
ACO CH3 HH32 sing N N 90  
ACO CH3 HH33 sing N N 91  
ALA N   CA   sing N N 92  
ALA N   H    sing N N 93  
ALA N   H2   sing N N 94  
ALA CA  C    sing N N 95  
ALA CA  CB   sing N N 96  
ALA CA  HA   sing N N 97  
ALA C   O    doub N N 98  
ALA C   OXT  sing N N 99  
ALA CB  HB1  sing N N 100 
ALA CB  HB2  sing N N 101 
ALA CB  HB3  sing N N 102 
ALA OXT HXT  sing N N 103 
ARG N   CA   sing N N 104 
ARG N   H    sing N N 105 
ARG N   H2   sing N N 106 
ARG CA  C    sing N N 107 
ARG CA  CB   sing N N 108 
ARG CA  HA   sing N N 109 
ARG C   O    doub N N 110 
ARG C   OXT  sing N N 111 
ARG CB  CG   sing N N 112 
ARG CB  HB2  sing N N 113 
ARG CB  HB3  sing N N 114 
ARG CG  CD   sing N N 115 
ARG CG  HG2  sing N N 116 
ARG CG  HG3  sing N N 117 
ARG CD  NE   sing N N 118 
ARG CD  HD2  sing N N 119 
ARG CD  HD3  sing N N 120 
ARG NE  CZ   sing N N 121 
ARG NE  HE   sing N N 122 
ARG CZ  NH1  sing N N 123 
ARG CZ  NH2  doub N N 124 
ARG NH1 HH11 sing N N 125 
ARG NH1 HH12 sing N N 126 
ARG NH2 HH21 sing N N 127 
ARG NH2 HH22 sing N N 128 
ARG OXT HXT  sing N N 129 
ASN N   CA   sing N N 130 
ASN N   H    sing N N 131 
ASN N   H2   sing N N 132 
ASN CA  C    sing N N 133 
ASN CA  CB   sing N N 134 
ASN CA  HA   sing N N 135 
ASN C   O    doub N N 136 
ASN C   OXT  sing N N 137 
ASN CB  CG   sing N N 138 
ASN CB  HB2  sing N N 139 
ASN CB  HB3  sing N N 140 
ASN CG  OD1  doub N N 141 
ASN CG  ND2  sing N N 142 
ASN ND2 HD21 sing N N 143 
ASN ND2 HD22 sing N N 144 
ASN OXT HXT  sing N N 145 
ASP N   CA   sing N N 146 
ASP N   H    sing N N 147 
ASP N   H2   sing N N 148 
ASP CA  C    sing N N 149 
ASP CA  CB   sing N N 150 
ASP CA  HA   sing N N 151 
ASP C   O    doub N N 152 
ASP C   OXT  sing N N 153 
ASP CB  CG   sing N N 154 
ASP CB  HB2  sing N N 155 
ASP CB  HB3  sing N N 156 
ASP CG  OD1  doub N N 157 
ASP CG  OD2  sing N N 158 
ASP OD2 HD2  sing N N 159 
ASP OXT HXT  sing N N 160 
CYS N   CA   sing N N 161 
CYS N   H    sing N N 162 
CYS N   H2   sing N N 163 
CYS CA  C    sing N N 164 
CYS CA  CB   sing N N 165 
CYS CA  HA   sing N N 166 
CYS C   O    doub N N 167 
CYS C   OXT  sing N N 168 
CYS CB  SG   sing N N 169 
CYS CB  HB2  sing N N 170 
CYS CB  HB3  sing N N 171 
CYS SG  HG   sing N N 172 
CYS OXT HXT  sing N N 173 
GLN N   CA   sing N N 174 
GLN N   H    sing N N 175 
GLN N   H2   sing N N 176 
GLN CA  C    sing N N 177 
GLN CA  CB   sing N N 178 
GLN CA  HA   sing N N 179 
GLN C   O    doub N N 180 
GLN C   OXT  sing N N 181 
GLN CB  CG   sing N N 182 
GLN CB  HB2  sing N N 183 
GLN CB  HB3  sing N N 184 
GLN CG  CD   sing N N 185 
GLN CG  HG2  sing N N 186 
GLN CG  HG3  sing N N 187 
GLN CD  OE1  doub N N 188 
GLN CD  NE2  sing N N 189 
GLN NE2 HE21 sing N N 190 
GLN NE2 HE22 sing N N 191 
GLN OXT HXT  sing N N 192 
GLU N   CA   sing N N 193 
GLU N   H    sing N N 194 
GLU N   H2   sing N N 195 
GLU CA  C    sing N N 196 
GLU CA  CB   sing N N 197 
GLU CA  HA   sing N N 198 
GLU C   O    doub N N 199 
GLU C   OXT  sing N N 200 
GLU CB  CG   sing N N 201 
GLU CB  HB2  sing N N 202 
GLU CB  HB3  sing N N 203 
GLU CG  CD   sing N N 204 
GLU CG  HG2  sing N N 205 
GLU CG  HG3  sing N N 206 
GLU CD  OE1  doub N N 207 
GLU CD  OE2  sing N N 208 
GLU OE2 HE2  sing N N 209 
GLU OXT HXT  sing N N 210 
GLY N   CA   sing N N 211 
GLY N   H    sing N N 212 
GLY N   H2   sing N N 213 
GLY CA  C    sing N N 214 
GLY CA  HA2  sing N N 215 
GLY CA  HA3  sing N N 216 
GLY C   O    doub N N 217 
GLY C   OXT  sing N N 218 
GLY OXT HXT  sing N N 219 
HIS N   CA   sing N N 220 
HIS N   H    sing N N 221 
HIS N   H2   sing N N 222 
HIS CA  C    sing N N 223 
HIS CA  CB   sing N N 224 
HIS CA  HA   sing N N 225 
HIS C   O    doub N N 226 
HIS C   OXT  sing N N 227 
HIS CB  CG   sing N N 228 
HIS CB  HB2  sing N N 229 
HIS CB  HB3  sing N N 230 
HIS CG  ND1  sing Y N 231 
HIS CG  CD2  doub Y N 232 
HIS ND1 CE1  doub Y N 233 
HIS ND1 HD1  sing N N 234 
HIS CD2 NE2  sing Y N 235 
HIS CD2 HD2  sing N N 236 
HIS CE1 NE2  sing Y N 237 
HIS CE1 HE1  sing N N 238 
HIS NE2 HE2  sing N N 239 
HIS OXT HXT  sing N N 240 
HOH O   H1   sing N N 241 
HOH O   H2   sing N N 242 
ILE N   CA   sing N N 243 
ILE N   H    sing N N 244 
ILE N   H2   sing N N 245 
ILE CA  C    sing N N 246 
ILE CA  CB   sing N N 247 
ILE CA  HA   sing N N 248 
ILE C   O    doub N N 249 
ILE C   OXT  sing N N 250 
ILE CB  CG1  sing N N 251 
ILE CB  CG2  sing N N 252 
ILE CB  HB   sing N N 253 
ILE CG1 CD1  sing N N 254 
ILE CG1 HG12 sing N N 255 
ILE CG1 HG13 sing N N 256 
ILE CG2 HG21 sing N N 257 
ILE CG2 HG22 sing N N 258 
ILE CG2 HG23 sing N N 259 
ILE CD1 HD11 sing N N 260 
ILE CD1 HD12 sing N N 261 
ILE CD1 HD13 sing N N 262 
ILE OXT HXT  sing N N 263 
LEU N   CA   sing N N 264 
LEU N   H    sing N N 265 
LEU N   H2   sing N N 266 
LEU CA  C    sing N N 267 
LEU CA  CB   sing N N 268 
LEU CA  HA   sing N N 269 
LEU C   O    doub N N 270 
LEU C   OXT  sing N N 271 
LEU CB  CG   sing N N 272 
LEU CB  HB2  sing N N 273 
LEU CB  HB3  sing N N 274 
LEU CG  CD1  sing N N 275 
LEU CG  CD2  sing N N 276 
LEU CG  HG   sing N N 277 
LEU CD1 HD11 sing N N 278 
LEU CD1 HD12 sing N N 279 
LEU CD1 HD13 sing N N 280 
LEU CD2 HD21 sing N N 281 
LEU CD2 HD22 sing N N 282 
LEU CD2 HD23 sing N N 283 
LEU OXT HXT  sing N N 284 
LYS N   CA   sing N N 285 
LYS N   H    sing N N 286 
LYS N   H2   sing N N 287 
LYS CA  C    sing N N 288 
LYS CA  CB   sing N N 289 
LYS CA  HA   sing N N 290 
LYS C   O    doub N N 291 
LYS C   OXT  sing N N 292 
LYS CB  CG   sing N N 293 
LYS CB  HB2  sing N N 294 
LYS CB  HB3  sing N N 295 
LYS CG  CD   sing N N 296 
LYS CG  HG2  sing N N 297 
LYS CG  HG3  sing N N 298 
LYS CD  CE   sing N N 299 
LYS CD  HD2  sing N N 300 
LYS CD  HD3  sing N N 301 
LYS CE  NZ   sing N N 302 
LYS CE  HE2  sing N N 303 
LYS CE  HE3  sing N N 304 
LYS NZ  HZ1  sing N N 305 
LYS NZ  HZ2  sing N N 306 
LYS NZ  HZ3  sing N N 307 
LYS OXT HXT  sing N N 308 
MET N   CA   sing N N 309 
MET N   H    sing N N 310 
MET N   H2   sing N N 311 
MET CA  C    sing N N 312 
MET CA  CB   sing N N 313 
MET CA  HA   sing N N 314 
MET C   O    doub N N 315 
MET C   OXT  sing N N 316 
MET CB  CG   sing N N 317 
MET CB  HB2  sing N N 318 
MET CB  HB3  sing N N 319 
MET CG  SD   sing N N 320 
MET CG  HG2  sing N N 321 
MET CG  HG3  sing N N 322 
MET SD  CE   sing N N 323 
MET CE  HE1  sing N N 324 
MET CE  HE2  sing N N 325 
MET CE  HE3  sing N N 326 
MET OXT HXT  sing N N 327 
PHE N   CA   sing N N 328 
PHE N   H    sing N N 329 
PHE N   H2   sing N N 330 
PHE CA  C    sing N N 331 
PHE CA  CB   sing N N 332 
PHE CA  HA   sing N N 333 
PHE C   O    doub N N 334 
PHE C   OXT  sing N N 335 
PHE CB  CG   sing N N 336 
PHE CB  HB2  sing N N 337 
PHE CB  HB3  sing N N 338 
PHE CG  CD1  doub Y N 339 
PHE CG  CD2  sing Y N 340 
PHE CD1 CE1  sing Y N 341 
PHE CD1 HD1  sing N N 342 
PHE CD2 CE2  doub Y N 343 
PHE CD2 HD2  sing N N 344 
PHE CE1 CZ   doub Y N 345 
PHE CE1 HE1  sing N N 346 
PHE CE2 CZ   sing Y N 347 
PHE CE2 HE2  sing N N 348 
PHE CZ  HZ   sing N N 349 
PHE OXT HXT  sing N N 350 
PRO N   CA   sing N N 351 
PRO N   CD   sing N N 352 
PRO N   H    sing N N 353 
PRO CA  C    sing N N 354 
PRO CA  CB   sing N N 355 
PRO CA  HA   sing N N 356 
PRO C   O    doub N N 357 
PRO C   OXT  sing N N 358 
PRO CB  CG   sing N N 359 
PRO CB  HB2  sing N N 360 
PRO CB  HB3  sing N N 361 
PRO CG  CD   sing N N 362 
PRO CG  HG2  sing N N 363 
PRO CG  HG3  sing N N 364 
PRO CD  HD2  sing N N 365 
PRO CD  HD3  sing N N 366 
PRO OXT HXT  sing N N 367 
SER N   CA   sing N N 368 
SER N   H    sing N N 369 
SER N   H2   sing N N 370 
SER CA  C    sing N N 371 
SER CA  CB   sing N N 372 
SER CA  HA   sing N N 373 
SER C   O    doub N N 374 
SER C   OXT  sing N N 375 
SER CB  OG   sing N N 376 
SER CB  HB2  sing N N 377 
SER CB  HB3  sing N N 378 
SER OG  HG   sing N N 379 
SER OXT HXT  sing N N 380 
THR N   CA   sing N N 381 
THR N   H    sing N N 382 
THR N   H2   sing N N 383 
THR CA  C    sing N N 384 
THR CA  CB   sing N N 385 
THR CA  HA   sing N N 386 
THR C   O    doub N N 387 
THR C   OXT  sing N N 388 
THR CB  OG1  sing N N 389 
THR CB  CG2  sing N N 390 
THR CB  HB   sing N N 391 
THR OG1 HG1  sing N N 392 
THR CG2 HG21 sing N N 393 
THR CG2 HG22 sing N N 394 
THR CG2 HG23 sing N N 395 
THR OXT HXT  sing N N 396 
TRP N   CA   sing N N 397 
TRP N   H    sing N N 398 
TRP N   H2   sing N N 399 
TRP CA  C    sing N N 400 
TRP CA  CB   sing N N 401 
TRP CA  HA   sing N N 402 
TRP C   O    doub N N 403 
TRP C   OXT  sing N N 404 
TRP CB  CG   sing N N 405 
TRP CB  HB2  sing N N 406 
TRP CB  HB3  sing N N 407 
TRP CG  CD1  doub Y N 408 
TRP CG  CD2  sing Y N 409 
TRP CD1 NE1  sing Y N 410 
TRP CD1 HD1  sing N N 411 
TRP CD2 CE2  doub Y N 412 
TRP CD2 CE3  sing Y N 413 
TRP NE1 CE2  sing Y N 414 
TRP NE1 HE1  sing N N 415 
TRP CE2 CZ2  sing Y N 416 
TRP CE3 CZ3  doub Y N 417 
TRP CE3 HE3  sing N N 418 
TRP CZ2 CH2  doub Y N 419 
TRP CZ2 HZ2  sing N N 420 
TRP CZ3 CH2  sing Y N 421 
TRP CZ3 HZ3  sing N N 422 
TRP CH2 HH2  sing N N 423 
TRP OXT HXT  sing N N 424 
TYR N   CA   sing N N 425 
TYR N   H    sing N N 426 
TYR N   H2   sing N N 427 
TYR CA  C    sing N N 428 
TYR CA  CB   sing N N 429 
TYR CA  HA   sing N N 430 
TYR C   O    doub N N 431 
TYR C   OXT  sing N N 432 
TYR CB  CG   sing N N 433 
TYR CB  HB2  sing N N 434 
TYR CB  HB3  sing N N 435 
TYR CG  CD1  doub Y N 436 
TYR CG  CD2  sing Y N 437 
TYR CD1 CE1  sing Y N 438 
TYR CD1 HD1  sing N N 439 
TYR CD2 CE2  doub Y N 440 
TYR CD2 HD2  sing N N 441 
TYR CE1 CZ   doub Y N 442 
TYR CE1 HE1  sing N N 443 
TYR CE2 CZ   sing Y N 444 
TYR CE2 HE2  sing N N 445 
TYR CZ  OH   sing N N 446 
TYR OH  HH   sing N N 447 
TYR OXT HXT  sing N N 448 
VAL N   CA   sing N N 449 
VAL N   H    sing N N 450 
VAL N   H2   sing N N 451 
VAL CA  C    sing N N 452 
VAL CA  CB   sing N N 453 
VAL CA  HA   sing N N 454 
VAL C   O    doub N N 455 
VAL C   OXT  sing N N 456 
VAL CB  CG1  sing N N 457 
VAL CB  CG2  sing N N 458 
VAL CB  HB   sing N N 459 
VAL CG1 HG11 sing N N 460 
VAL CG1 HG12 sing N N 461 
VAL CG1 HG13 sing N N 462 
VAL CG2 HG21 sing N N 463 
VAL CG2 HG22 sing N N 464 
VAL CG2 HG23 sing N N 465 
VAL OXT HXT  sing N N 466 
# 
loop_
_pdbx_entity_nonpoly.entity_id 
_pdbx_entity_nonpoly.name 
_pdbx_entity_nonpoly.comp_id 
2 'ACETYL COENZYME *A' ACO 
3 water                HOH 
# 
_pdbx_initial_refinement_model.id               1 
_pdbx_initial_refinement_model.entity_id_list   ? 
_pdbx_initial_refinement_model.type             'experimental model' 
_pdbx_initial_refinement_model.source_name      PDB 
_pdbx_initial_refinement_model.accession_code   1YGH 
_pdbx_initial_refinement_model.details          ? 
# 
